data_8RLT
#
_entry.id   8RLT
#
_cell.length_a   79.698
_cell.length_b   155.061
_cell.length_c   93.414
_cell.angle_alpha   90.000
_cell.angle_beta   97.043
_cell.angle_gamma   90.000
#
_symmetry.space_group_name_H-M   'P 1 21 1'
#
loop_
_entity.id
_entity.type
_entity.pdbx_description
1 polymer 'HLA class I histocompatibility antigen, alpha chain E'
2 polymer Beta-2-microglobulin
3 polymer 'Large envelope protein'
4 polymer 'T cell receptor alpha variable 12-2,T cell receptor alpha chain MC.7.G5'
5 polymer 'T cell receptor beta variable 6-5,T cell receptor beta chain MC.7.G5'
6 water water
#
loop_
_entity_poly.entity_id
_entity_poly.type
_entity_poly.pdbx_seq_one_letter_code
_entity_poly.pdbx_strand_id
1 'polypeptide(L)'
;GSHSLKYFHTSVSRPGRGEPRFISVGYVDDTQFVRFDNDAASPRMVPRAPWMEQEGSEYWDRETRSARDTAQIFRVNLRT
LRGYYNQSEAGSHTLQWMHGCELGPDGRFLRGYEQFAYDGKDYLTLNEDLRSWTAVDTAAQISEQKSNDASEAEHQRAYL
EDTCVEWLHKYLEKGKETLLHLEPPKTHVTHHPISDHEATLRCWALGFYPAEITLTWQQDGEGHTQDTELVETRPAGDGT
FQKWAAVVVPSGEEQRYTCHVQHEGLPEPVTLRWKP
;
A,F
2 'polypeptide(L)'
;MIQRTPKIQVYSRHPAENGKSNFLNCYVSGFHPSDIEVDLLKNGERIEKVEHSDLSFSKDWSFYLLYYTEFTPTEKDEYA
CRVNHVTLSQPKIVKWDRDM
;
B,G
3 'polypeptide(L)' ILSPFLPLL C,H
4 'polypeptide(L)'
;MAKEVEQNSGPLSVPEGAIASLNCTYSDRGSVSFFWYRQYSGKSPELIMSIYLNGLKEDGRFTAQLNKASQYVSLLIRDS
QPSDSATYLCAVGNHNTGNMLTFGGGTRLMVKPHIQNPDPAVYQLRDSKSSDKSVCLFTDFDSQTNVSQSKDSDVYITDK
CVLDMRSMDFKSNSAVAWSNKSDFACANAFNNSIIPEDT
;
D,I
5 'polypeptide(L)'
;MNAGVTQTPKFQVLKTGQSMTLQCAQDMNYEYMSWYRQDPGMGLRLIHYSVSAGLTDQGEVPNGYNVSRSTTEDFPLRLL
SAAPSQTSVYFCASHRNRLTEAFFGQGTRLTVVEDLKNVFPPEVAVFEPSEAEISHTQKATLVCLATGFYPDHVELSWWV
NGKEVHSGVCTDPQPLKEQPALNDSRYALSSRLRVSATFWQDPRNHFRCQVQFYGLSENDEWTQDRAKPVTQIVSAEAWG
RAD
;
E,J
#
# COMPACT_ATOMS: atom_id res chain seq x y z
N GLY A 1 -8.95 -2.33 15.41
CA GLY A 1 -8.28 -3.22 16.39
C GLY A 1 -8.35 -4.70 15.99
N SER A 2 -9.31 -5.44 16.59
CA SER A 2 -9.49 -6.85 16.30
C SER A 2 -9.95 -7.05 14.84
N HIS A 3 -9.07 -7.61 14.00
CA HIS A 3 -9.37 -8.07 12.66
C HIS A 3 -9.09 -9.59 12.59
N SER A 4 -9.60 -10.27 11.56
CA SER A 4 -9.35 -11.69 11.46
C SER A 4 -9.38 -12.14 10.01
N LEU A 5 -8.57 -13.17 9.71
CA LEU A 5 -8.62 -13.87 8.43
C LEU A 5 -9.02 -15.33 8.68
N LYS A 6 -10.14 -15.73 8.07
CA LYS A 6 -10.85 -16.97 8.34
C LYS A 6 -11.19 -17.67 7.02
N TYR A 7 -11.07 -18.99 7.02
CA TYR A 7 -11.58 -19.80 5.92
C TYR A 7 -12.63 -20.81 6.40
N PHE A 8 -13.61 -21.10 5.53
CA PHE A 8 -14.63 -22.09 5.86
C PHE A 8 -14.67 -23.12 4.72
N HIS A 9 -14.38 -24.37 5.05
CA HIS A 9 -14.19 -25.39 4.04
C HIS A 9 -15.32 -26.41 4.19
N THR A 10 -15.96 -26.79 3.07
CA THR A 10 -17.02 -27.78 3.07
C THR A 10 -16.76 -28.84 1.99
N SER A 11 -16.74 -30.10 2.41
CA SER A 11 -16.69 -31.18 1.47
C SER A 11 -17.82 -32.19 1.73
N VAL A 12 -18.53 -32.57 0.66
CA VAL A 12 -19.69 -33.46 0.74
C VAL A 12 -19.53 -34.60 -0.25
N SER A 13 -19.55 -35.84 0.27
CA SER A 13 -19.43 -37.03 -0.56
C SER A 13 -20.70 -37.16 -1.40
N ARG A 14 -20.54 -37.61 -2.66
CA ARG A 14 -21.65 -37.84 -3.58
C ARG A 14 -21.53 -39.26 -4.13
N PRO A 15 -21.84 -40.33 -3.35
CA PRO A 15 -21.67 -41.72 -3.80
C PRO A 15 -22.10 -42.02 -5.24
N GLY A 16 -21.16 -42.55 -6.07
CA GLY A 16 -21.33 -42.77 -7.49
C GLY A 16 -22.06 -41.65 -8.26
N ARG A 17 -21.77 -40.39 -7.94
CA ARG A 17 -22.16 -39.23 -8.75
C ARG A 17 -20.96 -38.30 -8.87
N GLY A 18 -19.78 -38.92 -8.94
CA GLY A 18 -18.50 -38.21 -9.00
C GLY A 18 -17.81 -38.16 -7.65
N GLU A 19 -16.74 -37.35 -7.61
CA GLU A 19 -15.97 -37.08 -6.40
C GLU A 19 -16.73 -36.07 -5.54
N PRO A 20 -16.30 -35.91 -4.26
CA PRO A 20 -17.06 -35.09 -3.32
C PRO A 20 -17.10 -33.63 -3.80
N ARG A 21 -18.17 -32.95 -3.46
CA ARG A 21 -18.22 -31.52 -3.69
C ARG A 21 -17.28 -30.89 -2.67
N PHE A 22 -16.47 -29.92 -3.09
CA PHE A 22 -15.61 -29.19 -2.16
C PHE A 22 -15.74 -27.70 -2.44
N ILE A 23 -16.07 -26.93 -1.40
CA ILE A 23 -16.18 -25.49 -1.48
C ILE A 23 -15.31 -24.88 -0.36
N SER A 24 -14.59 -23.82 -0.70
CA SER A 24 -13.78 -23.10 0.27
C SER A 24 -14.04 -21.59 0.10
N VAL A 25 -14.42 -20.91 1.20
CA VAL A 25 -14.59 -19.47 1.14
C VAL A 25 -13.66 -18.79 2.15
N GLY A 26 -13.16 -17.61 1.77
CA GLY A 26 -12.29 -16.83 2.64
C GLY A 26 -12.92 -15.51 3.05
N TYR A 27 -12.88 -15.23 4.34
CA TYR A 27 -13.36 -13.97 4.88
C TYR A 27 -12.23 -13.18 5.58
N VAL A 28 -12.24 -11.86 5.41
CA VAL A 28 -11.55 -10.95 6.31
C VAL A 28 -12.63 -10.22 7.11
N ASP A 29 -12.63 -10.42 8.42
CA ASP A 29 -13.72 -9.92 9.25
C ASP A 29 -15.04 -10.47 8.71
N ASP A 30 -15.93 -9.59 8.23
CA ASP A 30 -17.28 -9.93 7.81
C ASP A 30 -17.42 -9.74 6.30
N THR A 31 -16.30 -9.76 5.58
CA THR A 31 -16.25 -9.53 4.15
C THR A 31 -15.71 -10.75 3.43
N GLN A 32 -16.48 -11.31 2.50
CA GLN A 32 -16.00 -12.47 1.77
C GLN A 32 -15.08 -11.94 0.71
N PHE A 33 -13.97 -12.63 0.42
CA PHE A 33 -12.99 -12.09 -0.52
C PHE A 33 -12.52 -13.11 -1.55
N VAL A 34 -12.62 -14.40 -1.28
CA VAL A 34 -12.26 -15.39 -2.30
C VAL A 34 -13.19 -16.58 -2.20
N ARG A 35 -13.09 -17.45 -3.20
CA ARG A 35 -13.84 -18.69 -3.22
C ARG A 35 -13.23 -19.68 -4.19
N PHE A 36 -13.33 -20.95 -3.81
CA PHE A 36 -13.06 -22.06 -4.70
C PHE A 36 -14.17 -23.09 -4.55
N ASP A 37 -14.61 -23.62 -5.70
CA ASP A 37 -15.69 -24.59 -5.78
C ASP A 37 -15.33 -25.53 -6.91
N ASN A 38 -15.25 -26.83 -6.62
CA ASN A 38 -14.81 -27.77 -7.65
C ASN A 38 -15.95 -28.23 -8.57
N ASP A 39 -17.08 -27.51 -8.67
CA ASP A 39 -17.99 -27.68 -9.79
C ASP A 39 -17.70 -26.64 -10.88
N ALA A 40 -16.65 -26.94 -11.64
CA ALA A 40 -16.47 -26.45 -13.01
C ALA A 40 -15.43 -27.37 -13.68
N ALA A 41 -15.02 -27.04 -14.92
CA ALA A 41 -14.05 -27.83 -15.69
C ALA A 41 -12.63 -27.62 -15.13
N SER A 42 -12.13 -26.38 -15.26
CA SER A 42 -11.11 -25.80 -14.41
C SER A 42 -11.80 -25.15 -13.20
N PRO A 43 -11.79 -25.81 -12.02
CA PRO A 43 -12.15 -25.10 -10.79
C PRO A 43 -10.92 -24.26 -10.45
N ARG A 44 -11.12 -22.98 -10.13
CA ARG A 44 -10.05 -22.04 -9.83
C ARG A 44 -10.47 -21.19 -8.65
N MET A 45 -9.47 -20.73 -7.89
CA MET A 45 -9.77 -19.78 -6.83
C MET A 45 -10.02 -18.43 -7.49
N VAL A 46 -11.05 -17.73 -7.02
CA VAL A 46 -11.48 -16.53 -7.73
C VAL A 46 -11.82 -15.49 -6.70
N PRO A 47 -11.70 -14.21 -7.08
CA PRO A 47 -11.98 -13.11 -6.16
C PRO A 47 -13.49 -12.96 -5.98
N ARG A 48 -13.87 -12.50 -4.80
CA ARG A 48 -15.24 -12.29 -4.43
C ARG A 48 -15.38 -11.00 -3.62
N ALA A 49 -14.35 -10.16 -3.71
CA ALA A 49 -14.44 -8.79 -3.26
C ALA A 49 -13.75 -7.99 -4.34
N PRO A 50 -14.22 -6.74 -4.59
CA PRO A 50 -13.66 -5.92 -5.67
C PRO A 50 -12.20 -5.63 -5.46
N TRP A 51 -11.76 -5.49 -4.19
CA TRP A 51 -10.40 -5.12 -3.90
C TRP A 51 -9.41 -6.25 -4.15
N MET A 52 -9.90 -7.43 -4.51
CA MET A 52 -9.01 -8.49 -4.95
C MET A 52 -8.96 -8.55 -6.48
N GLU A 53 -9.78 -7.76 -7.20
CA GLU A 53 -9.95 -7.96 -8.64
C GLU A 53 -8.69 -7.52 -9.38
N GLN A 54 -7.67 -7.06 -8.65
CA GLN A 54 -6.48 -6.53 -9.26
C GLN A 54 -5.25 -7.29 -8.81
N GLU A 55 -5.46 -8.51 -8.31
CA GLU A 55 -4.36 -9.39 -7.93
C GLU A 55 -3.92 -10.21 -9.13
N GLY A 56 -2.61 -10.40 -9.29
CA GLY A 56 -2.05 -11.03 -10.46
C GLY A 56 -2.04 -12.55 -10.36
N SER A 57 -1.64 -13.21 -11.44
CA SER A 57 -1.82 -14.65 -11.57
C SER A 57 -0.91 -15.43 -10.62
N GLU A 58 0.07 -14.79 -9.99
CA GLU A 58 0.88 -15.47 -9.00
C GLU A 58 -0.04 -15.82 -7.82
N TYR A 59 -0.91 -14.89 -7.43
CA TYR A 59 -1.83 -15.18 -6.34
C TYR A 59 -2.82 -16.27 -6.78
N TRP A 60 -3.41 -16.20 -7.97
CA TRP A 60 -4.50 -17.10 -8.31
C TRP A 60 -3.95 -18.50 -8.65
N ASP A 61 -2.79 -18.58 -9.31
CA ASP A 61 -2.19 -19.87 -9.64
C ASP A 61 -1.88 -20.63 -8.35
N ARG A 62 -1.28 -19.92 -7.36
CA ARG A 62 -0.95 -20.56 -6.11
C ARG A 62 -2.20 -21.01 -5.36
N GLU A 63 -3.14 -20.09 -5.21
CA GLU A 63 -4.30 -20.36 -4.38
C GLU A 63 -5.20 -21.40 -5.03
N THR A 64 -5.19 -21.49 -6.38
CA THR A 64 -5.85 -22.58 -7.06
C THR A 64 -5.18 -23.90 -6.68
N ARG A 65 -3.84 -23.94 -6.83
CA ARG A 65 -3.15 -25.19 -6.54
C ARG A 65 -3.50 -25.62 -5.12
N SER A 66 -3.46 -24.67 -4.21
CA SER A 66 -3.57 -24.93 -2.78
C SER A 66 -4.96 -25.44 -2.49
N ALA A 67 -5.97 -24.89 -3.18
CA ALA A 67 -7.36 -25.26 -2.99
C ALA A 67 -7.59 -26.67 -3.56
N ARG A 68 -7.02 -26.95 -4.73
CA ARG A 68 -7.15 -28.30 -5.27
C ARG A 68 -6.53 -29.29 -4.30
N ASP A 69 -5.33 -28.99 -3.75
CA ASP A 69 -4.68 -29.87 -2.77
C ASP A 69 -5.60 -30.13 -1.60
N THR A 70 -6.30 -29.07 -1.17
CA THR A 70 -7.18 -29.13 -0.02
C THR A 70 -8.35 -30.08 -0.31
N ALA A 71 -8.98 -29.92 -1.48
CA ALA A 71 -10.08 -30.78 -1.89
C ALA A 71 -9.64 -32.26 -1.87
N GLN A 72 -8.44 -32.51 -2.42
CA GLN A 72 -7.98 -33.87 -2.58
C GLN A 72 -7.85 -34.55 -1.23
N ILE A 73 -7.26 -33.85 -0.27
CA ILE A 73 -7.01 -34.38 1.05
C ILE A 73 -8.35 -34.58 1.73
N PHE A 74 -9.32 -33.72 1.44
CA PHE A 74 -10.63 -33.87 2.05
C PHE A 74 -11.34 -35.13 1.55
N ARG A 75 -11.15 -35.48 0.27
CA ARG A 75 -11.65 -36.74 -0.25
C ARG A 75 -11.01 -37.87 0.54
N VAL A 76 -9.69 -37.78 0.77
CA VAL A 76 -8.99 -38.78 1.55
C VAL A 76 -9.56 -38.86 2.98
N ASN A 77 -9.72 -37.73 3.66
CA ASN A 77 -10.23 -37.78 5.02
C ASN A 77 -11.70 -38.28 5.04
N LEU A 78 -12.49 -37.99 4.01
CA LEU A 78 -13.86 -38.49 3.98
C LEU A 78 -13.86 -40.02 3.90
N ARG A 79 -13.04 -40.61 3.00
CA ARG A 79 -12.83 -42.06 2.95
C ARG A 79 -12.44 -42.54 4.34
N THR A 80 -11.41 -41.92 4.94
CA THR A 80 -10.88 -42.41 6.20
C THR A 80 -11.95 -42.42 7.28
N LEU A 81 -12.73 -41.33 7.40
CA LEU A 81 -13.73 -41.28 8.46
C LEU A 81 -14.89 -42.25 8.21
N ARG A 82 -15.22 -42.50 6.94
CA ARG A 82 -16.17 -43.55 6.55
C ARG A 82 -15.73 -44.90 7.15
N GLY A 83 -14.44 -45.25 7.02
CA GLY A 83 -13.88 -46.44 7.63
C GLY A 83 -13.97 -46.42 9.15
N TYR A 84 -13.47 -45.34 9.78
CA TYR A 84 -13.46 -45.33 11.23
C TYR A 84 -14.83 -45.67 11.78
N TYR A 85 -15.92 -45.13 11.18
CA TYR A 85 -17.27 -45.24 11.71
C TYR A 85 -18.00 -46.43 11.08
N ASN A 86 -17.33 -47.11 10.16
CA ASN A 86 -17.82 -48.33 9.56
C ASN A 86 -19.13 -48.06 8.82
N GLN A 87 -19.13 -47.02 7.97
CA GLN A 87 -20.29 -46.58 7.23
C GLN A 87 -20.21 -47.12 5.82
N SER A 88 -21.37 -47.29 5.15
N SER A 88 -21.36 -47.29 5.15
CA SER A 88 -21.35 -47.79 3.79
CA SER A 88 -21.35 -47.80 3.79
C SER A 88 -20.98 -46.68 2.82
C SER A 88 -20.97 -46.68 2.82
N GLU A 89 -20.60 -47.09 1.62
CA GLU A 89 -20.29 -46.19 0.52
C GLU A 89 -21.58 -45.56 -0.01
N ALA A 90 -22.76 -46.04 0.39
CA ALA A 90 -23.99 -45.59 -0.26
C ALA A 90 -24.31 -44.15 0.16
N GLY A 91 -24.03 -43.82 1.43
CA GLY A 91 -24.48 -42.61 2.08
C GLY A 91 -23.57 -41.40 1.85
N SER A 92 -24.19 -40.22 1.91
CA SER A 92 -23.48 -38.97 1.75
C SER A 92 -23.02 -38.46 3.12
N HIS A 93 -21.76 -37.99 3.21
CA HIS A 93 -21.21 -37.44 4.44
C HIS A 93 -20.58 -36.07 4.19
N THR A 94 -20.52 -35.26 5.26
CA THR A 94 -19.99 -33.92 5.24
C THR A 94 -18.80 -33.77 6.20
N LEU A 95 -17.66 -33.29 5.66
CA LEU A 95 -16.52 -32.87 6.44
C LEU A 95 -16.32 -31.36 6.27
N GLN A 96 -16.23 -30.68 7.42
CA GLN A 96 -16.06 -29.23 7.47
C GLN A 96 -14.80 -28.86 8.25
N TRP A 97 -14.11 -27.80 7.82
CA TRP A 97 -12.91 -27.27 8.48
C TRP A 97 -13.05 -25.76 8.60
N MET A 98 -12.90 -25.22 9.83
CA MET A 98 -12.81 -23.77 9.98
C MET A 98 -11.52 -23.42 10.73
N HIS A 99 -10.79 -22.42 10.24
CA HIS A 99 -9.61 -21.91 10.93
C HIS A 99 -9.52 -20.40 10.77
N GLY A 100 -8.94 -19.72 11.75
CA GLY A 100 -8.61 -18.32 11.59
C GLY A 100 -7.56 -17.81 12.57
N CYS A 101 -6.92 -16.68 12.20
CA CYS A 101 -6.04 -15.89 13.04
C CYS A 101 -6.68 -14.51 13.26
N GLU A 102 -6.57 -13.99 14.49
CA GLU A 102 -6.96 -12.63 14.84
C GLU A 102 -5.78 -11.77 15.25
N LEU A 103 -5.85 -10.50 14.84
CA LEU A 103 -4.99 -9.42 15.30
C LEU A 103 -5.60 -8.69 16.49
N GLY A 104 -4.71 -8.26 17.39
CA GLY A 104 -5.10 -7.30 18.40
C GLY A 104 -5.00 -5.85 17.91
N PRO A 105 -5.34 -4.88 18.77
CA PRO A 105 -5.15 -3.47 18.41
C PRO A 105 -3.69 -3.10 18.13
N ASP A 106 -2.74 -3.95 18.48
CA ASP A 106 -1.34 -3.62 18.19
C ASP A 106 -0.95 -4.09 16.80
N GLY A 107 -1.86 -4.77 16.09
CA GLY A 107 -1.52 -5.27 14.76
C GLY A 107 -0.78 -6.59 14.83
N ARG A 108 -0.71 -7.17 16.03
CA ARG A 108 0.00 -8.42 16.22
C ARG A 108 -0.95 -9.60 16.44
N PHE A 109 -0.43 -10.80 16.20
CA PHE A 109 -1.14 -12.01 16.51
C PHE A 109 -1.75 -11.94 17.90
N LEU A 110 -3.04 -12.22 18.00
CA LEU A 110 -3.72 -12.33 19.29
C LEU A 110 -4.19 -13.77 19.52
N ARG A 111 -4.83 -14.42 18.56
CA ARG A 111 -5.21 -15.81 18.78
C ARG A 111 -5.50 -16.48 17.45
N GLY A 112 -5.50 -17.80 17.49
CA GLY A 112 -5.83 -18.62 16.35
C GLY A 112 -6.78 -19.74 16.76
N TYR A 113 -7.41 -20.36 15.77
CA TYR A 113 -8.37 -21.42 16.06
C TYR A 113 -8.48 -22.34 14.84
N GLU A 114 -8.90 -23.57 15.10
CA GLU A 114 -9.00 -24.58 14.07
C GLU A 114 -9.82 -25.76 14.60
N GLN A 115 -10.87 -26.09 13.85
CA GLN A 115 -11.83 -27.11 14.21
C GLN A 115 -12.19 -27.91 12.96
N PHE A 116 -12.36 -29.23 13.14
CA PHE A 116 -12.99 -30.11 12.16
C PHE A 116 -14.34 -30.60 12.67
N ALA A 117 -15.24 -30.85 11.73
CA ALA A 117 -16.54 -31.42 12.06
C ALA A 117 -16.89 -32.48 11.05
N TYR A 118 -17.50 -33.58 11.56
CA TYR A 118 -18.00 -34.63 10.70
C TYR A 118 -19.50 -34.73 10.90
N ASP A 119 -20.24 -34.74 9.76
CA ASP A 119 -21.70 -34.80 9.74
C ASP A 119 -22.28 -33.81 10.77
N GLY A 120 -21.76 -32.57 10.78
CA GLY A 120 -22.37 -31.47 11.51
C GLY A 120 -22.09 -31.41 13.01
N LYS A 121 -21.10 -32.17 13.49
CA LYS A 121 -20.73 -32.22 14.91
C LYS A 121 -19.22 -32.03 15.04
N ASP A 122 -18.77 -31.48 16.19
CA ASP A 122 -17.35 -31.46 16.50
C ASP A 122 -16.80 -32.85 16.30
N TYR A 123 -15.59 -32.91 15.73
CA TYR A 123 -14.79 -34.10 15.57
C TYR A 123 -13.43 -33.92 16.22
N LEU A 124 -12.66 -32.93 15.74
CA LEU A 124 -11.32 -32.71 16.27
C LEU A 124 -11.05 -31.22 16.40
N THR A 125 -10.65 -30.79 17.61
CA THR A 125 -10.41 -29.39 17.87
C THR A 125 -8.95 -29.12 18.27
N LEU A 126 -8.35 -28.11 17.64
CA LEU A 126 -7.06 -27.61 18.07
C LEU A 126 -7.24 -26.80 19.34
N ASN A 127 -6.46 -27.07 20.39
CA ASN A 127 -6.66 -26.36 21.64
C ASN A 127 -6.05 -24.97 21.53
N GLU A 128 -6.46 -24.11 22.45
CA GLU A 128 -6.15 -22.68 22.49
C GLU A 128 -4.65 -22.45 22.39
N ASP A 129 -3.82 -23.35 22.97
CA ASP A 129 -2.37 -23.20 22.95
C ASP A 129 -1.78 -23.62 21.59
N LEU A 130 -2.62 -24.06 20.65
CA LEU A 130 -2.15 -24.47 19.34
C LEU A 130 -1.00 -25.49 19.41
N ARG A 131 -0.96 -26.32 20.45
CA ARG A 131 0.12 -27.29 20.61
C ARG A 131 -0.39 -28.73 20.64
N SER A 132 -1.71 -28.92 20.62
CA SER A 132 -2.35 -30.18 20.95
C SER A 132 -3.83 -30.13 20.52
N TRP A 133 -4.46 -31.31 20.48
CA TRP A 133 -5.82 -31.47 20.01
C TRP A 133 -6.72 -32.12 21.06
N THR A 134 -8.04 -31.86 20.93
CA THR A 134 -9.09 -32.56 21.65
C THR A 134 -9.93 -33.41 20.70
N ALA A 135 -10.09 -34.71 21.03
CA ALA A 135 -10.91 -35.61 20.22
C ALA A 135 -12.27 -35.80 20.88
N VAL A 136 -13.35 -35.88 20.11
CA VAL A 136 -14.69 -36.03 20.68
C VAL A 136 -14.98 -37.50 21.02
N ASP A 137 -14.28 -38.45 20.39
CA ASP A 137 -14.62 -39.87 20.47
C ASP A 137 -13.44 -40.74 20.05
N THR A 138 -13.65 -42.07 20.08
CA THR A 138 -12.68 -43.10 19.73
C THR A 138 -12.05 -42.89 18.35
N ALA A 139 -12.87 -42.51 17.36
CA ALA A 139 -12.40 -42.34 15.98
C ALA A 139 -11.50 -41.11 15.86
N ALA A 140 -11.95 -39.97 16.40
CA ALA A 140 -11.15 -38.77 16.49
C ALA A 140 -9.84 -38.99 17.28
N GLN A 141 -9.80 -39.96 18.22
CA GLN A 141 -8.59 -40.23 18.97
C GLN A 141 -7.50 -40.83 18.09
N ILE A 142 -7.91 -41.62 17.11
CA ILE A 142 -6.98 -42.13 16.12
C ILE A 142 -6.44 -40.93 15.35
N SER A 143 -7.33 -39.97 15.01
CA SER A 143 -6.94 -38.79 14.25
C SER A 143 -5.97 -37.93 15.07
N GLU A 144 -6.22 -37.79 16.38
CA GLU A 144 -5.34 -37.09 17.31
C GLU A 144 -3.95 -37.70 17.31
N GLN A 145 -3.88 -39.02 17.47
CA GLN A 145 -2.60 -39.72 17.51
C GLN A 145 -1.84 -39.49 16.20
N LYS A 146 -2.54 -39.51 15.05
CA LYS A 146 -1.84 -39.38 13.78
C LYS A 146 -1.25 -37.96 13.66
N SER A 147 -2.02 -36.97 14.12
CA SER A 147 -1.60 -35.58 14.12
C SER A 147 -0.44 -35.31 15.09
N ASN A 148 -0.46 -35.91 16.29
CA ASN A 148 0.67 -35.88 17.22
C ASN A 148 1.94 -36.41 16.54
N ASP A 149 1.86 -37.62 15.98
CA ASP A 149 3.01 -38.25 15.37
C ASP A 149 3.53 -37.35 14.26
N ALA A 150 2.65 -36.56 13.62
CA ALA A 150 3.03 -35.78 12.45
C ALA A 150 3.39 -34.33 12.77
N SER A 151 3.25 -33.90 14.03
CA SER A 151 3.45 -32.51 14.43
C SER A 151 2.55 -31.57 13.64
N GLU A 152 1.28 -31.96 13.51
CA GLU A 152 0.35 -31.16 12.74
C GLU A 152 0.13 -29.84 13.44
N ALA A 153 -0.03 -29.89 14.78
CA ALA A 153 -0.22 -28.69 15.58
C ALA A 153 0.88 -27.66 15.31
N GLU A 154 2.12 -28.12 15.21
CA GLU A 154 3.25 -27.25 14.93
C GLU A 154 3.04 -26.60 13.55
N HIS A 155 2.66 -27.40 12.56
CA HIS A 155 2.48 -26.90 11.21
C HIS A 155 1.35 -25.88 11.16
N GLN A 156 0.22 -26.17 11.81
CA GLN A 156 -0.93 -25.28 11.81
C GLN A 156 -0.59 -24.00 12.57
N ARG A 157 0.15 -24.11 13.68
CA ARG A 157 0.48 -22.94 14.46
C ARG A 157 1.35 -22.00 13.63
N ALA A 158 2.25 -22.60 12.86
CA ALA A 158 3.12 -21.82 11.99
C ALA A 158 2.26 -21.04 10.98
N TYR A 159 1.25 -21.69 10.36
CA TYR A 159 0.35 -20.95 9.50
C TYR A 159 -0.39 -19.86 10.30
N LEU A 160 -1.01 -20.22 11.42
CA LEU A 160 -1.90 -19.30 12.10
C LEU A 160 -1.12 -18.10 12.66
N GLU A 161 0.08 -18.33 13.21
CA GLU A 161 0.83 -17.27 13.87
C GLU A 161 1.63 -16.43 12.86
N ASP A 162 2.25 -17.03 11.81
CA ASP A 162 3.02 -16.26 10.85
C ASP A 162 2.20 -15.95 9.59
N THR A 163 1.97 -16.97 8.74
CA THR A 163 1.50 -16.76 7.38
C THR A 163 0.14 -16.08 7.37
N CYS A 164 -0.77 -16.62 8.16
CA CYS A 164 -2.09 -16.04 8.30
C CYS A 164 -1.96 -14.56 8.64
N VAL A 165 -1.15 -14.22 9.66
CA VAL A 165 -1.04 -12.84 10.09
C VAL A 165 -0.45 -11.95 8.98
N GLU A 166 0.58 -12.41 8.28
CA GLU A 166 1.23 -11.64 7.25
C GLU A 166 0.20 -11.26 6.17
N TRP A 167 -0.60 -12.24 5.72
CA TRP A 167 -1.52 -12.02 4.63
C TRP A 167 -2.69 -11.17 5.11
N LEU A 168 -3.14 -11.40 6.34
CA LEU A 168 -4.21 -10.58 6.88
C LEU A 168 -3.83 -9.11 6.83
N HIS A 169 -2.55 -8.78 7.14
CA HIS A 169 -2.08 -7.41 6.97
C HIS A 169 -2.22 -6.95 5.53
N LYS A 170 -1.71 -7.74 4.58
CA LYS A 170 -1.77 -7.39 3.17
C LYS A 170 -3.21 -7.12 2.76
N TYR A 171 -4.16 -7.93 3.25
CA TYR A 171 -5.54 -7.82 2.81
C TYR A 171 -6.19 -6.55 3.38
N LEU A 172 -5.93 -6.26 4.66
CA LEU A 172 -6.47 -5.08 5.30
C LEU A 172 -6.00 -3.81 4.57
N GLU A 173 -4.77 -3.83 4.02
CA GLU A 173 -4.29 -2.71 3.23
C GLU A 173 -5.07 -2.67 1.92
N LYS A 174 -5.01 -3.74 1.13
CA LYS A 174 -5.66 -3.78 -0.18
C LYS A 174 -7.15 -3.44 -0.04
N GLY A 175 -7.79 -3.84 1.06
CA GLY A 175 -9.23 -3.68 1.22
C GLY A 175 -9.60 -2.59 2.23
N LYS A 176 -8.69 -1.62 2.53
CA LYS A 176 -8.88 -0.62 3.58
C LYS A 176 -10.26 0.06 3.50
N GLU A 177 -10.70 0.40 2.27
CA GLU A 177 -11.90 1.19 2.07
C GLU A 177 -13.14 0.44 2.55
N THR A 178 -13.12 -0.89 2.39
CA THR A 178 -14.19 -1.77 2.85
C THR A 178 -13.98 -2.10 4.32
N LEU A 179 -12.75 -2.46 4.70
CA LEU A 179 -12.49 -3.19 5.92
C LEU A 179 -12.24 -2.23 7.09
N LEU A 180 -11.59 -1.09 6.86
CA LEU A 180 -11.23 -0.18 7.95
C LEU A 180 -12.15 1.03 8.00
N HIS A 181 -12.55 1.54 6.84
CA HIS A 181 -13.53 2.62 6.71
C HIS A 181 -14.94 2.03 6.77
N LEU A 182 -15.47 1.96 7.99
CA LEU A 182 -16.72 1.29 8.31
C LEU A 182 -17.92 2.03 7.74
N GLU A 183 -19.09 1.34 7.73
CA GLU A 183 -20.36 1.93 7.34
C GLU A 183 -21.26 1.96 8.55
N PRO A 184 -21.60 3.16 9.06
CA PRO A 184 -22.53 3.27 10.16
C PRO A 184 -23.94 2.90 9.68
N PRO A 185 -24.83 2.50 10.59
CA PRO A 185 -26.22 2.25 10.19
C PRO A 185 -26.96 3.52 9.82
N LYS A 186 -27.69 3.46 8.70
CA LYS A 186 -28.74 4.45 8.44
C LYS A 186 -29.94 3.93 9.21
N THR A 187 -30.55 4.78 10.04
CA THR A 187 -31.36 4.36 11.16
C THR A 187 -32.72 5.07 11.08
N HIS A 188 -33.83 4.34 11.32
CA HIS A 188 -35.16 4.92 11.31
C HIS A 188 -36.19 4.01 11.97
N VAL A 189 -37.30 4.63 12.41
CA VAL A 189 -38.38 3.98 13.14
C VAL A 189 -39.67 4.02 12.30
N THR A 190 -40.31 2.87 12.10
CA THR A 190 -41.59 2.83 11.42
C THR A 190 -42.67 2.39 12.39
N HIS A 191 -43.93 2.74 12.05
CA HIS A 191 -45.11 2.61 12.89
C HIS A 191 -46.19 1.79 12.19
N HIS A 192 -46.61 0.70 12.81
CA HIS A 192 -47.52 -0.28 12.23
C HIS A 192 -48.65 -0.58 13.22
N PRO A 193 -49.84 0.06 13.09
CA PRO A 193 -50.98 -0.25 13.95
C PRO A 193 -51.31 -1.73 13.89
N ILE A 194 -51.53 -2.35 15.07
CA ILE A 194 -51.84 -3.76 15.23
C ILE A 194 -53.36 -3.92 15.38
N SER A 195 -53.90 -3.16 16.34
CA SER A 195 -55.29 -3.17 16.73
C SER A 195 -55.74 -1.71 16.80
N ASP A 196 -56.90 -1.44 17.41
CA ASP A 196 -57.40 -0.09 17.61
C ASP A 196 -56.60 0.63 18.68
N HIS A 197 -55.97 -0.13 19.59
CA HIS A 197 -55.33 0.45 20.77
C HIS A 197 -53.83 0.13 20.87
N GLU A 198 -53.22 -0.60 19.93
CA GLU A 198 -51.78 -0.77 20.02
C GLU A 198 -51.11 -0.83 18.64
N ALA A 199 -49.86 -0.38 18.61
CA ALA A 199 -49.03 -0.35 17.41
C ALA A 199 -47.66 -0.98 17.69
N THR A 200 -47.07 -1.55 16.63
CA THR A 200 -45.68 -1.96 16.60
C THR A 200 -44.81 -0.74 16.24
N LEU A 201 -43.80 -0.44 17.06
CA LEU A 201 -42.73 0.45 16.66
C LEU A 201 -41.53 -0.40 16.24
N ARG A 202 -40.99 -0.16 15.04
CA ARG A 202 -39.91 -0.99 14.53
C ARG A 202 -38.69 -0.11 14.24
N CYS A 203 -37.58 -0.38 14.93
CA CYS A 203 -36.37 0.38 14.76
C CYS A 203 -35.48 -0.31 13.73
N TRP A 204 -35.27 0.34 12.59
CA TRP A 204 -34.43 -0.19 11.53
C TRP A 204 -32.99 0.33 11.62
N ALA A 205 -32.02 -0.58 11.46
CA ALA A 205 -30.64 -0.28 11.11
C ALA A 205 -30.27 -0.95 9.77
N LEU A 206 -29.88 -0.11 8.79
CA LEU A 206 -29.65 -0.49 7.40
C LEU A 206 -28.30 0.00 6.90
N GLY A 207 -27.73 -0.75 5.97
CA GLY A 207 -26.51 -0.41 5.27
C GLY A 207 -25.25 -0.42 6.16
N PHE A 208 -25.26 -1.08 7.32
CA PHE A 208 -24.10 -1.03 8.20
C PHE A 208 -23.08 -2.15 7.92
N TYR A 209 -21.84 -1.87 8.30
CA TYR A 209 -20.72 -2.83 8.28
C TYR A 209 -19.68 -2.43 9.33
N PRO A 210 -19.22 -3.34 10.20
CA PRO A 210 -19.49 -4.77 10.09
C PRO A 210 -20.82 -5.16 10.75
N ALA A 211 -21.02 -6.48 10.91
CA ALA A 211 -22.29 -7.07 11.26
C ALA A 211 -22.72 -6.79 12.69
N GLU A 212 -21.74 -6.67 13.58
CA GLU A 212 -22.00 -6.57 15.01
C GLU A 212 -22.75 -5.26 15.29
N ILE A 213 -23.88 -5.34 15.98
CA ILE A 213 -24.71 -4.16 16.26
C ILE A 213 -25.59 -4.41 17.50
N THR A 214 -26.03 -3.34 18.14
CA THR A 214 -26.95 -3.46 19.27
C THR A 214 -28.12 -2.50 19.07
N LEU A 215 -29.35 -3.02 19.11
CA LEU A 215 -30.55 -2.22 19.01
C LEU A 215 -31.35 -2.47 20.29
N THR A 216 -31.80 -1.39 20.93
CA THR A 216 -32.46 -1.42 22.21
C THR A 216 -33.62 -0.43 22.21
N TRP A 217 -34.72 -0.84 22.84
CA TRP A 217 -35.90 0.00 23.02
C TRP A 217 -35.97 0.40 24.50
N GLN A 218 -36.13 1.71 24.75
CA GLN A 218 -36.35 2.19 26.10
C GLN A 218 -37.70 2.88 26.21
N GLN A 219 -38.41 2.59 27.31
CA GLN A 219 -39.59 3.32 27.76
C GLN A 219 -39.20 4.27 28.88
N ASP A 220 -39.36 5.58 28.67
CA ASP A 220 -39.01 6.59 29.67
C ASP A 220 -37.55 6.45 30.08
N GLY A 221 -36.66 6.36 29.08
CA GLY A 221 -35.23 6.16 29.30
C GLY A 221 -34.91 5.06 30.30
N GLU A 222 -35.73 3.99 30.34
CA GLU A 222 -35.53 2.88 31.24
C GLU A 222 -36.05 1.61 30.56
N GLY A 223 -35.55 0.44 30.97
CA GLY A 223 -36.06 -0.82 30.47
C GLY A 223 -37.58 -0.92 30.63
N HIS A 224 -38.16 -1.96 30.03
CA HIS A 224 -39.60 -2.19 30.03
C HIS A 224 -39.84 -3.69 30.11
N THR A 225 -41.08 -4.06 30.42
CA THR A 225 -41.55 -5.44 30.30
C THR A 225 -42.61 -5.41 29.19
N GLN A 226 -42.10 -5.31 27.95
CA GLN A 226 -42.88 -5.19 26.73
C GLN A 226 -42.42 -6.27 25.75
N ASP A 227 -43.16 -6.41 24.65
CA ASP A 227 -42.96 -7.47 23.68
C ASP A 227 -41.83 -7.05 22.75
N THR A 228 -40.62 -7.65 22.85
CA THR A 228 -39.45 -7.14 22.15
C THR A 228 -38.91 -8.11 21.10
N GLU A 229 -39.48 -7.99 19.89
CA GLU A 229 -39.16 -8.82 18.73
C GLU A 229 -37.89 -8.32 18.05
N LEU A 230 -36.88 -9.20 17.92
CA LEU A 230 -35.57 -8.88 17.35
C LEU A 230 -35.29 -9.86 16.22
N VAL A 231 -34.97 -9.37 15.02
CA VAL A 231 -34.72 -10.25 13.89
C VAL A 231 -33.22 -10.52 13.76
N GLU A 232 -32.86 -11.66 13.17
CA GLU A 232 -31.46 -12.01 13.02
C GLU A 232 -30.84 -11.05 12.02
N THR A 233 -29.61 -10.63 12.27
CA THR A 233 -28.91 -9.70 11.41
C THR A 233 -28.73 -10.42 10.09
N ARG A 234 -28.90 -9.72 8.97
CA ARG A 234 -29.02 -10.38 7.67
C ARG A 234 -28.27 -9.59 6.61
N PRO A 235 -27.65 -10.23 5.61
CA PRO A 235 -26.93 -9.47 4.58
C PRO A 235 -27.88 -8.78 3.61
N ALA A 236 -27.55 -7.55 3.26
CA ALA A 236 -28.29 -6.81 2.26
C ALA A 236 -27.93 -7.26 0.84
N GLY A 237 -26.83 -7.97 0.66
CA GLY A 237 -26.36 -8.36 -0.65
C GLY A 237 -25.25 -7.47 -1.18
N ASP A 238 -25.06 -6.27 -0.61
CA ASP A 238 -24.14 -5.26 -1.16
C ASP A 238 -22.88 -5.16 -0.30
N GLY A 239 -22.65 -6.10 0.62
CA GLY A 239 -21.55 -6.02 1.55
C GLY A 239 -21.97 -5.49 2.92
N THR A 240 -23.19 -4.95 3.04
CA THR A 240 -23.67 -4.40 4.31
C THR A 240 -24.74 -5.31 4.90
N PHE A 241 -25.27 -4.89 6.04
CA PHE A 241 -26.12 -5.72 6.87
C PHE A 241 -27.34 -4.90 7.29
N GLN A 242 -28.40 -5.64 7.67
CA GLN A 242 -29.66 -5.08 8.12
C GLN A 242 -30.08 -5.74 9.42
N LYS A 243 -30.73 -4.97 10.27
CA LYS A 243 -31.38 -5.50 11.44
C LYS A 243 -32.54 -4.58 11.84
N TRP A 244 -33.53 -5.14 12.54
CA TRP A 244 -34.54 -4.33 13.19
C TRP A 244 -34.95 -4.94 14.52
N ALA A 245 -35.56 -4.09 15.35
CA ALA A 245 -36.06 -4.44 16.65
C ALA A 245 -37.38 -3.70 16.88
N ALA A 246 -38.42 -4.45 17.27
CA ALA A 246 -39.78 -3.92 17.30
C ALA A 246 -40.34 -4.05 18.71
N VAL A 247 -41.14 -3.07 19.15
CA VAL A 247 -41.90 -3.20 20.39
C VAL A 247 -43.34 -2.79 20.11
N VAL A 248 -44.29 -3.49 20.78
CA VAL A 248 -45.69 -3.14 20.61
C VAL A 248 -46.07 -2.30 21.82
N VAL A 249 -46.78 -1.20 21.54
CA VAL A 249 -46.99 -0.14 22.51
C VAL A 249 -48.42 0.39 22.41
N PRO A 250 -48.99 0.94 23.51
CA PRO A 250 -50.28 1.62 23.46
C PRO A 250 -50.31 2.81 22.50
N SER A 251 -51.23 2.78 21.53
CA SER A 251 -51.42 3.88 20.61
C SER A 251 -51.64 5.17 21.40
N GLY A 252 -50.95 6.25 20.98
CA GLY A 252 -50.89 7.51 21.72
C GLY A 252 -49.68 7.61 22.65
N GLU A 253 -49.03 6.49 23.00
CA GLU A 253 -47.90 6.52 23.93
C GLU A 253 -46.54 6.27 23.25
N GLU A 254 -46.45 6.57 21.96
CA GLU A 254 -45.28 6.23 21.16
C GLU A 254 -44.08 7.09 21.53
N GLN A 255 -44.31 8.32 22.02
CA GLN A 255 -43.24 9.24 22.33
C GLN A 255 -42.49 8.82 23.60
N ARG A 256 -43.05 7.89 24.39
CA ARG A 256 -42.36 7.40 25.56
C ARG A 256 -41.22 6.46 25.20
N TYR A 257 -41.18 5.99 23.94
CA TYR A 257 -40.28 4.92 23.56
C TYR A 257 -39.13 5.48 22.71
N THR A 258 -37.93 4.92 22.94
CA THR A 258 -36.72 5.38 22.26
C THR A 258 -35.88 4.18 21.84
N CYS A 259 -35.35 4.28 20.62
CA CYS A 259 -34.48 3.23 20.12
C CYS A 259 -33.02 3.66 20.26
N HIS A 260 -32.21 2.80 20.88
CA HIS A 260 -30.79 3.03 21.08
C HIS A 260 -30.00 2.10 20.16
N VAL A 261 -29.11 2.70 19.33
CA VAL A 261 -28.28 1.97 18.38
C VAL A 261 -26.79 2.16 18.66
N GLN A 262 -26.09 1.04 18.87
CA GLN A 262 -24.64 0.98 18.98
C GLN A 262 -24.02 0.22 17.80
N HIS A 263 -23.08 0.84 17.10
CA HIS A 263 -22.32 0.20 16.04
C HIS A 263 -20.93 0.82 15.96
N GLU A 264 -19.92 0.00 15.65
CA GLU A 264 -18.54 0.44 15.60
C GLU A 264 -18.35 1.60 14.61
N GLY A 265 -19.23 1.71 13.60
CA GLY A 265 -19.13 2.73 12.57
C GLY A 265 -19.63 4.11 13.00
N LEU A 266 -20.32 4.20 14.14
CA LEU A 266 -20.84 5.47 14.65
C LEU A 266 -19.80 6.13 15.56
N PRO A 267 -19.55 7.45 15.41
CA PRO A 267 -18.74 8.17 16.40
C PRO A 267 -19.28 7.95 17.80
N GLU A 268 -20.61 8.05 17.95
CA GLU A 268 -21.32 8.02 19.22
C GLU A 268 -22.61 7.22 19.07
N PRO A 269 -23.04 6.42 20.08
CA PRO A 269 -24.36 5.78 20.04
C PRO A 269 -25.47 6.77 19.68
N VAL A 270 -26.42 6.33 18.87
CA VAL A 270 -27.54 7.17 18.44
C VAL A 270 -28.81 6.71 19.13
N THR A 271 -29.71 7.65 19.40
CA THR A 271 -31.03 7.33 19.90
C THR A 271 -32.04 7.87 18.90
N LEU A 272 -33.27 7.38 19.00
CA LEU A 272 -34.19 7.42 17.88
C LEU A 272 -35.61 7.26 18.43
N ARG A 273 -36.57 7.87 17.73
CA ARG A 273 -37.96 7.99 18.16
C ARG A 273 -38.83 7.96 16.89
N TRP A 274 -40.07 7.43 16.98
CA TRP A 274 -40.98 7.52 15.84
C TRP A 274 -41.29 8.99 15.59
N LYS A 275 -41.12 9.43 14.34
CA LYS A 275 -41.47 10.78 13.91
C LYS A 275 -42.75 10.75 13.07
N PRO A 276 -43.93 11.12 13.62
CA PRO A 276 -45.17 11.18 12.82
C PRO A 276 -44.97 11.99 11.52
N MET B 1 -24.97 -37.67 13.13
CA MET B 1 -25.42 -36.85 11.97
C MET B 1 -26.59 -35.94 12.38
N ILE B 2 -26.25 -34.65 12.54
CA ILE B 2 -27.22 -33.64 12.94
C ILE B 2 -28.05 -33.24 11.72
N GLN B 3 -29.32 -32.95 11.99
CA GLN B 3 -30.12 -32.24 11.01
C GLN B 3 -30.73 -31.02 11.67
N ARG B 4 -30.60 -29.91 10.94
CA ARG B 4 -31.11 -28.64 11.38
C ARG B 4 -31.92 -28.06 10.23
N THR B 5 -33.08 -27.46 10.56
CA THR B 5 -33.99 -26.98 9.53
C THR B 5 -33.76 -25.50 9.23
N PRO B 6 -33.77 -25.07 7.96
CA PRO B 6 -33.46 -23.68 7.64
C PRO B 6 -34.38 -22.68 8.31
N LYS B 7 -33.79 -21.55 8.73
CA LYS B 7 -34.51 -20.34 9.05
C LYS B 7 -34.58 -19.53 7.78
N ILE B 8 -35.63 -18.71 7.61
CA ILE B 8 -35.83 -18.02 6.35
C ILE B 8 -36.18 -16.57 6.62
N GLN B 9 -35.56 -15.64 5.87
CA GLN B 9 -36.07 -14.28 5.84
C GLN B 9 -36.12 -13.81 4.39
N VAL B 10 -37.14 -13.00 4.08
CA VAL B 10 -37.39 -12.51 2.73
C VAL B 10 -37.49 -11.02 2.85
N TYR B 11 -36.75 -10.26 2.04
CA TYR B 11 -36.61 -8.83 2.31
C TYR B 11 -35.96 -8.15 1.13
N SER B 12 -36.19 -6.84 1.01
CA SER B 12 -35.51 -6.07 -0.03
C SER B 12 -34.21 -5.48 0.53
N ARG B 13 -33.24 -5.32 -0.39
CA ARG B 13 -31.96 -4.68 -0.13
C ARG B 13 -32.18 -3.24 0.28
N HIS B 14 -32.98 -2.49 -0.49
CA HIS B 14 -33.36 -1.13 -0.12
C HIS B 14 -34.85 -1.07 0.22
N PRO B 15 -35.32 -0.08 1.02
CA PRO B 15 -36.73 -0.01 1.38
C PRO B 15 -37.55 0.17 0.11
N ALA B 16 -38.69 -0.50 0.04
CA ALA B 16 -39.35 -0.63 -1.24
C ALA B 16 -40.05 0.67 -1.59
N GLU B 17 -39.97 1.04 -2.87
CA GLU B 17 -40.77 2.11 -3.43
C GLU B 17 -41.36 1.63 -4.75
N ASN B 18 -42.71 1.60 -4.81
CA ASN B 18 -43.40 1.04 -5.98
C ASN B 18 -42.90 1.75 -7.22
N GLY B 19 -42.50 0.96 -8.22
CA GLY B 19 -41.93 1.49 -9.44
C GLY B 19 -40.41 1.50 -9.45
N LYS B 20 -39.74 1.48 -8.29
CA LYS B 20 -38.29 1.72 -8.29
C LYS B 20 -37.53 0.40 -8.15
N SER B 21 -36.64 0.14 -9.12
CA SER B 21 -35.74 -1.02 -9.12
C SER B 21 -35.01 -1.22 -7.79
N ASN B 22 -34.80 -2.51 -7.45
CA ASN B 22 -34.40 -2.91 -6.12
C ASN B 22 -33.77 -4.29 -6.29
N PHE B 23 -33.61 -4.99 -5.15
CA PHE B 23 -33.16 -6.39 -5.12
C PHE B 23 -33.95 -7.10 -4.04
N LEU B 24 -34.38 -8.32 -4.37
CA LEU B 24 -35.13 -9.16 -3.46
C LEU B 24 -34.21 -10.28 -2.99
N ASN B 25 -34.26 -10.48 -1.67
CA ASN B 25 -33.36 -11.38 -0.98
C ASN B 25 -34.16 -12.43 -0.26
N CYS B 26 -33.61 -13.65 -0.29
CA CYS B 26 -34.03 -14.73 0.59
C CYS B 26 -32.79 -15.27 1.28
N TYR B 27 -32.82 -15.23 2.60
CA TYR B 27 -31.67 -15.61 3.41
C TYR B 27 -32.03 -16.84 4.21
N VAL B 28 -31.42 -17.94 3.85
CA VAL B 28 -31.64 -19.20 4.54
C VAL B 28 -30.39 -19.49 5.36
N SER B 29 -30.60 -19.92 6.61
CA SER B 29 -29.49 -20.05 7.54
C SER B 29 -29.83 -21.10 8.58
N GLY B 30 -28.81 -21.68 9.22
CA GLY B 30 -29.03 -22.50 10.40
C GLY B 30 -29.36 -23.95 10.02
N PHE B 31 -29.06 -24.34 8.79
CA PHE B 31 -29.46 -25.64 8.30
C PHE B 31 -28.25 -26.58 8.15
N HIS B 32 -28.55 -27.90 8.20
CA HIS B 32 -27.59 -28.95 7.99
C HIS B 32 -28.39 -30.19 7.62
N PRO B 33 -28.01 -30.95 6.58
CA PRO B 33 -26.81 -30.69 5.79
C PRO B 33 -27.06 -29.60 4.74
N SER B 34 -26.15 -29.48 3.79
CA SER B 34 -25.98 -28.28 2.98
C SER B 34 -26.95 -28.26 1.81
N ASP B 35 -27.34 -29.42 1.26
CA ASP B 35 -28.21 -29.45 0.08
C ASP B 35 -29.52 -28.73 0.42
N ILE B 36 -29.91 -27.79 -0.46
CA ILE B 36 -31.09 -26.97 -0.24
C ILE B 36 -31.59 -26.45 -1.59
N GLU B 37 -32.91 -26.30 -1.70
CA GLU B 37 -33.52 -25.77 -2.92
C GLU B 37 -34.30 -24.54 -2.49
N VAL B 38 -34.00 -23.45 -3.18
CA VAL B 38 -34.63 -22.19 -2.92
C VAL B 38 -35.07 -21.62 -4.27
N ASP B 39 -36.32 -21.11 -4.29
CA ASP B 39 -36.84 -20.37 -5.40
C ASP B 39 -37.45 -19.07 -4.86
N LEU B 40 -37.28 -18.03 -5.66
CA LEU B 40 -37.98 -16.77 -5.52
C LEU B 40 -39.16 -16.77 -6.47
N LEU B 41 -40.32 -16.33 -5.93
CA LEU B 41 -41.59 -16.38 -6.61
C LEU B 41 -42.13 -14.96 -6.78
N LYS B 42 -42.57 -14.65 -8.01
CA LYS B 42 -43.50 -13.55 -8.27
C LYS B 42 -44.90 -14.09 -8.60
N ASN B 43 -45.85 -13.85 -7.67
CA ASN B 43 -47.22 -14.30 -7.79
C ASN B 43 -47.21 -15.79 -8.08
N GLY B 44 -46.62 -16.55 -7.16
CA GLY B 44 -46.52 -17.99 -7.27
C GLY B 44 -45.53 -18.52 -8.31
N GLU B 45 -45.08 -17.68 -9.26
CA GLU B 45 -44.25 -18.19 -10.36
C GLU B 45 -42.76 -18.03 -10.06
N ARG B 46 -42.02 -19.11 -10.31
CA ARG B 46 -40.60 -19.15 -10.05
C ARG B 46 -39.89 -18.11 -10.92
N ILE B 47 -39.08 -17.25 -10.31
CA ILE B 47 -38.27 -16.27 -11.02
C ILE B 47 -37.03 -16.99 -11.54
N GLU B 48 -36.66 -16.72 -12.80
CA GLU B 48 -35.43 -17.27 -13.36
C GLU B 48 -34.30 -16.30 -13.12
N LYS B 49 -33.07 -16.71 -13.43
CA LYS B 49 -31.87 -15.90 -13.23
C LYS B 49 -31.78 -15.34 -11.79
N VAL B 50 -31.96 -16.20 -10.79
CA VAL B 50 -31.71 -15.88 -9.40
C VAL B 50 -30.29 -16.33 -9.09
N GLU B 51 -29.58 -15.56 -8.26
CA GLU B 51 -28.22 -15.90 -7.95
C GLU B 51 -28.12 -16.18 -6.46
N HIS B 52 -26.98 -16.73 -6.06
CA HIS B 52 -26.78 -16.94 -4.65
C HIS B 52 -25.31 -16.85 -4.22
N SER B 53 -25.13 -16.63 -2.93
CA SER B 53 -23.82 -16.49 -2.35
C SER B 53 -23.13 -17.84 -2.33
N ASP B 54 -21.81 -17.84 -2.15
CA ASP B 54 -21.06 -19.04 -1.93
C ASP B 54 -21.41 -19.65 -0.57
N LEU B 55 -21.41 -20.98 -0.53
CA LEU B 55 -21.82 -21.70 0.66
C LEU B 55 -20.84 -21.40 1.77
N SER B 56 -21.35 -20.99 2.92
CA SER B 56 -20.49 -20.77 4.08
C SER B 56 -21.19 -21.32 5.31
N PHE B 57 -20.57 -21.21 6.49
CA PHE B 57 -21.18 -21.74 7.70
C PHE B 57 -20.72 -20.99 8.93
N SER B 58 -21.47 -21.22 10.00
CA SER B 58 -21.34 -20.54 11.28
C SER B 58 -20.54 -21.37 12.29
N LYS B 59 -20.39 -20.81 13.49
CA LYS B 59 -19.66 -21.39 14.61
C LYS B 59 -20.23 -22.76 14.98
N ASP B 60 -21.54 -22.93 14.78
CA ASP B 60 -22.20 -24.19 15.12
C ASP B 60 -22.19 -25.17 13.95
N TRP B 61 -21.57 -24.80 12.82
CA TRP B 61 -21.41 -25.68 11.66
C TRP B 61 -22.57 -25.57 10.68
N SER B 62 -23.67 -24.94 11.11
CA SER B 62 -24.83 -24.75 10.25
C SER B 62 -24.52 -23.75 9.13
N PHE B 63 -25.12 -24.01 7.97
CA PHE B 63 -24.85 -23.27 6.74
C PHE B 63 -25.84 -22.11 6.52
N TYR B 64 -25.41 -21.17 5.67
CA TYR B 64 -26.23 -20.03 5.30
C TYR B 64 -25.95 -19.69 3.83
N LEU B 65 -26.96 -19.13 3.16
CA LEU B 65 -26.88 -18.67 1.78
C LEU B 65 -27.84 -17.50 1.58
N LEU B 66 -27.49 -16.63 0.63
CA LEU B 66 -28.37 -15.57 0.25
C LEU B 66 -28.72 -15.80 -1.22
N TYR B 67 -30.02 -15.98 -1.49
CA TYR B 67 -30.52 -16.02 -2.85
C TYR B 67 -31.17 -14.68 -3.10
N TYR B 68 -30.94 -14.12 -4.29
CA TYR B 68 -31.37 -12.77 -4.55
C TYR B 68 -31.61 -12.55 -6.04
N THR B 69 -32.46 -11.57 -6.38
CA THR B 69 -32.62 -11.17 -7.77
C THR B 69 -32.92 -9.68 -7.86
N GLU B 70 -32.57 -9.06 -9.01
CA GLU B 70 -33.07 -7.72 -9.30
C GLU B 70 -34.59 -7.81 -9.36
N PHE B 71 -35.31 -6.81 -8.83
CA PHE B 71 -36.74 -6.74 -9.04
C PHE B 71 -37.25 -5.30 -8.93
N THR B 72 -38.50 -5.12 -9.40
CA THR B 72 -39.13 -3.82 -9.39
C THR B 72 -40.49 -3.92 -8.72
N PRO B 73 -40.55 -3.71 -7.38
CA PRO B 73 -41.78 -3.92 -6.63
C PRO B 73 -42.88 -2.98 -7.12
N THR B 74 -44.13 -3.42 -6.97
CA THR B 74 -45.32 -2.66 -7.31
C THR B 74 -46.30 -2.81 -6.17
N GLU B 75 -47.39 -2.03 -6.17
CA GLU B 75 -48.36 -2.07 -5.09
C GLU B 75 -49.00 -3.46 -4.96
N LYS B 76 -49.23 -4.11 -6.13
CA LYS B 76 -50.13 -5.25 -6.25
C LYS B 76 -49.33 -6.56 -6.37
N ASP B 77 -48.15 -6.59 -7.01
CA ASP B 77 -47.33 -7.79 -7.16
C ASP B 77 -46.91 -8.37 -5.80
N GLU B 78 -47.17 -9.67 -5.57
CA GLU B 78 -46.72 -10.36 -4.38
C GLU B 78 -45.47 -11.17 -4.72
N TYR B 79 -44.56 -11.30 -3.74
CA TYR B 79 -43.28 -11.95 -3.94
C TYR B 79 -43.06 -12.88 -2.77
N ALA B 80 -42.34 -13.97 -3.02
CA ALA B 80 -42.11 -14.88 -1.94
C ALA B 80 -40.89 -15.73 -2.21
N CYS B 81 -40.53 -16.43 -1.13
CA CYS B 81 -39.42 -17.36 -1.13
C CYS B 81 -39.97 -18.74 -0.77
N ARG B 82 -39.51 -19.73 -1.51
CA ARG B 82 -39.90 -21.11 -1.26
C ARG B 82 -38.67 -21.97 -1.10
N VAL B 83 -38.67 -22.74 -0.01
CA VAL B 83 -37.51 -23.51 0.39
C VAL B 83 -37.88 -24.98 0.57
N ASN B 84 -37.08 -25.84 -0.04
CA ASN B 84 -37.15 -27.24 0.29
C ASN B 84 -35.78 -27.71 0.80
N HIS B 85 -35.82 -28.63 1.77
CA HIS B 85 -34.67 -29.20 2.44
C HIS B 85 -35.07 -30.59 2.97
N VAL B 86 -34.09 -31.46 3.23
CA VAL B 86 -34.35 -32.79 3.77
C VAL B 86 -35.11 -32.73 5.09
N THR B 87 -35.05 -31.62 5.83
CA THR B 87 -35.73 -31.55 7.11
C THR B 87 -37.19 -31.16 6.94
N LEU B 88 -37.62 -30.90 5.71
CA LEU B 88 -38.92 -30.32 5.45
C LEU B 88 -39.75 -31.36 4.68
N SER B 89 -40.90 -31.73 5.30
CA SER B 89 -41.94 -32.56 4.72
C SER B 89 -42.45 -31.92 3.43
N GLN B 90 -42.71 -30.61 3.44
CA GLN B 90 -43.02 -29.95 2.20
C GLN B 90 -42.33 -28.59 2.10
N PRO B 91 -42.19 -28.02 0.88
CA PRO B 91 -41.55 -26.72 0.69
C PRO B 91 -42.20 -25.70 1.62
N LYS B 92 -41.38 -24.84 2.25
CA LYS B 92 -41.90 -23.76 3.05
C LYS B 92 -41.90 -22.50 2.19
N ILE B 93 -43.01 -21.77 2.32
CA ILE B 93 -43.25 -20.57 1.55
C ILE B 93 -43.37 -19.43 2.54
N VAL B 94 -42.56 -18.41 2.27
CA VAL B 94 -42.52 -17.21 3.08
C VAL B 94 -42.67 -16.03 2.14
N LYS B 95 -43.67 -15.23 2.50
CA LYS B 95 -44.12 -14.14 1.70
C LYS B 95 -43.32 -12.90 2.08
N TRP B 96 -42.87 -12.14 1.08
CA TRP B 96 -42.24 -10.85 1.29
C TRP B 96 -43.21 -9.84 1.88
N ASP B 97 -43.00 -9.44 3.14
CA ASP B 97 -43.60 -8.24 3.71
C ASP B 97 -42.58 -7.07 3.69
N ARG B 98 -42.89 -5.99 2.96
CA ARG B 98 -41.94 -4.92 2.68
C ARG B 98 -41.63 -4.06 3.91
N ASP B 99 -42.29 -4.33 5.04
CA ASP B 99 -42.09 -3.64 6.30
C ASP B 99 -41.39 -4.59 7.29
N MET B 100 -40.70 -5.61 6.76
CA MET B 100 -40.06 -6.58 7.62
C MET B 100 -38.72 -7.07 7.05
N ILE C 1 -4.31 -16.15 2.65
CA ILE C 1 -4.19 -17.41 1.87
C ILE C 1 -4.59 -18.61 2.72
N LEU C 2 -4.91 -19.68 1.98
CA LEU C 2 -5.16 -21.00 2.53
C LEU C 2 -3.92 -21.48 3.28
N SER C 3 -4.12 -22.39 4.24
CA SER C 3 -3.04 -23.11 4.88
C SER C 3 -2.31 -23.96 3.86
N PRO C 4 -0.95 -23.87 3.81
CA PRO C 4 -0.13 -24.84 3.08
C PRO C 4 -0.04 -26.20 3.74
N PHE C 5 -0.57 -26.29 4.96
CA PHE C 5 -0.53 -27.47 5.81
C PHE C 5 -1.92 -28.11 6.01
N LEU C 6 -2.06 -29.36 5.51
CA LEU C 6 -3.33 -30.06 5.49
C LEU C 6 -3.29 -31.22 6.46
N PRO C 7 -3.99 -31.21 7.60
CA PRO C 7 -4.07 -32.41 8.44
C PRO C 7 -4.68 -33.63 7.72
N LEU C 8 -4.05 -34.80 7.92
CA LEU C 8 -4.58 -36.12 7.53
C LEU C 8 -5.23 -36.77 8.76
N LEU C 9 -6.54 -36.94 8.68
CA LEU C 9 -7.32 -37.42 9.80
C LEU C 9 -7.21 -38.94 10.01
N LYS D 3 20.35 -19.91 -8.09
CA LYS D 3 20.33 -21.04 -7.11
C LYS D 3 19.55 -20.62 -5.86
N GLU D 4 18.36 -21.23 -5.68
CA GLU D 4 17.34 -20.77 -4.75
C GLU D 4 17.72 -21.04 -3.30
N VAL D 5 18.37 -22.17 -3.04
CA VAL D 5 18.81 -22.52 -1.70
C VAL D 5 20.33 -22.56 -1.71
N GLU D 6 20.95 -21.71 -0.84
CA GLU D 6 22.39 -21.47 -0.78
C GLU D 6 22.99 -21.99 0.52
N GLN D 7 24.01 -22.84 0.34
CA GLN D 7 24.88 -23.36 1.38
C GLN D 7 26.31 -23.30 0.86
N ASN D 8 27.29 -23.02 1.73
CA ASN D 8 28.68 -23.20 1.35
C ASN D 8 28.97 -24.70 1.28
N SER D 9 29.66 -25.13 0.22
CA SER D 9 30.01 -26.53 0.08
C SER D 9 30.99 -26.98 1.16
N GLY D 10 31.86 -26.05 1.55
CA GLY D 10 32.88 -26.35 2.53
C GLY D 10 34.03 -27.08 1.85
N PRO D 11 34.60 -28.15 2.44
CA PRO D 11 34.20 -28.60 3.77
C PRO D 11 34.53 -27.63 4.91
N LEU D 12 33.79 -27.76 6.01
CA LEU D 12 34.07 -27.08 7.25
C LEU D 12 34.68 -28.08 8.23
N SER D 13 35.61 -27.59 9.05
CA SER D 13 36.29 -28.39 10.07
C SER D 13 35.80 -27.90 11.41
N VAL D 14 35.56 -28.83 12.31
CA VAL D 14 35.26 -28.49 13.69
C VAL D 14 36.05 -29.46 14.55
N PRO D 15 36.70 -28.97 15.62
CA PRO D 15 37.25 -29.88 16.63
C PRO D 15 36.23 -30.78 17.31
N GLU D 16 36.59 -32.04 17.50
CA GLU D 16 35.80 -32.91 18.36
C GLU D 16 35.56 -32.20 19.69
N GLY D 17 34.28 -32.12 20.08
CA GLY D 17 33.81 -31.52 21.32
C GLY D 17 33.27 -30.10 21.16
N ALA D 18 33.69 -29.44 20.07
CA ALA D 18 33.38 -28.04 19.83
C ALA D 18 32.02 -27.95 19.15
N ILE D 19 31.46 -26.74 19.18
CA ILE D 19 30.20 -26.44 18.55
C ILE D 19 30.42 -26.28 17.06
N ALA D 20 29.56 -26.91 16.23
CA ALA D 20 29.56 -26.68 14.79
C ALA D 20 28.38 -25.79 14.42
N SER D 21 28.55 -24.88 13.46
CA SER D 21 27.41 -24.08 13.03
C SER D 21 27.34 -24.07 11.50
N LEU D 22 26.11 -24.19 10.96
CA LEU D 22 25.86 -24.35 9.52
C LEU D 22 24.74 -23.40 9.11
N ASN D 23 24.94 -22.72 7.97
CA ASN D 23 23.97 -21.71 7.58
C ASN D 23 23.42 -22.02 6.20
N CYS D 24 22.18 -21.59 6.02
CA CYS D 24 21.47 -21.77 4.78
C CYS D 24 20.62 -20.54 4.53
N THR D 25 20.75 -19.95 3.34
CA THR D 25 19.82 -18.93 2.88
C THR D 25 18.96 -19.44 1.72
N TYR D 26 17.79 -18.79 1.56
CA TYR D 26 16.84 -19.16 0.52
C TYR D 26 16.23 -17.88 -0.04
N SER D 27 15.87 -17.86 -1.34
CA SER D 27 15.53 -16.59 -1.99
C SER D 27 14.04 -16.21 -1.93
N ASP D 28 13.12 -17.17 -1.78
CA ASP D 28 11.71 -16.89 -1.94
C ASP D 28 11.06 -16.68 -0.58
N ARG D 29 10.47 -15.50 -0.38
CA ARG D 29 9.75 -15.22 0.85
C ARG D 29 8.53 -16.14 0.94
N GLY D 30 8.14 -16.82 -0.14
CA GLY D 30 7.08 -17.81 -0.13
C GLY D 30 7.39 -19.13 0.57
N SER D 31 8.60 -19.28 1.10
CA SER D 31 8.99 -20.52 1.73
C SER D 31 8.32 -20.60 3.09
N VAL D 32 7.78 -21.76 3.45
CA VAL D 32 6.97 -21.95 4.65
C VAL D 32 7.43 -23.15 5.46
N SER D 33 8.42 -23.88 4.99
CA SER D 33 8.85 -25.05 5.72
C SER D 33 10.34 -25.22 5.46
N PHE D 34 11.05 -25.74 6.46
CA PHE D 34 12.49 -25.74 6.45
C PHE D 34 13.01 -27.01 7.11
N PHE D 35 14.09 -27.55 6.53
CA PHE D 35 14.62 -28.84 6.94
C PHE D 35 16.14 -28.89 6.88
N TRP D 36 16.67 -29.63 7.86
CA TRP D 36 18.04 -30.08 7.88
C TRP D 36 18.10 -31.60 7.81
N TYR D 37 18.73 -32.06 6.74
CA TYR D 37 19.00 -33.45 6.50
C TYR D 37 20.51 -33.68 6.61
N ARG D 38 20.85 -34.86 7.13
CA ARG D 38 22.21 -35.36 7.18
C ARG D 38 22.34 -36.53 6.21
N GLN D 39 23.46 -36.53 5.45
CA GLN D 39 23.77 -37.59 4.53
C GLN D 39 25.19 -38.12 4.74
N TYR D 40 25.32 -39.36 5.22
CA TYR D 40 26.60 -40.04 5.23
C TYR D 40 26.97 -40.43 3.81
N SER D 41 28.26 -40.34 3.49
CA SER D 41 28.81 -40.82 2.23
C SER D 41 28.16 -42.13 1.84
N GLY D 42 27.63 -42.15 0.60
CA GLY D 42 27.02 -43.31 -0.02
C GLY D 42 25.67 -43.72 0.61
N LYS D 43 24.98 -42.81 1.31
CA LYS D 43 23.77 -43.17 2.02
C LYS D 43 22.69 -42.17 1.63
N SER D 44 21.50 -42.32 2.22
CA SER D 44 20.39 -41.49 1.81
C SER D 44 20.19 -40.38 2.83
N PRO D 45 19.52 -39.26 2.48
CA PRO D 45 19.34 -38.20 3.44
C PRO D 45 18.44 -38.62 4.57
N GLU D 46 18.88 -38.32 5.80
CA GLU D 46 18.11 -38.60 7.00
C GLU D 46 17.80 -37.27 7.67
N LEU D 47 16.54 -37.11 8.09
CA LEU D 47 16.07 -35.86 8.63
C LEU D 47 16.64 -35.67 10.03
N ILE D 48 17.27 -34.52 10.26
CA ILE D 48 17.81 -34.17 11.55
C ILE D 48 16.78 -33.34 12.28
N MET D 49 16.30 -32.30 11.59
CA MET D 49 15.36 -31.39 12.21
C MET D 49 14.48 -30.70 11.18
N SER D 50 13.33 -30.27 11.68
CA SER D 50 12.32 -29.60 10.92
C SER D 50 11.97 -28.32 11.63
N ILE D 51 11.80 -27.22 10.90
CA ILE D 51 11.34 -26.03 11.57
C ILE D 51 10.38 -25.24 10.67
N TYR D 52 9.35 -24.66 11.29
CA TYR D 52 8.26 -23.99 10.61
C TYR D 52 7.97 -22.62 11.23
N LEU D 53 8.05 -22.52 12.56
CA LEU D 53 7.89 -21.24 13.22
C LEU D 53 9.21 -20.55 13.33
N ASN D 54 9.13 -19.28 13.01
CA ASN D 54 10.19 -18.32 13.24
C ASN D 54 10.71 -18.44 14.66
N GLY D 55 12.00 -18.70 14.85
CA GLY D 55 12.55 -18.79 16.18
C GLY D 55 13.67 -19.82 16.29
N LEU D 56 13.80 -20.37 17.50
CA LEU D 56 14.79 -21.37 17.83
C LEU D 56 14.03 -22.67 18.09
N LYS D 57 14.69 -23.80 17.84
CA LYS D 57 14.09 -25.08 18.12
C LYS D 57 15.22 -26.02 18.49
N GLU D 58 15.00 -26.78 19.57
CA GLU D 58 16.05 -27.57 20.21
C GLU D 58 15.68 -29.03 20.24
N ASP D 59 16.65 -29.90 19.93
CA ASP D 59 16.46 -31.32 20.15
C ASP D 59 17.81 -32.00 20.34
N GLY D 60 18.07 -32.44 21.59
CA GLY D 60 19.35 -33.05 21.94
C GLY D 60 20.49 -32.07 21.69
N ARG D 61 21.54 -32.54 21.02
CA ARG D 61 22.69 -31.69 20.74
C ARG D 61 22.40 -30.68 19.63
N PHE D 62 21.23 -30.80 18.97
CA PHE D 62 20.96 -29.95 17.81
C PHE D 62 20.08 -28.77 18.16
N THR D 63 20.42 -27.62 17.57
CA THR D 63 19.54 -26.48 17.64
C THR D 63 19.37 -25.96 16.22
N ALA D 64 18.15 -25.51 15.89
CA ALA D 64 17.94 -24.83 14.62
C ALA D 64 17.37 -23.45 14.89
N GLN D 65 17.64 -22.55 13.95
CA GLN D 65 17.08 -21.22 14.01
C GLN D 65 16.49 -20.87 12.66
N LEU D 66 15.29 -20.32 12.72
CA LEU D 66 14.66 -19.84 11.51
C LEU D 66 14.38 -18.37 11.65
N ASN D 67 14.74 -17.62 10.61
CA ASN D 67 14.50 -16.19 10.54
C ASN D 67 13.94 -15.85 9.17
N LYS D 68 12.62 -15.76 9.10
CA LYS D 68 11.93 -15.61 7.83
C LYS D 68 12.10 -14.17 7.35
N ALA D 69 12.23 -13.21 8.26
CA ALA D 69 12.54 -11.82 7.89
C ALA D 69 13.86 -11.73 7.12
N SER D 70 14.88 -12.51 7.51
CA SER D 70 16.17 -12.40 6.86
C SER D 70 16.42 -13.59 5.94
N GLN D 71 15.46 -14.52 5.88
CA GLN D 71 15.49 -15.63 4.93
C GLN D 71 16.76 -16.46 5.12
N TYR D 72 17.02 -16.90 6.36
CA TYR D 72 18.05 -17.88 6.59
C TYR D 72 17.52 -18.91 7.59
N VAL D 73 18.14 -20.10 7.52
CA VAL D 73 17.96 -21.14 8.52
C VAL D 73 19.36 -21.54 8.92
N SER D 74 19.50 -22.04 10.14
CA SER D 74 20.81 -22.46 10.60
C SER D 74 20.67 -23.70 11.45
N LEU D 75 21.74 -24.52 11.46
CA LEU D 75 21.86 -25.57 12.43
C LEU D 75 23.12 -25.41 13.29
N LEU D 76 22.97 -25.66 14.59
CA LEU D 76 24.06 -25.72 15.56
C LEU D 76 24.15 -27.13 16.17
N ILE D 77 25.32 -27.74 16.10
CA ILE D 77 25.63 -29.02 16.72
C ILE D 77 26.56 -28.81 17.91
N ARG D 78 26.03 -28.96 19.13
CA ARG D 78 26.84 -28.99 20.36
C ARG D 78 27.60 -30.30 20.47
N ASP D 79 28.83 -30.18 20.96
CA ASP D 79 29.64 -31.32 21.41
C ASP D 79 29.82 -32.28 20.22
N SER D 80 30.42 -31.75 19.16
CA SER D 80 30.57 -32.47 17.90
C SER D 80 31.25 -33.81 18.12
N GLN D 81 30.68 -34.88 17.57
CA GLN D 81 31.29 -36.20 17.66
C GLN D 81 31.67 -36.70 16.28
N PRO D 82 32.47 -37.78 16.17
CA PRO D 82 32.94 -38.26 14.87
C PRO D 82 31.78 -38.64 13.98
N SER D 83 30.68 -39.14 14.58
CA SER D 83 29.48 -39.50 13.85
C SER D 83 28.77 -38.29 13.24
N ASP D 84 29.07 -37.05 13.66
CA ASP D 84 28.49 -35.87 13.01
C ASP D 84 29.18 -35.53 11.70
N SER D 85 30.28 -36.22 11.36
CA SER D 85 30.95 -36.00 10.10
C SER D 85 30.04 -36.49 8.98
N ALA D 86 29.59 -35.58 8.13
CA ALA D 86 28.59 -35.89 7.11
C ALA D 86 28.43 -34.71 6.17
N THR D 87 27.53 -34.87 5.18
CA THR D 87 27.01 -33.72 4.45
C THR D 87 25.66 -33.32 5.04
N TYR D 88 25.48 -32.00 5.24
CA TYR D 88 24.27 -31.44 5.81
C TYR D 88 23.52 -30.75 4.69
N LEU D 89 22.24 -31.12 4.51
CA LEU D 89 21.44 -30.65 3.40
C LEU D 89 20.36 -29.73 3.94
N CYS D 90 20.27 -28.56 3.32
CA CYS D 90 19.22 -27.61 3.62
C CYS D 90 18.09 -27.82 2.62
N ALA D 91 16.84 -27.82 3.09
CA ALA D 91 15.71 -27.94 2.19
C ALA D 91 14.59 -27.01 2.65
N VAL D 92 13.94 -26.36 1.68
CA VAL D 92 12.81 -25.51 1.95
C VAL D 92 11.62 -25.98 1.10
N GLY D 93 10.40 -25.81 1.64
CA GLY D 93 9.15 -25.93 0.92
C GLY D 93 8.68 -24.56 0.50
N ASN D 94 8.80 -24.29 -0.79
CA ASN D 94 8.37 -23.04 -1.41
C ASN D 94 6.89 -23.10 -1.83
N HIS D 95 6.04 -22.43 -1.07
CA HIS D 95 4.61 -22.50 -1.29
C HIS D 95 4.21 -21.76 -2.58
N ASN D 96 5.05 -20.82 -3.04
CA ASN D 96 4.77 -20.11 -4.28
C ASN D 96 5.00 -20.99 -5.52
N THR D 97 5.89 -21.99 -5.48
CA THR D 97 6.12 -22.84 -6.65
C THR D 97 5.58 -24.26 -6.51
N GLY D 98 5.60 -24.80 -5.28
CA GLY D 98 4.93 -26.05 -4.97
C GLY D 98 5.70 -27.30 -5.37
N ASN D 99 6.95 -27.18 -5.78
CA ASN D 99 7.66 -28.34 -6.30
C ASN D 99 8.33 -29.08 -5.15
N MET D 100 7.50 -29.63 -4.28
CA MET D 100 7.95 -30.45 -3.17
C MET D 100 9.04 -29.67 -2.41
N LEU D 101 10.15 -30.31 -2.01
CA LEU D 101 11.21 -29.65 -1.25
C LEU D 101 12.32 -29.30 -2.23
N THR D 102 12.81 -28.07 -2.14
CA THR D 102 13.97 -27.61 -2.89
C THR D 102 15.21 -27.65 -2.00
N PHE D 103 16.27 -28.28 -2.51
CA PHE D 103 17.46 -28.57 -1.73
C PHE D 103 18.56 -27.58 -2.10
N GLY D 104 19.35 -27.22 -1.07
CA GLY D 104 20.64 -26.58 -1.30
C GLY D 104 21.65 -27.64 -1.71
N GLY D 105 22.85 -27.18 -2.07
CA GLY D 105 23.92 -28.03 -2.59
C GLY D 105 24.67 -28.83 -1.52
N GLY D 106 24.35 -28.54 -0.25
CA GLY D 106 24.94 -29.27 0.86
C GLY D 106 26.24 -28.64 1.33
N THR D 107 26.53 -28.91 2.63
CA THR D 107 27.77 -28.53 3.29
C THR D 107 28.32 -29.75 4.00
N ARG D 108 29.57 -30.11 3.67
CA ARG D 108 30.25 -31.21 4.34
C ARG D 108 31.00 -30.73 5.59
N LEU D 109 30.84 -31.49 6.66
CA LEU D 109 31.39 -31.17 7.96
C LEU D 109 32.34 -32.28 8.34
N MET D 110 33.60 -31.92 8.64
CA MET D 110 34.60 -32.87 9.13
C MET D 110 34.89 -32.55 10.59
N VAL D 111 34.56 -33.49 11.47
CA VAL D 111 34.80 -33.35 12.89
C VAL D 111 36.19 -33.93 13.17
N LYS D 112 37.19 -33.09 13.48
CA LYS D 112 38.56 -33.57 13.60
C LYS D 112 38.91 -33.87 15.07
N PRO D 113 39.44 -35.08 15.38
CA PRO D 113 39.81 -35.44 16.76
C PRO D 113 41.21 -34.93 17.10
N HIS D 114 41.48 -34.76 18.40
CA HIS D 114 42.79 -34.32 18.85
C HIS D 114 43.69 -35.54 18.92
N ILE D 115 44.64 -35.56 18.00
CA ILE D 115 45.66 -36.59 18.00
C ILE D 115 46.58 -36.36 19.20
N GLN D 116 46.51 -37.27 20.17
CA GLN D 116 47.19 -37.17 21.47
C GLN D 116 48.71 -36.99 21.31
N ASN D 117 49.38 -37.86 20.53
CA ASN D 117 50.84 -37.90 20.49
C ASN D 117 51.34 -37.96 19.06
N PRO D 118 51.25 -36.84 18.31
CA PRO D 118 51.66 -36.82 16.91
C PRO D 118 53.07 -37.36 16.65
N ASP D 119 53.17 -38.40 15.81
CA ASP D 119 54.37 -39.19 15.54
C ASP D 119 54.47 -39.53 14.05
N PRO D 120 54.54 -38.51 13.17
CA PRO D 120 54.49 -38.73 11.73
C PRO D 120 55.55 -39.73 11.25
N ALA D 121 55.11 -40.88 10.72
CA ALA D 121 56.00 -41.95 10.26
C ALA D 121 55.52 -42.52 8.92
N VAL D 122 56.38 -42.53 7.90
CA VAL D 122 56.13 -43.24 6.66
C VAL D 122 56.63 -44.69 6.79
N TYR D 123 55.73 -45.64 6.61
CA TYR D 123 56.11 -47.04 6.54
C TYR D 123 55.98 -47.53 5.11
N GLN D 124 56.30 -48.82 4.92
CA GLN D 124 56.18 -49.53 3.66
C GLN D 124 55.77 -50.95 3.99
N LEU D 125 54.96 -51.54 3.11
CA LEU D 125 54.23 -52.78 3.40
C LEU D 125 54.28 -53.65 2.16
N ARG D 126 54.66 -54.92 2.33
CA ARG D 126 54.85 -55.80 1.20
C ARG D 126 53.54 -56.52 0.94
N ASP D 127 53.23 -56.75 -0.35
CA ASP D 127 52.11 -57.59 -0.75
C ASP D 127 52.23 -58.95 -0.02
N SER D 128 51.11 -59.43 0.53
CA SER D 128 51.02 -60.73 1.19
C SER D 128 51.12 -61.91 0.19
N LYS D 129 51.31 -61.64 -1.12
CA LYS D 129 51.46 -62.65 -2.16
C LYS D 129 52.63 -62.25 -3.10
N SER D 130 53.86 -62.26 -2.57
CA SER D 130 55.10 -61.98 -3.30
C SER D 130 55.16 -60.53 -3.83
N SER D 131 55.07 -60.32 -5.15
CA SER D 131 55.23 -59.00 -5.73
C SER D 131 56.44 -58.29 -5.08
N SER D 134 53.99 -53.97 -2.97
CA SER D 134 54.39 -53.15 -1.79
C SER D 134 53.92 -51.68 -1.86
N VAL D 135 53.15 -51.23 -0.85
CA VAL D 135 52.54 -49.90 -0.80
C VAL D 135 53.23 -49.06 0.28
N CYS D 136 52.89 -47.76 0.29
CA CYS D 136 53.31 -46.77 1.28
C CYS D 136 52.15 -46.35 2.18
N LEU D 137 52.46 -46.12 3.47
CA LEU D 137 51.51 -45.61 4.46
C LEU D 137 52.09 -44.43 5.23
N PHE D 138 51.46 -43.25 5.14
CA PHE D 138 51.70 -42.11 6.02
C PHE D 138 50.77 -42.20 7.22
N THR D 139 51.27 -42.37 8.45
CA THR D 139 50.39 -42.63 9.59
C THR D 139 50.82 -41.82 10.81
N ASP D 140 49.89 -41.68 11.76
CA ASP D 140 50.13 -41.07 13.06
C ASP D 140 50.43 -39.57 13.00
N PHE D 141 50.17 -38.86 11.89
CA PHE D 141 50.25 -37.39 11.89
C PHE D 141 49.04 -36.78 12.62
N ASP D 142 49.10 -35.45 12.83
CA ASP D 142 48.10 -34.76 13.61
C ASP D 142 47.01 -34.29 12.67
N SER D 143 45.85 -33.93 13.25
CA SER D 143 44.65 -33.63 12.49
C SER D 143 44.77 -32.29 11.77
N GLN D 144 45.94 -31.65 11.80
CA GLN D 144 46.13 -30.42 11.04
C GLN D 144 47.07 -30.63 9.85
N THR D 145 47.74 -31.78 9.76
CA THR D 145 48.50 -32.09 8.56
C THR D 145 47.50 -32.34 7.42
N ASN D 146 47.73 -31.70 6.26
CA ASN D 146 46.93 -31.90 5.06
C ASN D 146 47.78 -32.64 4.02
N VAL D 147 47.30 -33.78 3.53
CA VAL D 147 48.05 -34.59 2.57
C VAL D 147 47.90 -34.00 1.17
N SER D 148 48.96 -34.09 0.36
CA SER D 148 49.01 -33.49 -0.96
C SER D 148 48.85 -34.52 -2.09
N GLN D 149 48.70 -34.01 -3.31
CA GLN D 149 48.65 -34.78 -4.54
C GLN D 149 50.08 -35.01 -5.08
N SER D 153 51.75 -38.24 -12.18
CA SER D 153 51.23 -39.47 -12.84
C SER D 153 52.05 -40.68 -12.38
N ASP D 154 51.40 -41.85 -12.42
CA ASP D 154 51.90 -43.10 -11.86
C ASP D 154 52.12 -42.99 -10.34
N VAL D 155 51.73 -41.85 -9.76
CA VAL D 155 51.84 -41.58 -8.33
C VAL D 155 50.40 -41.54 -7.79
N TYR D 156 49.99 -42.58 -7.06
CA TYR D 156 48.63 -42.65 -6.51
C TYR D 156 48.67 -42.35 -5.01
N ILE D 157 48.11 -41.19 -4.60
CA ILE D 157 48.07 -40.77 -3.21
C ILE D 157 46.61 -40.63 -2.80
N THR D 158 46.13 -41.48 -1.88
CA THR D 158 44.78 -41.33 -1.35
C THR D 158 44.71 -40.18 -0.35
N ASP D 159 43.49 -39.74 -0.13
CA ASP D 159 43.15 -38.78 0.90
C ASP D 159 43.31 -39.43 2.27
N LYS D 160 43.27 -38.61 3.33
CA LYS D 160 43.47 -39.07 4.69
C LYS D 160 42.14 -39.50 5.27
N CYS D 161 42.17 -40.44 6.22
CA CYS D 161 40.99 -40.77 7.00
C CYS D 161 41.45 -41.18 8.40
N VAL D 162 40.51 -41.24 9.35
CA VAL D 162 40.86 -41.55 10.73
C VAL D 162 40.21 -42.86 11.19
N LEU D 163 41.01 -43.72 11.84
CA LEU D 163 40.52 -44.96 12.44
C LEU D 163 40.49 -44.85 13.96
N ASP D 164 39.70 -45.74 14.58
CA ASP D 164 39.50 -45.76 16.01
C ASP D 164 39.65 -47.20 16.52
N MET D 165 40.80 -47.48 17.14
CA MET D 165 40.99 -48.66 17.96
C MET D 165 40.27 -48.48 19.29
N ARG D 166 39.02 -48.98 19.37
CA ARG D 166 38.14 -48.70 20.49
C ARG D 166 38.74 -49.17 21.82
N SER D 167 39.18 -50.44 21.90
CA SER D 167 39.65 -51.02 23.15
C SER D 167 40.94 -50.34 23.68
N MET D 168 41.77 -49.77 22.79
CA MET D 168 42.96 -49.04 23.19
C MET D 168 42.66 -47.56 23.46
N ASP D 169 41.46 -47.08 23.09
CA ASP D 169 41.09 -45.67 23.04
C ASP D 169 42.11 -44.83 22.25
N PHE D 170 42.24 -45.13 20.94
CA PHE D 170 43.35 -44.61 20.16
C PHE D 170 42.87 -44.38 18.71
N LYS D 171 43.14 -43.15 18.21
CA LYS D 171 42.73 -42.67 16.90
C LYS D 171 43.97 -42.22 16.15
N SER D 172 44.16 -42.74 14.96
CA SER D 172 45.24 -42.30 14.10
C SER D 172 44.64 -41.83 12.77
N ASN D 173 45.25 -40.78 12.22
CA ASN D 173 45.13 -40.47 10.81
C ASN D 173 46.03 -41.44 10.04
N SER D 174 45.87 -41.44 8.71
CA SER D 174 46.45 -42.43 7.82
C SER D 174 46.10 -42.03 6.39
N ALA D 175 47.08 -42.06 5.48
CA ALA D 175 46.88 -41.77 4.05
C ALA D 175 47.82 -42.67 3.24
N VAL D 176 47.29 -43.31 2.17
CA VAL D 176 48.03 -44.35 1.46
C VAL D 176 48.51 -43.80 0.11
N ALA D 177 49.59 -44.43 -0.38
CA ALA D 177 50.12 -44.17 -1.71
C ALA D 177 50.82 -45.40 -2.28
N TRP D 178 50.82 -45.49 -3.63
CA TRP D 178 51.38 -46.63 -4.35
C TRP D 178 51.68 -46.23 -5.80
N SER D 179 52.46 -47.11 -6.44
CA SER D 179 52.86 -46.96 -7.83
C SER D 179 53.26 -48.32 -8.39
N ASN D 180 53.17 -48.45 -9.73
CA ASN D 180 53.58 -49.65 -10.46
C ASN D 180 55.00 -49.48 -11.01
N LYS D 181 55.68 -48.36 -10.69
CA LYS D 181 57.04 -48.09 -11.12
C LYS D 181 58.02 -48.77 -10.16
N SER D 182 59.14 -49.29 -10.69
CA SER D 182 60.21 -49.83 -9.87
C SER D 182 60.97 -48.68 -9.19
N ASP D 183 61.07 -47.55 -9.90
CA ASP D 183 61.52 -46.29 -9.33
C ASP D 183 60.42 -45.71 -8.42
N PHE D 184 60.30 -46.23 -7.19
CA PHE D 184 59.24 -45.81 -6.29
C PHE D 184 59.77 -45.55 -4.88
N ALA D 185 59.92 -44.24 -4.56
CA ALA D 185 60.58 -43.77 -3.35
C ALA D 185 59.97 -44.42 -2.11
N CYS D 186 58.73 -44.04 -1.81
CA CYS D 186 58.03 -44.38 -0.57
C CYS D 186 58.50 -43.43 0.52
N ALA D 187 59.77 -43.58 0.94
CA ALA D 187 60.37 -42.77 1.99
C ALA D 187 60.11 -41.27 1.81
N ASN D 188 60.00 -40.77 0.57
CA ASN D 188 59.63 -39.39 0.33
C ASN D 188 58.49 -39.32 -0.69
N ALA D 189 57.46 -40.15 -0.48
CA ALA D 189 56.32 -40.19 -1.37
C ALA D 189 55.43 -38.96 -1.18
N PHE D 190 55.36 -38.41 0.04
CA PHE D 190 54.37 -37.39 0.37
C PHE D 190 55.04 -36.01 0.49
N ASN D 191 55.37 -35.43 -0.68
CA ASN D 191 56.05 -34.15 -0.78
C ASN D 191 55.28 -33.27 -1.77
N GLY E 4 10.20 -48.16 5.49
CA GLY E 4 8.90 -47.68 4.98
C GLY E 4 8.91 -47.32 3.48
N VAL E 5 10.06 -46.93 2.91
CA VAL E 5 10.17 -46.65 1.49
C VAL E 5 11.19 -47.63 0.91
N THR E 6 10.68 -48.48 0.01
CA THR E 6 11.48 -49.52 -0.59
C THR E 6 11.75 -49.15 -2.03
N GLN E 7 13.01 -48.79 -2.26
CA GLN E 7 13.50 -48.42 -3.57
C GLN E 7 14.41 -49.52 -4.06
N THR E 8 14.30 -49.89 -5.35
CA THR E 8 15.20 -50.88 -5.92
C THR E 8 15.52 -50.52 -7.37
N PRO E 9 16.70 -50.91 -7.90
CA PRO E 9 17.74 -51.59 -7.13
C PRO E 9 18.80 -50.65 -6.57
N LYS E 10 19.69 -51.20 -5.72
CA LYS E 10 20.65 -50.38 -5.02
C LYS E 10 21.70 -49.91 -6.00
N PHE E 11 22.13 -50.81 -6.91
CA PHE E 11 23.11 -50.46 -7.93
C PHE E 11 22.58 -50.78 -9.33
N GLN E 12 23.16 -50.13 -10.35
CA GLN E 12 22.78 -50.43 -11.72
C GLN E 12 23.78 -49.84 -12.72
N VAL E 13 24.29 -50.70 -13.62
CA VAL E 13 25.05 -50.23 -14.77
C VAL E 13 24.15 -50.38 -15.99
N LEU E 14 24.34 -49.50 -16.98
CA LEU E 14 23.51 -49.42 -18.18
C LEU E 14 24.38 -49.00 -19.34
N LYS E 15 24.03 -49.48 -20.54
CA LYS E 15 24.72 -49.08 -21.75
C LYS E 15 23.97 -47.87 -22.28
N THR E 16 24.71 -46.89 -22.85
CA THR E 16 24.08 -45.77 -23.53
C THR E 16 22.91 -46.30 -24.35
N GLY E 17 21.76 -45.63 -24.29
CA GLY E 17 20.63 -46.00 -25.14
C GLY E 17 19.67 -46.98 -24.48
N GLN E 18 20.15 -47.77 -23.50
CA GLN E 18 19.27 -48.67 -22.77
C GLN E 18 18.20 -47.91 -21.99
N SER E 19 17.12 -48.60 -21.70
CA SER E 19 16.06 -48.07 -20.89
C SER E 19 15.99 -48.90 -19.62
N MET E 20 15.37 -48.32 -18.60
CA MET E 20 15.56 -48.76 -17.24
C MET E 20 14.42 -48.17 -16.39
N THR E 21 13.82 -49.02 -15.56
CA THR E 21 12.81 -48.61 -14.62
C THR E 21 13.31 -48.85 -13.20
N LEU E 22 13.39 -47.77 -12.41
CA LEU E 22 13.66 -47.84 -10.99
C LEU E 22 12.30 -47.98 -10.31
N GLN E 23 12.23 -48.86 -9.31
CA GLN E 23 11.02 -49.12 -8.59
C GLN E 23 11.06 -48.36 -7.27
N CYS E 24 9.87 -47.91 -6.85
CA CYS E 24 9.71 -47.35 -5.52
C CYS E 24 8.34 -47.62 -4.96
N ALA E 25 8.34 -48.19 -3.74
CA ALA E 25 7.11 -48.51 -3.03
C ALA E 25 7.17 -47.90 -1.62
N GLN E 26 5.99 -47.57 -1.10
CA GLN E 26 5.83 -47.05 0.25
C GLN E 26 4.65 -47.70 0.96
N ASP E 27 4.78 -47.97 2.27
CA ASP E 27 3.74 -48.62 3.05
C ASP E 27 2.95 -47.64 3.90
N MET E 28 3.17 -46.32 3.77
CA MET E 28 2.59 -45.35 4.69
C MET E 28 1.27 -44.80 4.14
N ASN E 29 0.98 -45.22 2.91
CA ASN E 29 -0.23 -44.81 2.23
C ASN E 29 -0.31 -43.30 2.18
N TYR E 30 0.77 -42.60 1.81
CA TYR E 30 0.73 -41.16 1.64
C TYR E 30 0.51 -40.82 0.18
N GLU E 31 -0.03 -39.63 -0.04
CA GLU E 31 -0.39 -39.16 -1.36
C GLU E 31 0.83 -38.82 -2.22
N TYR E 32 1.81 -38.15 -1.64
CA TYR E 32 2.86 -37.49 -2.41
C TYR E 32 4.08 -38.40 -2.55
N MET E 33 4.61 -38.50 -3.77
CA MET E 33 5.83 -39.27 -4.02
C MET E 33 6.64 -38.47 -5.03
N SER E 34 7.98 -38.64 -4.98
CA SER E 34 8.91 -37.80 -5.71
C SER E 34 10.12 -38.62 -6.14
N TRP E 35 10.82 -38.10 -7.15
CA TRP E 35 12.10 -38.63 -7.57
C TRP E 35 13.05 -37.46 -7.63
N TYR E 36 14.18 -37.62 -6.92
CA TYR E 36 15.27 -36.66 -6.98
C TYR E 36 16.52 -37.37 -7.48
N ARG E 37 17.43 -36.59 -8.07
CA ARG E 37 18.76 -37.09 -8.36
C ARG E 37 19.83 -36.20 -7.71
N GLN E 38 21.00 -36.80 -7.51
CA GLN E 38 22.09 -36.12 -6.83
C GLN E 38 23.42 -36.51 -7.48
N ASP E 39 24.08 -35.53 -8.09
CA ASP E 39 25.41 -35.75 -8.65
C ASP E 39 26.46 -35.37 -7.61
N PRO E 40 27.64 -36.03 -7.61
CA PRO E 40 28.60 -35.87 -6.51
C PRO E 40 28.99 -34.41 -6.22
N GLY E 41 29.04 -34.09 -4.92
CA GLY E 41 29.34 -32.74 -4.43
C GLY E 41 28.19 -31.74 -4.55
N MET E 42 27.00 -32.17 -5.04
CA MET E 42 25.86 -31.31 -5.33
C MET E 42 24.67 -31.75 -4.47
N GLY E 43 23.57 -30.99 -4.57
CA GLY E 43 22.37 -31.31 -3.81
C GLY E 43 21.41 -32.17 -4.63
N LEU E 44 20.29 -32.49 -4.03
CA LEU E 44 19.23 -33.20 -4.70
C LEU E 44 18.48 -32.24 -5.63
N ARG E 45 18.28 -32.64 -6.89
CA ARG E 45 17.36 -31.93 -7.79
C ARG E 45 16.14 -32.81 -8.11
N LEU E 46 14.93 -32.22 -8.03
CA LEU E 46 13.68 -32.92 -8.29
C LEU E 46 13.52 -33.22 -9.79
N ILE E 47 13.28 -34.51 -10.12
CA ILE E 47 13.05 -34.94 -11.49
C ILE E 47 11.56 -34.80 -11.81
N HIS E 48 10.73 -35.55 -11.07
CA HIS E 48 9.27 -35.59 -11.22
C HIS E 48 8.65 -35.86 -9.85
N TYR E 49 7.36 -35.55 -9.68
CA TYR E 49 6.61 -35.98 -8.51
C TYR E 49 5.15 -36.30 -8.82
N SER E 50 4.47 -36.88 -7.82
CA SER E 50 3.09 -37.28 -7.96
C SER E 50 2.32 -36.87 -6.70
N VAL E 51 1.28 -36.06 -6.93
CA VAL E 51 0.41 -35.53 -5.91
C VAL E 51 -0.54 -36.63 -5.37
N SER E 52 -0.96 -37.58 -6.21
CA SER E 52 -1.71 -38.76 -5.79
C SER E 52 -1.85 -39.75 -6.94
N ALA E 53 -2.42 -40.92 -6.63
CA ALA E 53 -2.68 -41.97 -7.61
C ALA E 53 -3.38 -41.36 -8.82
N GLY E 54 -2.80 -41.54 -10.01
CA GLY E 54 -3.39 -41.04 -11.24
C GLY E 54 -2.75 -39.74 -11.73
N LEU E 55 -1.93 -39.08 -10.91
CA LEU E 55 -1.40 -37.78 -11.27
C LEU E 55 0.14 -37.74 -11.19
N THR E 56 0.74 -36.97 -12.12
CA THR E 56 2.17 -36.71 -12.16
C THR E 56 2.41 -35.25 -12.57
N ASP E 57 3.62 -34.76 -12.25
CA ASP E 57 4.02 -33.38 -12.46
C ASP E 57 5.53 -33.32 -12.66
N GLN E 58 5.98 -32.44 -13.55
CA GLN E 58 7.39 -32.30 -13.79
C GLN E 58 8.05 -31.60 -12.61
N GLY E 59 9.36 -31.78 -12.48
CA GLY E 59 10.18 -31.08 -11.52
C GLY E 59 11.19 -30.21 -12.24
N GLU E 60 12.28 -29.90 -11.57
CA GLU E 60 13.31 -29.04 -12.13
C GLU E 60 13.96 -29.69 -13.35
N VAL E 61 14.20 -31.01 -13.33
CA VAL E 61 14.99 -31.67 -14.36
C VAL E 61 14.27 -32.92 -14.87
N PRO E 62 13.15 -32.73 -15.60
CA PRO E 62 12.34 -33.86 -16.04
C PRO E 62 12.92 -34.62 -17.25
N ASN E 63 13.79 -33.96 -18.03
CA ASN E 63 14.20 -34.45 -19.33
C ASN E 63 14.97 -35.75 -19.24
N GLY E 64 14.50 -36.76 -20.00
CA GLY E 64 15.12 -38.07 -20.10
C GLY E 64 14.35 -39.13 -19.34
N TYR E 65 13.32 -38.72 -18.61
CA TYR E 65 12.72 -39.52 -17.56
C TYR E 65 11.20 -39.44 -17.68
N ASN E 66 10.54 -40.58 -17.45
CA ASN E 66 9.10 -40.63 -17.30
C ASN E 66 8.78 -41.24 -15.96
N VAL E 67 7.59 -40.94 -15.44
CA VAL E 67 7.08 -41.57 -14.23
C VAL E 67 5.62 -41.95 -14.46
N SER E 68 5.11 -42.87 -13.65
CA SER E 68 3.69 -43.16 -13.67
C SER E 68 3.26 -43.50 -12.25
N ARG E 69 1.95 -43.39 -11.97
CA ARG E 69 1.41 -43.56 -10.63
C ARG E 69 0.01 -44.18 -10.71
N SER E 70 -0.06 -45.50 -10.92
CA SER E 70 -1.33 -46.21 -10.96
C SER E 70 -1.91 -46.36 -9.56
N THR E 71 -1.02 -46.62 -8.61
CA THR E 71 -1.42 -46.92 -7.24
C THR E 71 -0.85 -45.85 -6.33
N THR E 72 -1.39 -45.79 -5.12
CA THR E 72 -0.80 -44.99 -4.08
C THR E 72 0.61 -45.51 -3.80
N GLU E 73 0.77 -46.82 -3.79
CA GLU E 73 1.91 -47.47 -3.16
C GLU E 73 3.21 -47.25 -3.95
N ASP E 74 3.11 -47.06 -5.28
CA ASP E 74 4.25 -47.28 -6.16
C ASP E 74 4.44 -46.10 -7.09
N PHE E 75 5.69 -45.81 -7.45
CA PHE E 75 5.99 -44.63 -8.24
C PHE E 75 7.29 -44.90 -8.98
N PRO E 76 7.23 -45.67 -10.07
CA PRO E 76 8.42 -46.03 -10.82
C PRO E 76 8.94 -44.87 -11.66
N LEU E 77 10.26 -44.86 -11.82
CA LEU E 77 10.93 -43.88 -12.64
C LEU E 77 11.49 -44.68 -13.80
N ARG E 78 11.42 -44.06 -14.98
CA ARG E 78 11.69 -44.71 -16.23
C ARG E 78 12.67 -43.85 -17.01
N LEU E 79 13.87 -44.40 -17.21
CA LEU E 79 14.83 -43.83 -18.15
C LEU E 79 14.49 -44.37 -19.53
N LEU E 80 14.32 -43.45 -20.47
CA LEU E 80 13.96 -43.78 -21.85
C LEU E 80 15.20 -44.27 -22.59
N SER E 81 16.19 -43.39 -22.64
CA SER E 81 17.36 -43.56 -23.49
C SER E 81 18.59 -43.12 -22.69
N ALA E 82 19.17 -44.06 -21.93
CA ALA E 82 20.23 -43.75 -20.97
C ALA E 82 21.35 -42.98 -21.64
N ALA E 83 21.84 -41.95 -20.94
CA ALA E 83 22.96 -41.14 -21.40
C ALA E 83 23.92 -40.94 -20.23
N PRO E 84 25.23 -40.74 -20.53
CA PRO E 84 26.21 -40.58 -19.46
C PRO E 84 25.86 -39.47 -18.45
N SER E 85 25.25 -38.40 -18.94
CA SER E 85 24.84 -37.34 -18.05
C SER E 85 23.88 -37.84 -16.97
N GLN E 86 23.23 -38.99 -17.16
CA GLN E 86 22.25 -39.51 -16.21
C GLN E 86 22.89 -40.48 -15.21
N THR E 87 24.22 -40.59 -15.24
CA THR E 87 24.99 -41.18 -14.18
C THR E 87 24.82 -40.32 -12.94
N SER E 88 24.39 -40.92 -11.83
CA SER E 88 23.90 -40.14 -10.70
C SER E 88 23.37 -41.09 -9.64
N VAL E 89 22.99 -40.53 -8.49
CA VAL E 89 22.27 -41.30 -7.49
C VAL E 89 20.83 -40.79 -7.45
N TYR E 90 19.90 -41.73 -7.50
CA TYR E 90 18.48 -41.41 -7.60
C TYR E 90 17.86 -41.78 -6.27
N PHE E 91 17.01 -40.88 -5.76
CA PHE E 91 16.33 -41.09 -4.50
C PHE E 91 14.86 -40.84 -4.72
N CYS E 92 14.09 -41.82 -4.27
CA CYS E 92 12.65 -41.81 -4.24
C CYS E 92 12.24 -41.22 -2.91
N ALA E 93 11.11 -40.52 -2.81
CA ALA E 93 10.58 -40.25 -1.47
C ALA E 93 9.06 -40.25 -1.44
N SER E 94 8.53 -40.38 -0.21
CA SER E 94 7.12 -40.22 0.12
C SER E 94 6.92 -39.05 1.08
N HIS E 95 5.81 -38.31 0.94
CA HIS E 95 5.51 -37.16 1.78
C HIS E 95 4.02 -37.12 2.12
N ARG E 96 3.68 -36.71 3.34
CA ARG E 96 2.30 -36.53 3.82
C ARG E 96 1.62 -35.36 3.14
N ASN E 97 2.35 -34.25 3.02
CA ASN E 97 1.85 -33.03 2.41
C ASN E 97 2.83 -32.62 1.33
N ARG E 98 2.39 -31.75 0.43
CA ARG E 98 3.27 -31.22 -0.60
C ARG E 98 4.57 -30.67 0.00
N LEU E 99 4.48 -29.94 1.14
CA LEU E 99 5.60 -29.17 1.64
C LEU E 99 6.07 -29.62 3.03
N THR E 100 5.77 -30.87 3.44
CA THR E 100 6.26 -31.37 4.70
C THR E 100 7.43 -32.32 4.46
N GLU E 101 7.78 -33.13 5.49
CA GLU E 101 8.98 -33.97 5.52
C GLU E 101 8.95 -34.97 4.36
N ALA E 102 10.05 -35.01 3.61
CA ALA E 102 10.31 -36.07 2.66
C ALA E 102 10.97 -37.25 3.37
N PHE E 103 10.39 -38.45 3.18
CA PHE E 103 11.01 -39.67 3.62
C PHE E 103 11.59 -40.41 2.42
N PHE E 104 12.92 -40.48 2.35
CA PHE E 104 13.63 -41.00 1.21
C PHE E 104 13.88 -42.50 1.32
N GLY E 105 13.98 -43.16 0.15
CA GLY E 105 14.44 -44.53 0.06
C GLY E 105 15.97 -44.60 0.09
N GLN E 106 16.51 -45.83 -0.03
CA GLN E 106 17.91 -46.11 0.25
C GLN E 106 18.76 -45.63 -0.92
N GLY E 107 18.14 -45.44 -2.08
CA GLY E 107 18.81 -44.80 -3.20
C GLY E 107 19.24 -45.84 -4.23
N THR E 108 19.52 -45.33 -5.43
CA THR E 108 19.92 -46.15 -6.55
C THR E 108 21.10 -45.46 -7.20
N ARG E 109 22.25 -46.14 -7.15
CA ARG E 109 23.47 -45.63 -7.74
C ARG E 109 23.54 -46.20 -9.16
N LEU E 110 23.54 -45.32 -10.16
CA LEU E 110 23.36 -45.73 -11.54
C LEU E 110 24.48 -45.13 -12.40
N THR E 111 25.21 -45.98 -13.13
CA THR E 111 26.24 -45.51 -14.05
C THR E 111 25.90 -45.98 -15.46
N VAL E 112 26.07 -45.07 -16.43
CA VAL E 112 25.76 -45.29 -17.83
C VAL E 112 27.05 -45.22 -18.62
N VAL E 113 27.39 -46.29 -19.34
CA VAL E 113 28.70 -46.45 -19.96
C VAL E 113 28.51 -46.66 -21.46
N GLU E 114 29.47 -46.17 -22.27
CA GLU E 114 29.30 -46.18 -23.74
C GLU E 114 29.33 -47.61 -24.25
N ASP E 115 29.95 -48.53 -23.51
CA ASP E 115 30.13 -49.90 -23.97
C ASP E 115 30.39 -50.78 -22.76
N LEU E 116 29.69 -51.91 -22.63
CA LEU E 116 29.88 -52.80 -21.47
C LEU E 116 31.28 -53.42 -21.43
N LYS E 117 32.11 -53.16 -22.47
CA LYS E 117 33.50 -53.62 -22.49
C LYS E 117 34.28 -52.95 -21.36
N ASN E 118 33.79 -51.79 -20.88
CA ASN E 118 34.53 -50.96 -19.93
C ASN E 118 34.29 -51.38 -18.49
N VAL E 119 33.45 -52.41 -18.24
CA VAL E 119 33.15 -52.78 -16.87
C VAL E 119 34.10 -53.92 -16.48
N PHE E 120 34.89 -53.69 -15.41
CA PHE E 120 35.80 -54.69 -14.88
C PHE E 120 35.55 -54.87 -13.38
N PRO E 121 35.76 -56.07 -12.80
CA PRO E 121 35.61 -56.25 -11.35
C PRO E 121 36.86 -55.69 -10.69
N PRO E 122 36.97 -55.68 -9.35
CA PRO E 122 38.19 -55.25 -8.67
C PRO E 122 39.19 -56.39 -8.46
N GLU E 123 40.47 -56.06 -8.64
CA GLU E 123 41.56 -56.88 -8.15
C GLU E 123 41.89 -56.41 -6.73
N VAL E 124 41.97 -57.36 -5.78
CA VAL E 124 42.06 -57.08 -4.36
C VAL E 124 43.33 -57.70 -3.78
N ALA E 125 44.19 -56.87 -3.17
CA ALA E 125 45.38 -57.33 -2.48
C ALA E 125 45.39 -56.85 -1.02
N VAL E 126 45.73 -57.73 -0.06
CA VAL E 126 46.05 -57.32 1.31
C VAL E 126 47.55 -57.12 1.45
N PHE E 127 47.95 -55.98 2.05
CA PHE E 127 49.35 -55.68 2.32
C PHE E 127 49.65 -55.83 3.81
N GLU E 128 50.86 -56.31 4.11
CA GLU E 128 51.24 -56.77 5.44
C GLU E 128 51.98 -55.65 6.16
N PRO E 129 51.75 -55.47 7.50
CA PRO E 129 52.36 -54.40 8.32
C PRO E 129 53.88 -54.16 8.25
N SER E 130 54.31 -52.90 8.04
CA SER E 130 55.72 -52.56 8.16
C SER E 130 56.24 -53.05 9.51
N GLU E 131 57.39 -53.75 9.50
CA GLU E 131 58.06 -54.14 10.73
C GLU E 131 58.45 -52.86 11.49
N ALA E 132 58.93 -51.84 10.77
CA ALA E 132 59.28 -50.55 11.36
C ALA E 132 58.15 -50.10 12.29
N GLU E 133 56.97 -49.84 11.72
CA GLU E 133 55.76 -49.54 12.47
C GLU E 133 55.62 -50.39 13.73
N ILE E 134 55.92 -51.70 13.68
CA ILE E 134 55.66 -52.56 14.84
C ILE E 134 56.62 -52.24 16.00
N SER E 135 57.92 -52.05 15.71
CA SER E 135 58.90 -51.59 16.69
C SER E 135 58.43 -50.29 17.31
N HIS E 136 58.20 -49.32 16.40
CA HIS E 136 58.12 -47.90 16.69
C HIS E 136 56.85 -47.55 17.45
N THR E 137 55.84 -48.47 17.45
CA THR E 137 54.48 -48.19 17.89
C THR E 137 53.79 -49.38 18.60
N GLN E 138 54.23 -50.63 18.39
CA GLN E 138 53.53 -51.80 18.90
C GLN E 138 52.15 -51.96 18.26
N LYS E 139 51.99 -51.45 17.03
CA LYS E 139 50.71 -51.40 16.34
C LYS E 139 50.94 -51.70 14.86
N ALA E 140 50.03 -52.50 14.29
CA ALA E 140 50.18 -53.07 12.97
C ALA E 140 49.01 -52.66 12.07
N THR E 141 49.30 -51.87 11.02
CA THR E 141 48.34 -51.49 9.99
C THR E 141 48.40 -52.49 8.82
N LEU E 142 47.36 -53.31 8.66
CA LEU E 142 47.10 -53.97 7.39
C LEU E 142 46.53 -52.90 6.43
N VAL E 143 46.88 -52.98 5.14
CA VAL E 143 46.25 -52.15 4.12
C VAL E 143 45.56 -53.08 3.10
N CYS E 144 44.35 -52.71 2.69
CA CYS E 144 43.70 -53.34 1.54
C CYS E 144 43.71 -52.39 0.34
N LEU E 145 43.97 -52.93 -0.84
CA LEU E 145 43.90 -52.16 -2.05
C LEU E 145 43.05 -52.93 -3.05
N ALA E 146 42.10 -52.21 -3.66
CA ALA E 146 41.24 -52.73 -4.71
C ALA E 146 41.48 -51.89 -5.96
N THR E 147 41.77 -52.59 -7.09
CA THR E 147 42.29 -52.00 -8.30
C THR E 147 41.36 -52.29 -9.47
N GLY E 148 41.42 -51.37 -10.44
CA GLY E 148 40.92 -51.60 -11.80
C GLY E 148 39.45 -52.00 -11.88
N PHE E 149 38.60 -51.39 -11.04
CA PHE E 149 37.17 -51.68 -11.11
C PHE E 149 36.47 -50.53 -11.82
N TYR E 150 35.40 -50.93 -12.50
CA TYR E 150 34.46 -50.01 -13.09
C TYR E 150 33.15 -50.77 -13.29
N PRO E 151 31.96 -50.18 -13.01
CA PRO E 151 31.85 -48.81 -12.53
C PRO E 151 32.22 -48.73 -11.04
N ASP E 152 32.09 -47.54 -10.45
CA ASP E 152 32.50 -47.29 -9.08
C ASP E 152 31.40 -47.76 -8.13
N HIS E 153 31.13 -49.07 -8.08
CA HIS E 153 30.02 -49.60 -7.30
C HIS E 153 30.55 -50.72 -6.40
N VAL E 154 31.20 -50.37 -5.29
CA VAL E 154 31.94 -51.32 -4.47
C VAL E 154 31.67 -51.10 -2.97
N GLU E 155 31.64 -52.19 -2.17
CA GLU E 155 31.58 -52.12 -0.72
C GLU E 155 32.68 -52.99 -0.09
N LEU E 156 33.65 -52.35 0.58
CA LEU E 156 34.83 -53.00 1.15
C LEU E 156 34.60 -53.26 2.64
N SER E 157 34.78 -54.51 3.09
CA SER E 157 34.69 -54.83 4.50
C SER E 157 35.97 -55.56 4.94
N TRP E 158 36.17 -55.65 6.27
CA TRP E 158 37.25 -56.41 6.88
C TRP E 158 36.63 -57.52 7.71
N TRP E 159 37.15 -58.75 7.54
CA TRP E 159 36.70 -59.91 8.31
C TRP E 159 37.88 -60.53 9.05
N VAL E 160 37.74 -60.62 10.38
CA VAL E 160 38.81 -61.02 11.28
C VAL E 160 38.40 -62.34 11.93
N ASN E 161 39.12 -63.39 11.53
CA ASN E 161 38.72 -64.75 11.85
C ASN E 161 37.25 -64.87 11.45
N GLY E 162 36.95 -64.58 10.17
CA GLY E 162 35.66 -64.87 9.54
C GLY E 162 34.45 -64.19 10.16
N LYS E 163 34.67 -63.08 10.86
CA LYS E 163 33.61 -62.23 11.40
C LYS E 163 33.93 -60.78 11.02
N GLU E 164 32.90 -59.98 10.68
CA GLU E 164 33.13 -58.64 10.17
C GLU E 164 33.48 -57.72 11.34
N VAL E 165 34.46 -56.84 11.13
CA VAL E 165 34.96 -55.95 12.19
C VAL E 165 34.76 -54.51 11.75
N HIS E 166 34.67 -53.62 12.73
CA HIS E 166 34.53 -52.20 12.44
C HIS E 166 35.67 -51.45 13.13
N SER E 167 35.87 -51.71 14.43
CA SER E 167 36.95 -51.06 15.17
C SER E 167 38.26 -51.21 14.41
N GLY E 168 39.04 -50.12 14.40
CA GLY E 168 40.35 -50.09 13.78
C GLY E 168 40.33 -49.82 12.27
N VAL E 169 39.16 -49.58 11.67
CA VAL E 169 39.04 -49.58 10.22
C VAL E 169 38.81 -48.17 9.67
N CYS E 170 39.28 -47.93 8.44
CA CYS E 170 39.20 -46.63 7.80
C CYS E 170 39.30 -46.75 6.28
N THR E 171 38.19 -46.55 5.55
CA THR E 171 38.21 -46.73 4.11
C THR E 171 38.17 -45.37 3.44
N ASP E 172 38.94 -45.19 2.38
CA ASP E 172 38.78 -43.99 1.57
C ASP E 172 37.30 -43.68 1.34
N PRO E 173 36.87 -42.42 1.49
CA PRO E 173 35.47 -42.05 1.25
C PRO E 173 35.08 -42.19 -0.22
N GLN E 174 35.87 -41.58 -1.13
CA GLN E 174 35.74 -41.86 -2.55
C GLN E 174 36.95 -42.66 -2.99
N PRO E 175 36.88 -43.27 -4.20
CA PRO E 175 38.05 -43.86 -4.84
C PRO E 175 38.82 -42.97 -5.82
N LEU E 176 39.96 -43.50 -6.28
CA LEU E 176 40.86 -42.80 -7.18
C LEU E 176 40.66 -43.29 -8.61
N LYS E 177 40.58 -42.33 -9.55
CA LYS E 177 40.63 -42.62 -10.98
C LYS E 177 42.05 -43.00 -11.38
N GLU E 178 42.25 -44.24 -11.83
CA GLU E 178 43.57 -44.69 -12.26
C GLU E 178 44.03 -43.83 -13.43
N GLN E 179 43.12 -43.47 -14.34
CA GLN E 179 43.40 -42.46 -15.36
C GLN E 179 42.43 -41.28 -15.21
N PRO E 180 42.85 -40.16 -14.57
CA PRO E 180 41.99 -38.98 -14.43
C PRO E 180 41.51 -38.32 -15.74
N ALA E 181 42.24 -38.55 -16.84
CA ALA E 181 41.89 -38.00 -18.14
C ALA E 181 40.58 -38.62 -18.64
N LEU E 182 40.57 -39.95 -18.85
CA LEU E 182 39.50 -40.64 -19.54
C LEU E 182 38.21 -40.65 -18.72
N ASN E 183 37.13 -40.13 -19.34
CA ASN E 183 35.78 -40.14 -18.79
C ASN E 183 35.38 -41.55 -18.35
N ASP E 184 35.80 -42.55 -19.14
CA ASP E 184 35.71 -43.94 -18.74
C ASP E 184 37.08 -44.32 -18.16
N SER E 185 37.27 -43.98 -16.88
CA SER E 185 38.42 -44.42 -16.10
C SER E 185 37.97 -45.44 -15.05
N ARG E 186 38.83 -46.44 -14.82
CA ARG E 186 38.65 -47.44 -13.78
C ARG E 186 39.26 -46.88 -12.48
N TYR E 187 38.98 -47.56 -11.37
CA TYR E 187 39.01 -46.93 -10.06
C TYR E 187 39.87 -47.74 -9.09
N ALA E 188 40.36 -47.08 -8.03
CA ALA E 188 41.08 -47.76 -6.97
C ALA E 188 40.55 -47.29 -5.63
N LEU E 189 40.53 -48.16 -4.62
CA LEU E 189 40.06 -47.80 -3.30
C LEU E 189 40.99 -48.42 -2.26
N SER E 190 41.40 -47.64 -1.25
CA SER E 190 42.22 -48.17 -0.16
C SER E 190 41.43 -48.21 1.13
N SER E 191 41.87 -49.07 2.06
CA SER E 191 41.29 -49.18 3.39
C SER E 191 42.33 -49.69 4.37
N ARG E 192 42.18 -49.33 5.66
CA ARG E 192 43.15 -49.70 6.69
C ARG E 192 42.45 -50.46 7.81
N LEU E 193 43.11 -51.51 8.28
CA LEU E 193 42.81 -52.17 9.55
C LEU E 193 44.08 -52.18 10.38
N ARG E 194 43.94 -51.74 11.62
CA ARG E 194 45.09 -51.53 12.48
C ARG E 194 44.76 -52.21 13.78
N VAL E 195 45.70 -53.02 14.25
CA VAL E 195 45.47 -53.79 15.44
C VAL E 195 46.81 -53.88 16.17
N SER E 196 46.78 -54.29 17.44
CA SER E 196 47.99 -54.41 18.25
C SER E 196 48.96 -55.38 17.57
N ALA E 197 50.26 -55.08 17.65
CA ALA E 197 51.28 -55.97 17.11
C ALA E 197 51.08 -57.41 17.64
N THR E 198 50.47 -57.55 18.83
CA THR E 198 50.23 -58.83 19.50
C THR E 198 49.20 -59.67 18.72
N PHE E 199 48.05 -59.08 18.38
CA PHE E 199 47.01 -59.77 17.63
C PHE E 199 47.46 -60.02 16.19
N TRP E 200 48.35 -59.17 15.66
CA TRP E 200 49.02 -59.46 14.41
C TRP E 200 49.91 -60.72 14.49
N GLN E 201 50.69 -60.90 15.58
CA GLN E 201 51.71 -61.93 15.55
C GLN E 201 51.27 -63.25 16.21
N ASP E 202 49.97 -63.45 16.47
CA ASP E 202 49.36 -64.75 16.70
C ASP E 202 49.15 -65.41 15.33
N PRO E 203 49.87 -66.50 14.97
CA PRO E 203 49.67 -67.13 13.66
C PRO E 203 48.31 -67.78 13.40
N ARG E 204 47.50 -67.99 14.44
CA ARG E 204 46.19 -68.59 14.28
C ARG E 204 45.13 -67.51 14.04
N ASN E 205 45.50 -66.37 13.39
CA ASN E 205 44.64 -65.23 13.09
C ASN E 205 44.56 -64.91 11.59
N HIS E 206 43.31 -64.84 11.07
CA HIS E 206 42.97 -64.70 9.65
C HIS E 206 42.31 -63.34 9.42
N PHE E 207 42.99 -62.44 8.69
CA PHE E 207 42.42 -61.16 8.31
C PHE E 207 42.04 -61.23 6.83
N ARG E 208 40.80 -60.84 6.48
CA ARG E 208 40.34 -60.83 5.10
C ARG E 208 39.71 -59.50 4.74
N CYS E 209 40.16 -58.96 3.60
CA CYS E 209 39.61 -57.78 2.95
C CYS E 209 38.64 -58.18 1.84
N GLN E 210 37.34 -58.13 2.14
CA GLN E 210 36.23 -58.37 1.21
C GLN E 210 35.84 -57.11 0.45
N VAL E 211 35.59 -57.25 -0.87
CA VAL E 211 35.15 -56.15 -1.72
C VAL E 211 34.00 -56.61 -2.60
N GLN E 212 32.76 -56.29 -2.19
CA GLN E 212 31.58 -56.53 -3.02
C GLN E 212 31.60 -55.60 -4.24
N PHE E 213 31.39 -56.16 -5.44
CA PHE E 213 31.27 -55.38 -6.68
C PHE E 213 29.94 -55.65 -7.38
N TYR E 214 29.39 -54.60 -8.02
CA TYR E 214 28.13 -54.66 -8.75
C TYR E 214 28.41 -54.37 -10.22
N GLY E 215 28.16 -55.38 -11.06
CA GLY E 215 28.38 -55.30 -12.48
C GLY E 215 27.16 -55.81 -13.23
N LEU E 216 27.38 -56.80 -14.12
CA LEU E 216 26.36 -57.31 -15.02
C LEU E 216 25.55 -58.41 -14.34
N SER E 217 24.36 -58.69 -14.91
CA SER E 217 23.49 -59.77 -14.48
C SER E 217 23.73 -60.99 -15.36
N GLU E 218 23.18 -62.14 -14.92
CA GLU E 218 23.24 -63.36 -15.70
C GLU E 218 22.59 -63.10 -17.06
N ASN E 219 21.50 -62.33 -17.09
CA ASN E 219 20.78 -62.09 -18.34
C ASN E 219 21.52 -61.10 -19.25
N ASP E 220 22.59 -60.43 -18.83
CA ASP E 220 23.40 -59.62 -19.74
C ASP E 220 24.21 -60.51 -20.68
N GLU E 221 24.61 -59.96 -21.83
CA GLU E 221 25.27 -60.75 -22.88
C GLU E 221 26.73 -60.33 -22.98
N TRP E 222 27.64 -61.31 -22.91
CA TRP E 222 29.08 -61.06 -22.84
C TRP E 222 29.83 -61.73 -24.00
N THR E 223 30.64 -60.91 -24.71
CA THR E 223 31.26 -61.29 -25.96
C THR E 223 32.75 -60.92 -25.92
N GLN E 224 33.53 -61.56 -25.03
CA GLN E 224 34.93 -61.24 -24.80
C GLN E 224 35.67 -62.43 -24.20
N ASP E 225 37.00 -62.44 -24.38
CA ASP E 225 37.84 -63.50 -23.82
C ASP E 225 38.02 -63.30 -22.31
N ARG E 226 37.77 -62.08 -21.80
CA ARG E 226 37.70 -61.81 -20.37
C ARG E 226 36.59 -62.64 -19.75
N ALA E 227 36.66 -62.80 -18.42
CA ALA E 227 35.61 -63.41 -17.61
C ALA E 227 34.55 -62.36 -17.26
N LYS E 228 33.29 -62.81 -17.17
CA LYS E 228 32.14 -61.92 -17.32
C LYS E 228 31.97 -61.06 -16.06
N PRO E 229 32.07 -59.71 -16.18
CA PRO E 229 32.10 -58.84 -15.00
C PRO E 229 30.75 -58.85 -14.29
N VAL E 230 30.42 -59.99 -13.69
CA VAL E 230 29.17 -60.15 -12.98
C VAL E 230 29.35 -59.56 -11.57
N THR E 231 28.23 -59.37 -10.87
CA THR E 231 28.24 -59.15 -9.44
C THR E 231 28.86 -60.34 -8.71
N GLN E 232 29.67 -60.05 -7.68
CA GLN E 232 30.60 -60.99 -7.10
C GLN E 232 31.37 -60.29 -5.98
N ILE E 233 31.86 -61.07 -5.02
CA ILE E 233 32.82 -60.57 -4.04
C ILE E 233 34.23 -60.94 -4.52
N VAL E 234 35.19 -60.04 -4.30
CA VAL E 234 36.59 -60.37 -4.43
C VAL E 234 37.28 -60.12 -3.08
N SER E 235 38.00 -61.13 -2.57
CA SER E 235 38.67 -61.07 -1.28
C SER E 235 40.18 -61.12 -1.45
N ALA E 236 40.89 -60.95 -0.32
CA ALA E 236 42.32 -61.17 -0.21
C ALA E 236 42.66 -61.41 1.26
N GLU E 237 43.75 -62.11 1.56
CA GLU E 237 44.06 -62.43 2.95
C GLU E 237 45.55 -62.43 3.22
N ALA E 238 45.83 -62.26 4.52
CA ALA E 238 47.06 -62.68 5.16
C ALA E 238 46.68 -63.47 6.41
N TRP E 239 47.63 -64.24 6.92
CA TRP E 239 47.51 -64.80 8.26
C TRP E 239 48.39 -64.01 9.20
N GLY E 240 48.13 -64.17 10.52
CA GLY E 240 48.97 -63.63 11.58
C GLY E 240 50.30 -64.36 11.71
N ARG E 241 51.37 -63.65 12.13
CA ARG E 241 52.72 -64.16 11.95
C ARG E 241 53.58 -63.95 13.21
N ALA E 242 54.00 -65.07 13.82
CA ALA E 242 54.98 -65.12 14.90
C ALA E 242 56.07 -64.05 14.75
N ASP E 243 56.69 -64.01 13.56
CA ASP E 243 57.26 -62.81 12.95
C ASP E 243 57.77 -63.17 11.54
N GLY F 1 -10.78 4.52 14.08
CA GLY F 1 -11.72 5.51 14.64
C GLY F 1 -11.34 6.96 14.31
N SER F 2 -11.44 7.84 15.32
CA SER F 2 -11.07 9.25 15.19
C SER F 2 -9.56 9.37 14.95
N HIS F 3 -9.18 9.72 13.73
CA HIS F 3 -7.83 10.13 13.38
C HIS F 3 -7.86 11.61 13.02
N SER F 4 -6.71 12.27 13.10
CA SER F 4 -6.70 13.70 12.84
C SER F 4 -5.37 14.13 12.25
N LEU F 5 -5.42 15.12 11.36
CA LEU F 5 -4.25 15.78 10.83
C LEU F 5 -4.28 17.26 11.25
N LYS F 6 -3.24 17.67 11.98
CA LYS F 6 -3.18 18.95 12.67
C LYS F 6 -1.84 19.62 12.43
N TYR F 7 -1.86 20.94 12.28
CA TYR F 7 -0.66 21.73 12.24
C TYR F 7 -0.68 22.82 13.32
N PHE F 8 0.50 23.14 13.84
CA PHE F 8 0.63 24.17 14.85
C PHE F 8 1.70 25.16 14.39
N HIS F 9 1.29 26.40 14.23
CA HIS F 9 2.16 27.41 13.63
C HIS F 9 2.50 28.45 14.70
N THR F 10 3.82 28.76 14.82
CA THR F 10 4.26 29.79 15.75
C THR F 10 5.18 30.78 15.06
N SER F 11 4.83 32.06 15.19
CA SER F 11 5.66 33.12 14.66
C SER F 11 5.92 34.16 15.76
N VAL F 12 7.21 34.48 15.96
CA VAL F 12 7.63 35.38 17.03
C VAL F 12 8.53 36.49 16.47
N SER F 13 8.11 37.76 16.66
CA SER F 13 8.86 38.91 16.17
C SER F 13 10.14 39.05 16.99
N ARG F 14 11.23 39.41 16.29
CA ARG F 14 12.54 39.63 16.88
C ARG F 14 13.01 41.05 16.55
N PRO F 15 12.47 42.13 17.14
CA PRO F 15 12.84 43.50 16.75
C PRO F 15 14.34 43.76 16.62
N GLY F 16 14.75 44.29 15.44
CA GLY F 16 16.14 44.45 15.03
C GLY F 16 17.03 43.23 15.28
N ARG F 17 16.53 42.02 15.05
CA ARG F 17 17.34 40.81 15.03
C ARG F 17 16.92 39.97 13.83
N GLY F 18 16.47 40.65 12.76
CA GLY F 18 15.96 40.00 11.57
C GLY F 18 14.43 39.84 11.56
N GLU F 19 13.95 39.01 10.62
CA GLU F 19 12.54 38.73 10.46
C GLU F 19 12.09 37.71 11.51
N PRO F 20 10.76 37.61 11.76
CA PRO F 20 10.25 36.84 12.89
C PRO F 20 10.63 35.36 12.76
N ARG F 21 10.81 34.71 13.91
CA ARG F 21 10.97 33.29 13.91
C ARG F 21 9.64 32.71 13.43
N PHE F 22 9.69 31.70 12.55
CA PHE F 22 8.49 30.97 12.18
C PHE F 22 8.77 29.48 12.29
N ILE F 23 7.93 28.78 13.05
CA ILE F 23 8.02 27.34 13.19
C ILE F 23 6.65 26.74 12.92
N SER F 24 6.63 25.64 12.15
CA SER F 24 5.40 24.91 11.86
C SER F 24 5.63 23.43 12.07
N VAL F 25 4.81 22.79 12.90
CA VAL F 25 4.89 21.35 13.09
C VAL F 25 3.57 20.69 12.69
N GLY F 26 3.71 19.49 12.08
CA GLY F 26 2.58 18.72 11.63
C GLY F 26 2.46 17.40 12.37
N TYR F 27 1.25 17.14 12.90
CA TYR F 27 0.94 15.90 13.59
C TYR F 27 -0.15 15.10 12.88
N VAL F 28 0.00 13.78 12.85
CA VAL F 28 -1.13 12.87 12.66
C VAL F 28 -1.41 12.22 14.01
N ASP F 29 -2.59 12.48 14.58
CA ASP F 29 -2.89 11.98 15.91
C ASP F 29 -1.83 12.55 16.86
N ASP F 30 -1.04 11.68 17.49
CA ASP F 30 -0.08 12.03 18.52
C ASP F 30 1.35 11.86 18.03
N THR F 31 1.54 11.86 16.72
CA THR F 31 2.80 11.58 16.07
C THR F 31 3.22 12.78 15.23
N GLN F 32 4.33 13.43 15.60
CA GLN F 32 4.85 14.50 14.77
C GLN F 32 5.45 13.86 13.52
N PHE F 33 5.25 14.48 12.35
CA PHE F 33 5.68 13.88 11.10
C PHE F 33 6.42 14.88 10.19
N VAL F 34 6.19 16.18 10.34
CA VAL F 34 6.94 17.14 9.55
C VAL F 34 7.25 18.37 10.41
N ARG F 35 8.14 19.18 9.85
CA ARG F 35 8.51 20.41 10.52
C ARG F 35 9.12 21.38 9.52
N PHE F 36 8.77 22.64 9.76
CA PHE F 36 9.47 23.73 9.14
C PHE F 36 9.91 24.74 10.20
N ASP F 37 11.17 25.14 10.07
CA ASP F 37 11.75 26.13 10.96
C ASP F 37 12.65 27.04 10.13
N ASN F 38 12.36 28.35 10.13
CA ASN F 38 13.11 29.26 9.28
C ASN F 38 14.47 29.66 9.87
N ASP F 39 15.01 28.99 10.91
CA ASP F 39 16.39 29.21 11.33
C ASP F 39 17.34 28.21 10.67
N ALA F 40 17.69 28.58 9.44
CA ALA F 40 18.65 27.92 8.57
C ALA F 40 18.83 28.84 7.35
N ALA F 41 19.75 28.50 6.42
CA ALA F 41 20.04 29.32 5.24
C ALA F 41 18.93 29.15 4.20
N SER F 42 18.83 27.93 3.64
CA SER F 42 17.62 27.35 3.04
C SER F 42 16.81 26.67 4.16
N PRO F 43 15.75 27.32 4.70
CA PRO F 43 14.83 26.63 5.59
C PRO F 43 13.95 25.76 4.69
N ARG F 44 13.73 24.50 5.08
CA ARG F 44 12.96 23.57 4.27
C ARG F 44 12.02 22.76 5.15
N MET F 45 10.95 22.27 4.54
CA MET F 45 10.09 21.37 5.28
C MET F 45 10.79 20.00 5.27
N VAL F 46 10.79 19.34 6.43
CA VAL F 46 11.59 18.14 6.57
C VAL F 46 10.77 17.11 7.33
N PRO F 47 11.07 15.82 7.09
CA PRO F 47 10.39 14.72 7.76
C PRO F 47 10.85 14.65 9.21
N ARG F 48 9.91 14.23 10.07
CA ARG F 48 10.15 14.08 11.48
C ARG F 48 9.50 12.82 12.00
N ALA F 49 9.14 11.93 11.08
CA ALA F 49 8.77 10.58 11.40
C ALA F 49 9.44 9.73 10.34
N PRO F 50 9.82 8.48 10.66
CA PRO F 50 10.57 7.64 9.72
C PRO F 50 9.77 7.33 8.47
N TRP F 51 8.46 7.19 8.61
CA TRP F 51 7.62 6.82 7.48
C TRP F 51 7.43 7.95 6.49
N MET F 52 7.96 9.14 6.77
CA MET F 52 7.99 10.20 5.78
C MET F 52 9.33 10.25 5.05
N GLU F 53 10.35 9.48 5.50
CA GLU F 53 11.72 9.68 5.04
C GLU F 53 11.86 9.28 3.57
N GLN F 54 10.82 8.71 2.97
CA GLN F 54 10.93 8.16 1.64
C GLN F 54 9.92 8.81 0.71
N GLU F 55 9.43 10.01 1.09
CA GLU F 55 8.65 10.85 0.19
C GLU F 55 9.54 11.64 -0.75
N GLY F 56 9.14 11.74 -2.02
CA GLY F 56 9.98 12.34 -3.05
C GLY F 56 9.97 13.84 -2.99
N SER F 57 10.83 14.44 -3.83
CA SER F 57 11.04 15.87 -3.84
C SER F 57 9.80 16.69 -4.24
N GLU F 58 8.78 16.07 -4.83
CA GLU F 58 7.56 16.78 -5.16
C GLU F 58 6.90 17.17 -3.83
N TYR F 59 6.89 16.25 -2.85
CA TYR F 59 6.30 16.58 -1.56
C TYR F 59 7.09 17.68 -0.87
N TRP F 60 8.43 17.57 -0.80
CA TRP F 60 9.20 18.51 0.02
C TRP F 60 9.28 19.89 -0.65
N ASP F 61 9.44 19.93 -1.97
CA ASP F 61 9.45 21.19 -2.71
C ASP F 61 8.15 21.97 -2.50
N ARG F 62 7.00 21.29 -2.61
CA ARG F 62 5.72 21.95 -2.48
C ARG F 62 5.55 22.43 -1.06
N GLU F 63 5.78 21.53 -0.10
CA GLU F 63 5.52 21.85 1.30
C GLU F 63 6.48 22.91 1.80
N THR F 64 7.69 22.96 1.23
CA THR F 64 8.60 24.05 1.53
C THR F 64 7.98 25.36 1.04
N ARG F 65 7.56 25.38 -0.22
CA ARG F 65 7.03 26.62 -0.76
C ARG F 65 5.86 27.08 0.11
N SER F 66 5.03 26.12 0.48
CA SER F 66 3.79 26.43 1.17
C SER F 66 4.10 26.98 2.55
N ALA F 67 5.15 26.42 3.19
CA ALA F 67 5.57 26.84 4.52
C ALA F 67 6.21 28.24 4.47
N ARG F 68 7.05 28.48 3.45
CA ARG F 68 7.59 29.81 3.29
C ARG F 68 6.47 30.83 3.08
N ASP F 69 5.48 30.51 2.20
CA ASP F 69 4.34 31.42 1.99
C ASP F 69 3.68 31.75 3.34
N THR F 70 3.54 30.73 4.18
CA THR F 70 2.87 30.86 5.46
C THR F 70 3.67 31.80 6.37
N ALA F 71 5.00 31.62 6.43
CA ALA F 71 5.86 32.51 7.22
C ALA F 71 5.70 33.98 6.76
N GLN F 72 5.69 34.19 5.45
CA GLN F 72 5.56 35.52 4.89
C GLN F 72 4.26 36.19 5.33
N ILE F 73 3.16 35.44 5.26
CA ILE F 73 1.86 36.01 5.59
C ILE F 73 1.81 36.29 7.08
N PHE F 74 2.48 35.44 7.87
CA PHE F 74 2.50 35.69 9.31
C PHE F 74 3.27 36.97 9.67
N ARG F 75 4.29 37.29 8.87
CA ARG F 75 5.03 38.52 9.06
C ARG F 75 4.09 39.69 8.75
N VAL F 76 3.32 39.55 7.65
CA VAL F 76 2.31 40.54 7.31
C VAL F 76 1.25 40.68 8.43
N ASN F 77 0.72 39.57 8.93
CA ASN F 77 -0.27 39.68 10.00
C ASN F 77 0.34 40.27 11.29
N LEU F 78 1.61 39.95 11.62
CA LEU F 78 2.24 40.57 12.79
C LEU F 78 2.28 42.08 12.64
N ARG F 79 2.70 42.60 11.47
CA ARG F 79 2.65 44.03 11.16
C ARG F 79 1.23 44.54 11.40
N THR F 80 0.25 43.90 10.76
CA THR F 80 -1.11 44.41 10.79
C THR F 80 -1.63 44.46 12.22
N LEU F 81 -1.39 43.42 13.04
CA LEU F 81 -1.92 43.40 14.40
C LEU F 81 -1.23 44.46 15.29
N ARG F 82 0.05 44.71 15.03
CA ARG F 82 0.79 45.76 15.72
C ARG F 82 0.08 47.11 15.48
N GLY F 83 -0.36 47.38 14.24
CA GLY F 83 -1.16 48.57 13.97
C GLY F 83 -2.48 48.58 14.71
N TYR F 84 -3.24 47.49 14.61
CA TYR F 84 -4.54 47.47 15.26
C TYR F 84 -4.41 47.88 16.72
N TYR F 85 -3.41 47.36 17.44
CA TYR F 85 -3.30 47.51 18.89
C TYR F 85 -2.39 48.69 19.24
N ASN F 86 -1.85 49.35 18.21
CA ASN F 86 -1.12 50.59 18.38
C ASN F 86 0.16 50.30 19.16
N GLN F 87 0.85 49.20 18.84
CA GLN F 87 2.05 48.77 19.53
C GLN F 87 3.26 49.18 18.70
N SER F 88 4.39 49.51 19.34
CA SER F 88 5.55 49.85 18.52
C SER F 88 6.27 48.59 18.07
N GLU F 89 7.20 48.73 17.13
CA GLU F 89 8.13 47.69 16.77
C GLU F 89 9.08 47.28 17.90
N ALA F 90 9.12 47.99 19.04
CA ALA F 90 10.15 47.76 20.05
C ALA F 90 10.04 46.37 20.65
N GLY F 91 8.80 45.93 20.82
CA GLY F 91 8.48 44.73 21.58
C GLY F 91 8.39 43.52 20.68
N SER F 92 8.63 42.35 21.28
CA SER F 92 8.37 41.07 20.65
C SER F 92 6.89 40.66 20.78
N HIS F 93 6.30 40.15 19.70
CA HIS F 93 4.95 39.62 19.70
C HIS F 93 4.90 38.21 19.10
N THR F 94 3.89 37.45 19.55
CA THR F 94 3.65 36.08 19.12
C THR F 94 2.29 35.94 18.44
N LEU F 95 2.31 35.45 17.18
CA LEU F 95 1.10 35.00 16.49
C LEU F 95 1.15 33.47 16.30
N GLN F 96 0.06 32.81 16.73
CA GLN F 96 -0.10 31.36 16.63
C GLN F 96 -1.33 31.03 15.76
N TRP F 97 -1.25 29.92 15.00
CA TRP F 97 -2.37 29.39 14.23
C TRP F 97 -2.44 27.89 14.47
N MET F 98 -3.59 27.35 14.87
CA MET F 98 -3.80 25.91 14.87
C MET F 98 -5.04 25.55 14.05
N HIS F 99 -4.95 24.48 13.26
CA HIS F 99 -6.05 23.96 12.48
C HIS F 99 -5.92 22.44 12.43
N GLY F 100 -7.07 21.75 12.37
CA GLY F 100 -7.08 20.32 12.10
C GLY F 100 -8.41 19.81 11.53
N CYS F 101 -8.33 18.63 10.90
CA CYS F 101 -9.47 17.84 10.44
C CYS F 101 -9.46 16.49 11.17
N GLU F 102 -10.66 16.04 11.62
CA GLU F 102 -10.87 14.72 12.19
C GLU F 102 -11.79 13.83 11.33
N LEU F 103 -11.41 12.56 11.21
CA LEU F 103 -12.20 11.49 10.62
C LEU F 103 -12.99 10.77 11.68
N GLY F 104 -14.20 10.36 11.30
CA GLY F 104 -14.95 9.41 12.09
C GLY F 104 -14.56 7.95 11.82
N PRO F 105 -15.25 7.00 12.48
CA PRO F 105 -15.02 5.58 12.20
C PRO F 105 -15.27 5.19 10.75
N ASP F 106 -15.98 6.03 10.00
CA ASP F 106 -16.27 5.68 8.62
C ASP F 106 -15.15 6.14 7.70
N GLY F 107 -14.15 6.83 8.23
CA GLY F 107 -13.07 7.31 7.38
C GLY F 107 -13.44 8.63 6.71
N ARG F 108 -14.55 9.22 7.13
CA ARG F 108 -15.04 10.43 6.52
C ARG F 108 -14.84 11.64 7.45
N PHE F 109 -14.87 12.82 6.86
CA PHE F 109 -14.84 14.03 7.61
C PHE F 109 -15.87 13.98 8.73
N LEU F 110 -15.44 14.29 9.95
CA LEU F 110 -16.32 14.41 11.09
C LEU F 110 -16.30 15.86 11.60
N ARG F 111 -15.13 16.49 11.78
CA ARG F 111 -15.13 17.89 12.19
C ARG F 111 -13.79 18.52 11.85
N GLY F 112 -13.79 19.86 11.82
CA GLY F 112 -12.63 20.68 11.54
C GLY F 112 -12.52 21.78 12.60
N TYR F 113 -11.33 22.40 12.72
CA TYR F 113 -11.15 23.49 13.68
C TYR F 113 -10.02 24.39 13.21
N GLU F 114 -10.09 25.67 13.63
CA GLU F 114 -9.13 26.68 13.16
C GLU F 114 -9.24 27.91 14.06
N GLN F 115 -8.09 28.26 14.66
CA GLN F 115 -8.01 29.35 15.63
C GLN F 115 -6.71 30.10 15.44
N PHE F 116 -6.76 31.43 15.65
CA PHE F 116 -5.60 32.30 15.76
C PHE F 116 -5.46 32.85 17.20
N ALA F 117 -4.22 33.03 17.69
CA ALA F 117 -4.01 33.71 18.95
C ALA F 117 -2.92 34.77 18.81
N TYR F 118 -3.13 35.91 19.47
CA TYR F 118 -2.12 36.97 19.53
C TYR F 118 -1.69 37.14 20.97
N ASP F 119 -0.34 37.09 21.17
CA ASP F 119 0.28 37.20 22.49
C ASP F 119 -0.42 36.26 23.48
N GLY F 120 -0.75 35.03 23.06
CA GLY F 120 -1.23 33.98 23.96
C GLY F 120 -2.71 34.04 24.38
N LYS F 121 -3.51 34.87 23.72
CA LYS F 121 -4.97 34.87 23.89
C LYS F 121 -5.65 34.60 22.54
N ASP F 122 -6.79 33.90 22.58
CA ASP F 122 -7.65 33.80 21.43
C ASP F 122 -7.81 35.18 20.83
N TYR F 123 -7.82 35.19 19.51
CA TYR F 123 -8.02 36.38 18.71
C TYR F 123 -9.18 36.18 17.73
N LEU F 124 -9.06 35.16 16.87
CA LEU F 124 -10.10 34.89 15.89
C LEU F 124 -10.32 33.38 15.80
N THR F 125 -11.58 32.97 15.94
CA THR F 125 -11.94 31.56 15.88
C THR F 125 -12.91 31.29 14.75
N LEU F 126 -12.62 30.26 13.97
CA LEU F 126 -13.56 29.74 12.99
C LEU F 126 -14.60 28.95 13.76
N ASN F 127 -15.88 29.25 13.51
CA ASN F 127 -16.92 28.58 14.28
C ASN F 127 -17.09 27.16 13.75
N GLU F 128 -17.76 26.34 14.57
CA GLU F 128 -17.96 24.92 14.35
C GLU F 128 -18.55 24.64 12.98
N ASP F 129 -19.39 25.52 12.44
CA ASP F 129 -19.97 25.34 11.11
C ASP F 129 -19.00 25.68 9.99
N LEU F 130 -17.78 26.13 10.31
CA LEU F 130 -16.79 26.44 9.28
C LEU F 130 -17.30 27.45 8.25
N ARG F 131 -18.24 28.32 8.63
CA ARG F 131 -18.85 29.24 7.68
C ARG F 131 -18.66 30.69 8.09
N SER F 132 -18.09 30.94 9.28
CA SER F 132 -18.11 32.26 9.92
C SER F 132 -17.12 32.27 11.10
N TRP F 133 -16.84 33.47 11.63
CA TRP F 133 -15.83 33.65 12.66
C TRP F 133 -16.39 34.34 13.91
N THR F 134 -15.71 34.07 15.04
CA THR F 134 -15.90 34.82 16.28
C THR F 134 -14.65 35.64 16.62
N ALA F 135 -14.84 36.95 16.75
CA ALA F 135 -13.79 37.87 17.15
C ALA F 135 -13.86 38.15 18.65
N VAL F 136 -12.68 38.24 19.31
CA VAL F 136 -12.63 38.45 20.76
C VAL F 136 -12.75 39.93 21.10
N ASP F 137 -12.50 40.86 20.14
CA ASP F 137 -12.42 42.29 20.43
C ASP F 137 -12.51 43.11 19.14
N THR F 138 -12.41 44.43 19.26
CA THR F 138 -12.56 45.38 18.14
C THR F 138 -11.54 45.14 17.05
N ALA F 139 -10.32 44.76 17.43
CA ALA F 139 -9.25 44.54 16.45
C ALA F 139 -9.55 43.30 15.62
N ALA F 140 -9.84 42.18 16.31
CA ALA F 140 -10.28 40.96 15.66
C ALA F 140 -11.54 41.15 14.80
N GLN F 141 -12.40 42.12 15.11
CA GLN F 141 -13.59 42.36 14.32
C GLN F 141 -13.23 42.90 12.94
N ILE F 142 -12.14 43.68 12.86
CA ILE F 142 -11.64 44.15 11.58
C ILE F 142 -11.17 42.91 10.84
N SER F 143 -10.50 41.98 11.55
CA SER F 143 -10.03 40.74 10.91
C SER F 143 -11.22 39.90 10.41
N GLU F 144 -12.31 39.78 11.22
CA GLU F 144 -13.57 39.14 10.81
C GLU F 144 -14.12 39.71 9.50
N GLN F 145 -14.21 41.04 9.43
CA GLN F 145 -14.74 41.73 8.27
C GLN F 145 -13.90 41.39 7.05
N LYS F 146 -12.57 41.37 7.19
CA LYS F 146 -11.70 41.22 6.02
C LYS F 146 -11.83 39.79 5.50
N SER F 147 -11.90 38.83 6.44
CA SER F 147 -12.14 37.42 6.16
C SER F 147 -13.51 37.18 5.49
N ASN F 148 -14.60 37.81 6.00
CA ASN F 148 -15.89 37.82 5.31
C ASN F 148 -15.77 38.28 3.86
N ASP F 149 -15.20 39.45 3.63
CA ASP F 149 -15.15 40.01 2.29
C ASP F 149 -14.35 39.09 1.38
N ALA F 150 -13.42 38.29 1.95
CA ALA F 150 -12.55 37.43 1.15
C ALA F 150 -13.02 35.97 1.05
N SER F 151 -14.11 35.62 1.74
CA SER F 151 -14.64 34.27 1.78
C SER F 151 -13.61 33.31 2.33
N GLU F 152 -12.97 33.72 3.42
CA GLU F 152 -11.84 32.97 3.94
C GLU F 152 -12.39 31.66 4.47
N ALA F 153 -13.52 31.74 5.18
CA ALA F 153 -14.10 30.54 5.81
C ALA F 153 -14.34 29.45 4.76
N GLU F 154 -14.83 29.86 3.60
CA GLU F 154 -15.09 28.96 2.50
C GLU F 154 -13.78 28.29 2.10
N HIS F 155 -12.71 29.08 1.98
CA HIS F 155 -11.42 28.57 1.53
C HIS F 155 -10.86 27.61 2.58
N GLN F 156 -10.99 27.94 3.86
CA GLN F 156 -10.53 27.07 4.92
C GLN F 156 -11.35 25.78 4.97
N ARG F 157 -12.66 25.90 4.83
CA ARG F 157 -13.54 24.74 4.87
C ARG F 157 -13.16 23.76 3.78
N ALA F 158 -12.84 24.33 2.60
CA ALA F 158 -12.38 23.51 1.49
C ALA F 158 -11.13 22.72 1.85
N TYR F 159 -10.14 23.37 2.47
CA TYR F 159 -8.97 22.64 2.95
C TYR F 159 -9.38 21.62 4.01
N LEU F 160 -10.13 22.02 5.04
CA LEU F 160 -10.38 21.13 6.17
C LEU F 160 -11.24 19.93 5.76
N GLU F 161 -12.25 20.13 4.89
CA GLU F 161 -13.18 19.07 4.53
C GLU F 161 -12.60 18.18 3.44
N ASP F 162 -11.90 18.71 2.42
CA ASP F 162 -11.40 17.90 1.30
C ASP F 162 -9.91 17.62 1.48
N THR F 163 -9.03 18.62 1.29
CA THR F 163 -7.59 18.36 1.18
C THR F 163 -7.01 17.73 2.45
N CYS F 164 -7.41 18.28 3.57
CA CYS F 164 -6.93 17.78 4.84
C CYS F 164 -7.29 16.30 4.93
N VAL F 165 -8.54 15.97 4.63
CA VAL F 165 -9.01 14.59 4.73
C VAL F 165 -8.27 13.67 3.74
N GLU F 166 -8.06 14.11 2.51
CA GLU F 166 -7.39 13.32 1.49
C GLU F 166 -5.98 12.94 2.00
N TRP F 167 -5.23 13.93 2.50
CA TRP F 167 -3.84 13.70 2.85
C TRP F 167 -3.76 12.91 4.16
N LEU F 168 -4.69 13.17 5.07
CA LEU F 168 -4.73 12.37 6.28
C LEU F 168 -4.83 10.90 5.95
N HIS F 169 -5.63 10.54 4.94
CA HIS F 169 -5.71 9.15 4.52
C HIS F 169 -4.36 8.66 4.00
N LYS F 170 -3.72 9.41 3.12
CA LYS F 170 -2.44 9.00 2.57
C LYS F 170 -1.43 8.79 3.70
N TYR F 171 -1.45 9.62 4.74
CA TYR F 171 -0.47 9.52 5.80
C TYR F 171 -0.73 8.28 6.67
N LEU F 172 -2.01 8.01 6.98
CA LEU F 172 -2.39 6.86 7.80
C LEU F 172 -1.96 5.55 7.12
N GLU F 173 -1.97 5.52 5.77
CA GLU F 173 -1.46 4.38 5.04
C GLU F 173 0.06 4.33 5.18
N LYS F 174 0.76 5.37 4.78
CA LYS F 174 2.22 5.39 4.80
C LYS F 174 2.73 5.10 6.19
N GLY F 175 2.00 5.55 7.23
CA GLY F 175 2.47 5.42 8.60
C GLY F 175 1.69 4.39 9.40
N LYS F 176 1.04 3.41 8.75
CA LYS F 176 0.15 2.47 9.41
C LYS F 176 0.81 1.75 10.58
N GLU F 177 2.10 1.43 10.49
CA GLU F 177 2.76 0.65 11.54
C GLU F 177 2.90 1.47 12.83
N THR F 178 3.04 2.79 12.72
CA THR F 178 3.04 3.67 13.88
C THR F 178 1.61 4.03 14.26
N LEU F 179 0.78 4.37 13.27
CA LEU F 179 -0.43 5.14 13.53
C LEU F 179 -1.63 4.23 13.76
N LEU F 180 -1.68 3.05 13.12
CA LEU F 180 -2.82 2.14 13.27
C LEU F 180 -2.50 0.94 14.15
N HIS F 181 -1.26 0.43 14.04
CA HIS F 181 -0.75 -0.61 14.93
C HIS F 181 -0.22 0.02 16.21
N LEU F 182 -1.08 0.10 17.22
CA LEU F 182 -0.88 0.80 18.48
C LEU F 182 0.11 0.07 19.38
N GLU F 183 0.50 0.75 20.50
CA GLU F 183 1.41 0.18 21.47
C GLU F 183 0.68 0.19 22.80
N PRO F 184 0.38 -1.00 23.35
CA PRO F 184 -0.30 -1.07 24.63
C PRO F 184 0.69 -0.67 25.73
N PRO F 185 0.21 -0.23 26.90
CA PRO F 185 1.10 0.06 28.00
C PRO F 185 1.72 -1.22 28.56
N LYS F 186 3.03 -1.15 28.81
CA LYS F 186 3.64 -2.10 29.73
C LYS F 186 3.35 -1.56 31.12
N THR F 187 2.78 -2.39 32.01
CA THR F 187 2.08 -1.92 33.18
C THR F 187 2.70 -2.58 34.44
N HIS F 188 2.89 -1.81 35.52
CA HIS F 188 3.36 -2.38 36.78
C HIS F 188 3.11 -1.43 37.96
N VAL F 189 3.10 -2.02 39.17
CA VAL F 189 2.86 -1.33 40.43
C VAL F 189 4.11 -1.40 41.30
N THR F 190 4.56 -0.26 41.83
CA THR F 190 5.68 -0.20 42.74
C THR F 190 5.19 0.28 44.09
N HIS F 191 6.00 -0.03 45.11
CA HIS F 191 5.66 0.10 46.52
C HIS F 191 6.74 0.92 47.22
N HIS F 192 6.34 2.05 47.82
CA HIS F 192 7.26 3.00 48.44
C HIS F 192 6.77 3.29 49.86
N PRO F 193 7.31 2.61 50.91
CA PRO F 193 6.92 2.89 52.28
C PRO F 193 7.13 4.37 52.59
N ILE F 194 6.14 4.99 53.23
CA ILE F 194 6.20 6.36 53.73
C ILE F 194 6.73 6.35 55.16
N SER F 195 6.09 5.51 55.98
CA SER F 195 6.34 5.32 57.40
C SER F 195 6.22 3.81 57.66
N ASP F 196 6.14 3.41 58.94
CA ASP F 196 5.87 2.03 59.31
C ASP F 196 4.40 1.68 59.05
N HIS F 197 3.53 2.69 58.98
CA HIS F 197 2.08 2.49 58.92
C HIS F 197 1.44 2.89 57.58
N GLU F 198 2.17 3.52 56.64
CA GLU F 198 1.58 3.64 55.30
C GLU F 198 2.64 3.59 54.20
N ALA F 199 2.18 3.22 52.99
CA ALA F 199 3.01 3.16 51.79
C ALA F 199 2.28 3.82 50.61
N THR F 200 3.07 4.36 49.67
CA THR F 200 2.61 4.77 48.35
C THR F 200 2.58 3.56 47.41
N LEU F 201 1.42 3.31 46.78
CA LEU F 201 1.35 2.37 45.67
C LEU F 201 1.33 3.20 44.39
N ARG F 202 2.23 2.91 43.44
CA ARG F 202 2.33 3.71 42.23
C ARG F 202 2.12 2.80 41.03
N CYS F 203 1.05 3.07 40.27
CA CYS F 203 0.73 2.24 39.11
C CYS F 203 1.34 2.89 37.88
N TRP F 204 2.32 2.20 37.28
CA TRP F 204 3.00 2.68 36.09
C TRP F 204 2.35 2.15 34.80
N ALA F 205 2.20 3.05 33.81
CA ALA F 205 1.95 2.71 32.43
C ALA F 205 3.05 3.33 31.56
N LEU F 206 3.79 2.47 30.84
CA LEU F 206 4.98 2.83 30.09
C LEU F 206 4.90 2.32 28.65
N GLY F 207 5.55 3.06 27.74
CA GLY F 207 5.75 2.63 26.37
C GLY F 207 4.48 2.61 25.51
N PHE F 208 3.41 3.32 25.93
CA PHE F 208 2.16 3.23 25.18
C PHE F 208 2.05 4.30 24.10
N TYR F 209 1.18 4.01 23.12
CA TYR F 209 0.79 4.95 22.07
C TYR F 209 -0.60 4.56 21.57
N PRO F 210 -1.57 5.49 21.51
CA PRO F 210 -1.31 6.91 21.68
C PRO F 210 -1.36 7.36 23.14
N ALA F 211 -1.47 8.68 23.34
CA ALA F 211 -1.29 9.34 24.62
C ALA F 211 -2.47 9.09 25.55
N GLU F 212 -3.65 8.97 24.97
CA GLU F 212 -4.89 8.88 25.73
C GLU F 212 -4.86 7.60 26.56
N ILE F 213 -5.08 7.72 27.88
CA ILE F 213 -5.00 6.60 28.79
C ILE F 213 -5.80 6.93 30.06
N THR F 214 -6.26 5.90 30.76
CA THR F 214 -6.97 6.10 32.00
C THR F 214 -6.38 5.14 33.02
N LEU F 215 -5.94 5.72 34.15
CA LEU F 215 -5.39 4.96 35.26
C LEU F 215 -6.29 5.25 36.45
N THR F 216 -6.78 4.16 37.06
CA THR F 216 -7.69 4.24 38.19
C THR F 216 -7.24 3.26 39.27
N TRP F 217 -7.34 3.73 40.52
CA TRP F 217 -7.07 2.93 41.70
C TRP F 217 -8.41 2.62 42.37
N GLN F 218 -8.66 1.33 42.61
CA GLN F 218 -9.88 0.91 43.30
C GLN F 218 -9.52 0.18 44.58
N GLN F 219 -10.29 0.48 45.62
CA GLN F 219 -10.29 -0.24 46.90
C GLN F 219 -11.52 -1.15 46.91
N ASP F 220 -11.31 -2.48 46.99
CA ASP F 220 -12.42 -3.42 46.97
C ASP F 220 -13.20 -3.20 45.66
N GLY F 221 -14.53 -3.02 45.73
CA GLY F 221 -15.38 -2.76 44.56
C GLY F 221 -15.26 -1.33 44.01
N ASP F 227 -6.53 10.24 48.34
CA ASP F 227 -5.04 10.29 48.42
C ASP F 227 -4.43 9.97 47.06
N THR F 228 -4.86 10.66 45.99
CA THR F 228 -4.84 10.10 44.64
C THR F 228 -4.04 10.96 43.66
N GLU F 229 -2.71 10.90 43.73
CA GLU F 229 -1.77 11.71 42.95
C GLU F 229 -1.59 11.14 41.53
N LEU F 230 -1.83 11.97 40.51
CA LEU F 230 -1.78 11.60 39.10
C LEU F 230 -0.82 12.53 38.37
N VAL F 231 0.15 12.01 37.63
CA VAL F 231 1.11 12.83 36.91
C VAL F 231 0.62 13.05 35.48
N GLU F 232 1.02 14.19 34.88
CA GLU F 232 0.70 14.54 33.51
C GLU F 232 1.31 13.51 32.58
N THR F 233 0.56 13.07 31.57
CA THR F 233 1.10 12.12 30.62
C THR F 233 2.25 12.80 29.89
N ARG F 234 3.36 12.09 29.65
CA ARG F 234 4.59 12.71 29.21
C ARG F 234 5.29 11.88 28.14
N PRO F 235 5.95 12.49 27.13
CA PRO F 235 6.64 11.71 26.11
C PRO F 235 7.91 11.01 26.58
N ALA F 236 8.07 9.78 26.16
CA ALA F 236 9.27 9.02 26.49
C ALA F 236 10.46 9.42 25.63
N GLY F 237 10.21 10.12 24.51
CA GLY F 237 11.24 10.43 23.53
C GLY F 237 11.35 9.45 22.37
N ASP F 238 10.70 8.27 22.45
CA ASP F 238 10.83 7.23 21.44
C ASP F 238 9.56 7.15 20.59
N GLY F 239 8.63 8.10 20.72
CA GLY F 239 7.34 7.98 20.05
C GLY F 239 6.26 7.40 20.96
N THR F 240 6.60 6.97 22.18
CA THR F 240 5.61 6.48 23.14
C THR F 240 5.48 7.46 24.30
N PHE F 241 4.61 7.10 25.26
CA PHE F 241 4.24 7.98 26.35
C PHE F 241 4.32 7.21 27.68
N GLN F 242 4.36 7.97 28.78
CA GLN F 242 4.42 7.42 30.13
C GLN F 242 3.39 8.12 31.00
N LYS F 243 2.85 7.38 31.99
CA LYS F 243 2.01 7.98 33.01
C LYS F 243 2.08 7.09 34.25
N TRP F 244 1.80 7.68 35.43
CA TRP F 244 1.58 6.90 36.64
C TRP F 244 0.50 7.53 37.52
N ALA F 245 -0.03 6.73 38.44
CA ALA F 245 -1.02 7.14 39.41
C ALA F 245 -0.72 6.44 40.73
N ALA F 246 -0.61 7.25 41.79
CA ALA F 246 -0.14 6.75 43.08
C ALA F 246 -1.21 6.96 44.14
N VAL F 247 -1.32 6.02 45.07
CA VAL F 247 -2.19 6.19 46.22
C VAL F 247 -1.41 5.78 47.47
N VAL F 248 -1.62 6.51 48.57
CA VAL F 248 -1.03 6.11 49.83
C VAL F 248 -2.08 5.33 50.59
N VAL F 249 -1.62 4.20 51.16
CA VAL F 249 -2.51 3.19 51.73
C VAL F 249 -1.93 2.69 53.06
N PRO F 250 -2.78 2.22 54.00
CA PRO F 250 -2.27 1.59 55.23
C PRO F 250 -1.47 0.31 54.99
N SER F 251 -0.30 0.22 55.63
CA SER F 251 0.58 -0.92 55.50
C SER F 251 -0.17 -2.19 55.88
N GLY F 252 -0.09 -3.23 55.03
CA GLY F 252 -0.86 -4.46 55.20
C GLY F 252 -2.20 -4.46 54.45
N GLU F 253 -2.66 -3.29 53.96
CA GLU F 253 -3.90 -3.21 53.18
C GLU F 253 -3.64 -3.00 51.69
N GLU F 254 -2.45 -3.40 51.20
CA GLU F 254 -2.03 -3.17 49.83
C GLU F 254 -2.82 -4.03 48.86
N GLN F 255 -3.25 -5.21 49.31
CA GLN F 255 -3.88 -6.17 48.41
C GLN F 255 -5.33 -5.77 48.18
N ARG F 256 -5.88 -4.84 48.99
CA ARG F 256 -7.24 -4.35 48.77
C ARG F 256 -7.31 -3.40 47.57
N TYR F 257 -6.16 -2.95 47.06
CA TYR F 257 -6.11 -1.92 46.04
C TYR F 257 -5.78 -2.53 44.68
N THR F 258 -6.43 -1.99 43.63
CA THR F 258 -6.28 -2.49 42.28
C THR F 258 -6.18 -1.33 41.31
N CYS F 259 -5.26 -1.49 40.35
CA CYS F 259 -5.07 -0.47 39.35
C CYS F 259 -5.74 -0.91 38.06
N HIS F 260 -6.61 -0.05 37.54
CA HIS F 260 -7.35 -0.31 36.31
C HIS F 260 -6.79 0.61 35.21
N VAL F 261 -6.36 -0.02 34.12
CA VAL F 261 -5.75 0.65 33.01
C VAL F 261 -6.58 0.44 31.76
N GLN F 262 -7.08 1.55 31.20
CA GLN F 262 -7.74 1.56 29.90
C GLN F 262 -6.90 2.28 28.85
N HIS F 263 -6.62 1.57 27.76
CA HIS F 263 -5.88 2.12 26.65
C HIS F 263 -6.35 1.44 25.36
N GLU F 264 -6.42 2.22 24.28
CA GLU F 264 -6.99 1.76 23.02
C GLU F 264 -6.17 0.59 22.49
N GLY F 265 -4.90 0.47 22.92
CA GLY F 265 -3.97 -0.52 22.41
C GLY F 265 -4.14 -1.89 23.06
N LEU F 266 -4.90 -1.95 24.15
CA LEU F 266 -5.12 -3.20 24.88
C LEU F 266 -6.34 -3.92 24.31
N PRO F 267 -6.27 -5.25 24.09
CA PRO F 267 -7.46 -6.03 23.78
C PRO F 267 -8.54 -5.71 24.79
N GLU F 268 -8.19 -5.78 26.07
CA GLU F 268 -9.13 -5.60 27.18
C GLU F 268 -8.48 -4.75 28.27
N PRO F 269 -9.23 -3.86 28.98
CA PRO F 269 -8.74 -3.23 30.20
C PRO F 269 -8.00 -4.21 31.09
N VAL F 270 -6.87 -3.77 31.66
CA VAL F 270 -6.10 -4.62 32.55
C VAL F 270 -6.27 -4.10 33.97
N THR F 271 -6.23 -5.03 34.94
CA THR F 271 -6.21 -4.65 36.33
C THR F 271 -4.94 -5.24 36.92
N LEU F 272 -4.55 -4.68 38.06
CA LEU F 272 -3.16 -4.75 38.48
C LEU F 272 -3.09 -4.50 40.00
N ARG F 273 -2.11 -5.17 40.62
CA ARG F 273 -1.97 -5.20 42.07
C ARG F 273 -0.46 -5.23 42.42
N TRP F 274 -0.08 -4.69 43.58
CA TRP F 274 1.30 -4.82 44.03
C TRP F 274 1.61 -6.30 44.26
N LYS F 275 2.72 -6.77 43.65
CA LYS F 275 3.25 -8.12 43.81
C LYS F 275 4.48 -8.11 44.72
N PRO F 276 4.37 -8.45 46.02
CA PRO F 276 5.54 -8.47 46.91
C PRO F 276 6.75 -9.17 46.29
N MET G 1 -1.39 40.54 27.11
CA MET G 1 -0.12 39.78 27.04
C MET G 1 -0.12 38.73 28.15
N ILE G 2 -0.60 37.52 27.84
CA ILE G 2 -0.76 36.47 28.85
C ILE G 2 0.60 35.80 29.08
N GLN G 3 0.86 35.45 30.34
CA GLN G 3 2.10 34.78 30.68
C GLN G 3 1.79 33.59 31.56
N ARG G 4 2.42 32.48 31.23
CA ARG G 4 2.22 31.23 31.90
C ARG G 4 3.58 30.64 32.20
N THR G 5 3.71 30.04 33.40
CA THR G 5 4.95 29.55 33.93
C THR G 5 5.15 28.08 33.61
N PRO G 6 6.36 27.65 33.19
CA PRO G 6 6.56 26.27 32.81
C PRO G 6 6.25 25.30 33.93
N LYS G 7 5.71 24.14 33.55
CA LYS G 7 5.65 22.96 34.40
C LYS G 7 6.84 22.13 33.96
N ILE G 8 7.39 21.34 34.88
CA ILE G 8 8.60 20.60 34.60
C ILE G 8 8.43 19.18 35.11
N GLN G 9 8.92 18.20 34.35
CA GLN G 9 9.09 16.85 34.85
C GLN G 9 10.44 16.35 34.36
N VAL G 10 11.14 15.63 35.25
CA VAL G 10 12.44 15.06 34.94
C VAL G 10 12.34 13.56 35.15
N TYR G 11 12.79 12.76 34.18
CA TYR G 11 12.48 11.34 34.19
C TYR G 11 13.34 10.63 33.13
N SER G 12 13.49 9.32 33.29
CA SER G 12 14.20 8.52 32.30
C SER G 12 13.19 7.94 31.31
N ARG G 13 13.68 7.69 30.08
CA ARG G 13 12.93 7.01 29.06
C ARG G 13 12.59 5.59 29.51
N HIS G 14 13.62 4.85 29.91
CA HIS G 14 13.47 3.50 30.41
C HIS G 14 13.74 3.51 31.92
N PRO G 15 13.18 2.54 32.69
CA PRO G 15 13.43 2.50 34.13
C PRO G 15 14.94 2.36 34.37
N ALA G 16 15.46 3.08 35.36
CA ALA G 16 16.90 3.21 35.48
C ALA G 16 17.52 1.91 35.97
N GLU G 17 18.64 1.53 35.35
CA GLU G 17 19.50 0.48 35.85
C GLU G 17 20.95 0.96 35.88
N ASN G 18 21.51 1.08 37.10
CA ASN G 18 22.85 1.62 37.29
C ASN G 18 23.82 0.88 36.39
N GLY G 19 24.60 1.62 35.61
CA GLY G 19 25.50 1.04 34.61
C GLY G 19 24.91 0.92 33.21
N LYS G 20 23.58 0.99 33.04
CA LYS G 20 23.00 0.72 31.72
C LYS G 20 22.55 2.01 31.03
N SER G 21 23.02 2.21 29.79
CA SER G 21 22.63 3.31 28.93
C SER G 21 21.11 3.52 28.89
N ASN G 22 20.74 4.80 28.81
CA ASN G 22 19.38 5.25 28.97
C ASN G 22 19.31 6.62 28.31
N PHE G 23 18.24 7.36 28.64
CA PHE G 23 17.96 8.70 28.15
C PHE G 23 17.30 9.45 29.28
N LEU G 24 17.74 10.70 29.43
CA LEU G 24 17.28 11.56 30.49
C LEU G 24 16.49 12.68 29.84
N ASN G 25 15.32 12.92 30.42
CA ASN G 25 14.33 13.78 29.83
C ASN G 25 13.98 14.87 30.81
N CYS G 26 13.89 16.07 30.24
CA CYS G 26 13.19 17.16 30.88
C CYS G 26 12.06 17.62 29.95
N TYR G 27 10.85 17.59 30.51
CA TYR G 27 9.66 17.94 29.76
C TYR G 27 9.12 19.21 30.36
N VAL G 28 9.19 20.30 29.58
CA VAL G 28 8.64 21.58 30.02
C VAL G 28 7.37 21.83 29.20
N SER G 29 6.33 22.35 29.84
CA SER G 29 5.02 22.47 29.21
C SER G 29 4.23 23.57 29.90
N GLY G 30 3.26 24.16 29.20
CA GLY G 30 2.30 25.03 29.86
C GLY G 30 2.78 26.46 29.94
N PHE G 31 3.80 26.83 29.15
CA PHE G 31 4.41 28.13 29.27
C PHE G 31 4.09 29.05 28.09
N HIS G 32 4.16 30.36 28.34
CA HIS G 32 3.97 31.40 27.34
C HIS G 32 4.64 32.65 27.86
N PRO G 33 5.45 33.38 27.08
CA PRO G 33 5.72 33.06 25.69
C PRO G 33 6.75 31.94 25.55
N SER G 34 7.22 31.74 24.31
CA SER G 34 7.91 30.54 23.93
C SER G 34 9.38 30.55 24.37
N ASP G 35 10.04 31.72 24.43
CA ASP G 35 11.47 31.77 24.78
C ASP G 35 11.68 31.11 26.14
N ILE G 36 12.62 30.15 26.19
CA ILE G 36 12.87 29.37 27.40
C ILE G 36 14.31 28.85 27.34
N GLU G 37 14.92 28.70 28.53
CA GLU G 37 16.25 28.13 28.63
C GLU G 37 16.15 26.92 29.53
N VAL G 38 16.65 25.82 29.00
CA VAL G 38 16.64 24.56 29.71
C VAL G 38 18.04 23.95 29.63
N ASP G 39 18.55 23.54 30.81
CA ASP G 39 19.77 22.75 30.90
C ASP G 39 19.51 21.50 31.73
N LEU G 40 20.16 20.41 31.28
CA LEU G 40 20.29 19.19 32.04
C LEU G 40 21.63 19.20 32.80
N LEU G 41 21.58 18.87 34.10
CA LEU G 41 22.74 18.92 34.99
C LEU G 41 23.11 17.52 35.47
N LYS G 42 24.41 17.21 35.40
CA LYS G 42 25.03 16.12 36.15
C LYS G 42 25.86 16.70 37.30
N ASN G 43 25.38 16.51 38.53
CA ASN G 43 26.06 16.95 39.74
C ASN G 43 26.33 18.45 39.57
N GLY G 44 25.28 19.23 39.41
CA GLY G 44 25.39 20.68 39.28
C GLY G 44 25.95 21.15 37.92
N GLU G 45 26.59 20.29 37.13
CA GLU G 45 27.26 20.74 35.91
C GLU G 45 26.35 20.58 34.69
N ARG G 46 26.27 21.63 33.87
CA ARG G 46 25.48 21.63 32.65
C ARG G 46 25.99 20.53 31.71
N ILE G 47 25.09 19.65 31.24
CA ILE G 47 25.47 18.65 30.26
C ILE G 47 25.46 19.33 28.89
N GLU G 48 26.46 19.03 28.06
CA GLU G 48 26.52 19.57 26.70
C GLU G 48 25.81 18.59 25.76
N LYS G 49 25.65 19.00 24.50
CA LYS G 49 25.07 18.18 23.44
C LYS G 49 23.71 17.60 23.85
N VAL G 50 22.82 18.44 24.36
CA VAL G 50 21.44 18.08 24.66
C VAL G 50 20.57 18.48 23.47
N GLU G 51 19.57 17.66 23.17
CA GLU G 51 18.72 17.92 22.02
C GLU G 51 17.31 18.22 22.50
N HIS G 52 16.51 18.74 21.58
CA HIS G 52 15.11 18.97 21.95
C HIS G 52 14.16 18.86 20.77
N SER G 53 12.89 18.64 21.13
CA SER G 53 11.81 18.52 20.18
C SER G 53 11.53 19.88 19.53
N ASP G 54 10.80 19.82 18.42
CA ASP G 54 10.29 20.99 17.76
C ASP G 54 9.20 21.64 18.60
N LEU G 55 9.15 22.96 18.56
CA LEU G 55 8.28 23.69 19.44
C LEU G 55 6.86 23.46 18.95
N SER G 56 6.01 23.11 19.90
CA SER G 56 4.61 22.91 19.59
C SER G 56 3.79 23.53 20.72
N PHE G 57 2.47 23.46 20.62
CA PHE G 57 1.62 24.03 21.64
C PHE G 57 0.29 23.31 21.71
N SER G 58 -0.41 23.56 22.81
CA SER G 58 -1.63 22.92 23.24
C SER G 58 -2.87 23.77 22.92
N LYS G 59 -4.05 23.27 23.31
CA LYS G 59 -5.34 23.89 23.01
C LYS G 59 -5.42 25.27 23.64
N ASP G 60 -4.75 25.44 24.77
CA ASP G 60 -4.77 26.72 25.46
C ASP G 60 -3.65 27.64 24.95
N TRP G 61 -2.87 27.21 23.97
CA TRP G 61 -1.86 28.04 23.29
C TRP G 61 -0.50 27.94 23.96
N SER G 62 -0.45 27.33 25.15
CA SER G 62 0.78 27.17 25.90
C SER G 62 1.67 26.13 25.22
N PHE G 63 2.99 26.36 25.30
CA PHE G 63 3.99 25.60 24.57
C PHE G 63 4.58 24.45 25.40
N TYR G 64 5.19 23.48 24.70
CA TYR G 64 5.81 22.34 25.33
C TYR G 64 7.04 21.94 24.51
N LEU G 65 8.06 21.40 25.21
CA LEU G 65 9.30 20.92 24.61
C LEU G 65 9.86 19.76 25.43
N LEU G 66 10.53 18.85 24.74
CA LEU G 66 11.24 17.79 25.41
C LEU G 66 12.72 18.00 25.16
N TYR G 67 13.48 18.22 26.26
CA TYR G 67 14.93 18.23 26.19
C TYR G 67 15.39 16.88 26.72
N TYR G 68 16.38 16.30 26.07
CA TYR G 68 16.77 14.94 26.42
C TYR G 68 18.23 14.70 26.06
N THR G 69 18.85 13.73 26.76
CA THR G 69 20.20 13.32 26.41
C THR G 69 20.42 11.84 26.69
N GLU G 70 21.33 11.21 25.93
CA GLU G 70 21.80 9.87 26.29
C GLU G 70 22.49 10.01 27.62
N PHE G 71 22.31 9.04 28.53
CA PHE G 71 23.06 9.01 29.78
C PHE G 71 23.09 7.60 30.34
N THR G 72 24.02 7.37 31.27
CA THR G 72 24.29 6.06 31.83
C THR G 72 24.27 6.17 33.35
N PRO G 73 23.07 6.08 33.98
CA PRO G 73 22.90 6.46 35.38
C PRO G 73 23.75 5.53 36.25
N THR G 74 24.06 6.00 37.46
CA THR G 74 24.87 5.30 38.45
C THR G 74 24.18 5.49 39.79
N GLU G 75 24.65 4.74 40.80
CA GLU G 75 24.06 4.77 42.13
C GLU G 75 24.17 6.15 42.76
N LYS G 76 25.32 6.82 42.50
CA LYS G 76 25.74 7.99 43.26
C LYS G 76 25.53 9.29 42.48
N ASP G 77 25.57 9.26 41.13
CA ASP G 77 25.43 10.47 40.32
C ASP G 77 24.03 11.07 40.42
N GLU G 78 23.95 12.37 40.72
CA GLU G 78 22.69 13.11 40.74
C GLU G 78 22.51 13.85 39.42
N TYR G 79 21.26 13.96 38.96
CA TYR G 79 20.93 14.57 37.68
C TYR G 79 19.78 15.53 37.91
N ALA G 80 19.73 16.60 37.14
CA ALA G 80 18.64 17.54 37.32
C ALA G 80 18.39 18.34 36.05
N CYS G 81 17.26 19.03 36.10
CA CYS G 81 16.84 19.94 35.05
C CYS G 81 16.72 21.33 35.66
N ARG G 82 17.27 22.31 34.92
CA ARG G 82 17.17 23.70 35.30
C ARG G 82 16.55 24.51 34.18
N VAL G 83 15.57 25.32 34.58
CA VAL G 83 14.74 26.04 33.63
C VAL G 83 14.71 27.52 34.00
N ASN G 84 14.92 28.37 33.01
CA ASN G 84 14.66 29.76 33.22
C ASN G 84 13.69 30.19 32.12
N HIS G 85 12.80 31.11 32.51
CA HIS G 85 11.74 31.65 31.67
C HIS G 85 11.43 33.06 32.19
N VAL G 86 10.86 33.91 31.32
CA VAL G 86 10.51 35.27 31.71
C VAL G 86 9.56 35.31 32.90
N THR G 87 8.83 34.24 33.19
CA THR G 87 7.88 34.23 34.30
C THR G 87 8.60 33.87 35.60
N LEU G 88 9.89 33.50 35.54
CA LEU G 88 10.59 33.02 36.71
C LEU G 88 11.63 34.06 37.13
N SER G 89 11.51 34.50 38.40
CA SER G 89 12.49 35.31 39.12
C SER G 89 13.89 34.67 39.07
N GLN G 90 14.02 33.37 39.33
CA GLN G 90 15.32 32.74 39.17
C GLN G 90 15.14 31.34 38.58
N PRO G 91 16.20 30.75 37.96
CA PRO G 91 16.09 29.44 37.34
C PRO G 91 15.44 28.47 38.30
N LYS G 92 14.53 27.59 37.81
CA LYS G 92 13.96 26.55 38.64
C LYS G 92 14.73 25.25 38.38
N ILE G 93 14.99 24.54 39.47
CA ILE G 93 15.70 23.28 39.42
C ILE G 93 14.78 22.19 39.93
N VAL G 94 14.72 21.13 39.13
CA VAL G 94 14.02 19.92 39.49
C VAL G 94 15.01 18.78 39.33
N LYS G 95 15.09 18.01 40.42
CA LYS G 95 16.06 16.94 40.56
C LYS G 95 15.41 15.67 40.04
N TRP G 96 16.17 14.88 39.26
CA TRP G 96 15.74 13.56 38.81
C TRP G 96 15.52 12.59 39.97
N ASP G 97 14.25 12.22 40.23
CA ASP G 97 13.94 11.08 41.09
C ASP G 97 13.53 9.87 40.22
N ARG G 98 14.35 8.80 40.31
CA ARG G 98 14.28 7.68 39.38
C ARG G 98 13.02 6.84 39.58
N ASP G 99 12.26 7.10 40.65
CA ASP G 99 11.03 6.40 40.95
C ASP G 99 9.80 7.27 40.70
N MET G 100 9.97 8.28 39.84
CA MET G 100 8.90 9.22 39.59
C MET G 100 8.89 9.69 38.13
N ILE H 1 -0.86 17.82 4.41
CA ILE H 1 -0.16 19.01 3.86
C ILE H 1 -0.70 20.25 4.55
N LEU H 2 0.04 21.35 4.42
CA LEU H 2 -0.36 22.63 4.97
C LEU H 2 -1.53 23.20 4.17
N SER H 3 -2.34 24.07 4.80
CA SER H 3 -3.40 24.75 4.08
C SER H 3 -2.77 25.50 2.92
N PRO H 4 -3.35 25.37 1.71
CA PRO H 4 -3.00 26.24 0.59
C PRO H 4 -3.52 27.66 0.69
N PHE H 5 -4.37 27.92 1.69
CA PHE H 5 -5.08 29.18 1.79
C PHE H 5 -4.73 29.81 3.13
N LEU H 6 -4.29 31.06 3.04
CA LEU H 6 -3.68 31.75 4.17
C LEU H 6 -4.49 32.99 4.51
N PRO H 7 -5.22 33.02 5.66
CA PRO H 7 -5.96 34.20 6.08
C PRO H 7 -5.00 35.40 6.29
N LEU H 8 -5.51 36.55 5.85
CA LEU H 8 -4.94 37.86 6.07
C LEU H 8 -5.76 38.55 7.14
N LEU H 9 -5.16 38.72 8.34
CA LEU H 9 -5.86 39.35 9.44
C LEU H 9 -5.97 40.87 9.28
N LYS I 3 -2.46 21.20 -22.99
CA LYS I 3 -3.02 22.18 -22.01
C LYS I 3 -3.52 21.50 -20.73
N GLU I 4 -3.11 22.05 -19.57
CA GLU I 4 -3.56 21.63 -18.26
C GLU I 4 -5.04 21.89 -18.04
N VAL I 5 -5.55 23.01 -18.57
CA VAL I 5 -6.95 23.36 -18.43
C VAL I 5 -7.58 23.33 -19.83
N GLU I 6 -8.64 22.50 -19.97
CA GLU I 6 -9.27 22.17 -21.25
C GLU I 6 -10.71 22.69 -21.27
N GLN I 7 -10.97 23.52 -22.28
CA GLN I 7 -12.29 24.03 -22.63
C GLN I 7 -12.40 23.98 -24.15
N ASN I 8 -13.60 23.63 -24.64
CA ASN I 8 -13.85 23.74 -26.06
C ASN I 8 -13.92 25.22 -26.41
N SER I 9 -13.27 25.60 -27.52
CA SER I 9 -13.30 26.97 -27.99
C SER I 9 -14.73 27.39 -28.39
N GLY I 10 -15.51 26.44 -28.95
CA GLY I 10 -16.85 26.73 -29.44
C GLY I 10 -16.72 27.41 -30.79
N PRO I 11 -17.45 28.51 -31.08
CA PRO I 11 -18.45 29.06 -30.16
C PRO I 11 -19.68 28.18 -29.96
N LEU I 12 -20.37 28.41 -28.85
CA LEU I 12 -21.61 27.74 -28.52
C LEU I 12 -22.72 28.76 -28.69
N SER I 13 -23.89 28.30 -29.13
CA SER I 13 -25.09 29.12 -29.26
C SER I 13 -26.06 28.71 -28.19
N VAL I 14 -26.77 29.68 -27.62
CA VAL I 14 -27.88 29.39 -26.75
C VAL I 14 -28.97 30.37 -27.12
N PRO I 15 -30.23 29.91 -27.22
CA PRO I 15 -31.37 30.83 -27.28
C PRO I 15 -31.50 31.77 -26.09
N GLU I 16 -31.81 33.04 -26.40
CA GLU I 16 -32.17 33.97 -25.35
C GLU I 16 -33.27 33.33 -24.51
N GLY I 17 -33.06 33.31 -23.18
CA GLY I 17 -34.00 32.77 -22.20
C GLY I 17 -33.68 31.36 -21.71
N ALA I 18 -32.89 30.64 -22.52
CA ALA I 18 -32.58 29.26 -22.27
C ALA I 18 -31.37 29.19 -21.36
N ILE I 19 -31.17 28.00 -20.80
CA ILE I 19 -30.06 27.69 -19.94
C ILE I 19 -28.81 27.47 -20.81
N ALA I 20 -27.68 28.07 -20.42
CA ALA I 20 -26.39 27.81 -21.07
C ALA I 20 -25.55 26.95 -20.13
N SER I 21 -24.72 26.07 -20.69
CA SER I 21 -23.87 25.26 -19.84
C SER I 21 -22.48 25.22 -20.47
N LEU I 22 -21.45 25.31 -19.60
CA LEU I 22 -20.04 25.39 -20.01
C LEU I 22 -19.23 24.42 -19.16
N ASN I 23 -18.29 23.70 -19.77
CA ASN I 23 -17.53 22.71 -19.05
C ASN I 23 -16.05 22.97 -19.17
N CYS I 24 -15.33 22.51 -18.16
CA CYS I 24 -13.89 22.64 -18.07
C CYS I 24 -13.33 21.42 -17.37
N THR I 25 -12.33 20.79 -18.01
CA THR I 25 -11.53 19.80 -17.29
C THR I 25 -10.10 20.30 -17.02
N TYR I 26 -9.46 19.68 -16.03
CA TYR I 26 -8.10 20.02 -15.66
C TYR I 26 -7.35 18.77 -15.28
N SER I 27 -6.04 18.71 -15.54
CA SER I 27 -5.29 17.47 -15.46
C SER I 27 -4.72 17.15 -14.07
N ASP I 28 -4.47 18.15 -13.21
CA ASP I 28 -3.70 17.92 -12.00
C ASP I 28 -4.60 17.79 -10.78
N ARG I 29 -4.55 16.62 -10.14
CA ARG I 29 -5.19 16.36 -8.86
C ARG I 29 -4.77 17.38 -7.80
N GLY I 30 -3.66 18.08 -7.99
CA GLY I 30 -3.20 19.09 -7.04
C GLY I 30 -3.94 20.42 -7.09
N SER I 31 -4.95 20.55 -7.97
CA SER I 31 -5.68 21.80 -8.10
C SER I 31 -6.63 21.93 -6.91
N VAL I 32 -6.70 23.11 -6.30
CA VAL I 32 -7.47 23.34 -5.08
C VAL I 32 -8.42 24.52 -5.20
N SER I 33 -8.43 25.20 -6.34
CA SER I 33 -9.22 26.41 -6.43
C SER I 33 -9.61 26.55 -7.90
N PHE I 34 -10.82 27.07 -8.14
CA PHE I 34 -11.43 26.97 -9.45
C PHE I 34 -12.25 28.22 -9.71
N PHE I 35 -12.17 28.70 -10.96
CA PHE I 35 -12.70 30.01 -11.27
C PHE I 35 -13.29 30.09 -12.68
N TRP I 36 -14.39 30.87 -12.74
CA TRP I 36 -15.00 31.26 -13.98
C TRP I 36 -14.92 32.78 -14.16
N TYR I 37 -14.21 33.18 -15.21
CA TYR I 37 -14.07 34.56 -15.63
C TYR I 37 -14.84 34.75 -16.93
N ARG I 38 -15.52 35.89 -17.04
CA ARG I 38 -16.15 36.37 -18.26
C ARG I 38 -15.33 37.52 -18.86
N GLN I 39 -15.12 37.47 -20.18
CA GLN I 39 -14.34 38.46 -20.91
C GLN I 39 -15.15 38.93 -22.14
N TYR I 40 -15.63 40.18 -22.13
CA TYR I 40 -16.20 40.78 -23.31
C TYR I 40 -15.12 41.08 -24.34
N SER I 41 -15.47 40.97 -25.62
CA SER I 41 -14.56 41.31 -26.70
C SER I 41 -13.87 42.64 -26.42
N GLY I 42 -12.53 42.64 -26.49
CA GLY I 42 -11.68 43.79 -26.23
C GLY I 42 -11.64 44.28 -24.77
N LYS I 43 -12.00 43.44 -23.79
CA LYS I 43 -12.12 43.88 -22.40
C LYS I 43 -11.32 42.96 -21.49
N SER I 44 -11.33 43.21 -20.19
CA SER I 44 -10.46 42.46 -19.31
C SER I 44 -11.25 41.37 -18.59
N PRO I 45 -10.64 40.27 -18.12
CA PRO I 45 -11.42 39.19 -17.55
C PRO I 45 -12.04 39.62 -16.23
N GLU I 46 -13.34 39.35 -16.06
CA GLU I 46 -14.06 39.69 -14.85
C GLU I 46 -14.53 38.38 -14.20
N LEU I 47 -14.37 38.29 -12.90
CA LEU I 47 -14.67 37.11 -12.13
C LEU I 47 -16.18 36.94 -12.05
N ILE I 48 -16.67 35.76 -12.44
CA ILE I 48 -18.09 35.43 -12.36
C ILE I 48 -18.31 34.69 -11.06
N MET I 49 -17.48 33.67 -10.83
CA MET I 49 -17.68 32.80 -9.68
C MET I 49 -16.36 32.11 -9.32
N SER I 50 -16.22 31.80 -8.03
CA SER I 50 -15.11 31.01 -7.50
C SER I 50 -15.69 29.79 -6.80
N ILE I 51 -15.04 28.65 -6.96
CA ILE I 51 -15.50 27.53 -6.17
C ILE I 51 -14.30 26.72 -5.68
N TYR I 52 -14.42 26.25 -4.44
CA TYR I 52 -13.37 25.54 -3.72
C TYR I 52 -13.88 24.24 -3.10
N LEU I 53 -15.12 24.22 -2.63
CA LEU I 53 -15.73 23.00 -2.11
C LEU I 53 -16.41 22.25 -3.22
N ASN I 54 -16.05 20.98 -3.27
CA ASN I 54 -16.69 19.98 -4.08
C ASN I 54 -18.20 20.09 -3.94
N GLY I 55 -18.90 20.23 -5.04
CA GLY I 55 -20.34 20.38 -4.97
C GLY I 55 -20.86 21.42 -5.93
N LEU I 56 -21.99 21.97 -5.54
CA LEU I 56 -22.75 22.91 -6.33
C LEU I 56 -22.68 24.23 -5.59
N LYS I 57 -22.64 25.34 -6.32
CA LYS I 57 -22.62 26.65 -5.69
C LYS I 57 -23.42 27.59 -6.57
N GLU I 58 -24.25 28.42 -5.95
CA GLU I 58 -25.31 29.17 -6.61
C GLU I 58 -25.16 30.67 -6.35
N ASP I 59 -25.38 31.51 -7.35
CA ASP I 59 -25.35 32.96 -7.15
C ASP I 59 -26.06 33.64 -8.31
N GLY I 60 -27.24 34.22 -8.05
CA GLY I 60 -28.05 34.85 -9.10
C GLY I 60 -28.43 33.83 -10.17
N ARG I 61 -28.21 34.22 -11.42
CA ARG I 61 -28.50 33.31 -12.52
C ARG I 61 -27.45 32.20 -12.70
N PHE I 62 -26.34 32.29 -11.95
CA PHE I 62 -25.20 31.40 -12.17
C PHE I 62 -25.21 30.25 -11.18
N THR I 63 -24.82 29.09 -11.69
CA THR I 63 -24.53 27.96 -10.84
C THR I 63 -23.19 27.40 -11.28
N ALA I 64 -22.40 26.91 -10.31
CA ALA I 64 -21.16 26.24 -10.64
C ALA I 64 -21.16 24.87 -9.97
N GLN I 65 -20.45 23.94 -10.60
CA GLN I 65 -20.30 22.63 -10.04
C GLN I 65 -18.84 22.23 -10.13
N LEU I 66 -18.36 21.72 -9.01
CA LEU I 66 -17.00 21.22 -8.98
C LEU I 66 -17.04 19.77 -8.55
N ASN I 67 -16.30 18.94 -9.28
CA ASN I 67 -16.16 17.54 -8.98
C ASN I 67 -14.69 17.16 -9.07
N LYS I 68 -14.02 17.13 -7.92
CA LYS I 68 -12.58 16.98 -7.89
C LYS I 68 -12.22 15.54 -8.17
N ALA I 69 -13.07 14.59 -7.78
CA ALA I 69 -12.90 13.18 -8.16
C ALA I 69 -12.83 13.00 -9.68
N SER I 70 -13.63 13.74 -10.46
CA SER I 70 -13.60 13.57 -11.91
C SER I 70 -12.85 14.70 -12.61
N GLN I 71 -12.37 15.69 -11.84
CA GLN I 71 -11.50 16.73 -12.34
C GLN I 71 -12.23 17.50 -13.44
N TYR I 72 -13.43 17.99 -13.11
CA TYR I 72 -14.10 18.93 -14.00
C TYR I 72 -14.75 20.03 -13.15
N VAL I 73 -14.95 21.18 -13.80
CA VAL I 73 -15.74 22.24 -13.21
C VAL I 73 -16.65 22.76 -14.31
N SER I 74 -17.82 23.27 -13.93
CA SER I 74 -18.82 23.64 -14.91
C SER I 74 -19.54 24.90 -14.44
N LEU I 75 -20.04 25.66 -15.42
CA LEU I 75 -20.90 26.81 -15.16
C LEU I 75 -22.21 26.66 -15.92
N LEU I 76 -23.30 27.05 -15.25
CA LEU I 76 -24.65 27.03 -15.77
C LEU I 76 -25.22 28.44 -15.64
N ILE I 77 -25.69 29.00 -16.77
CA ILE I 77 -26.34 30.30 -16.81
C ILE I 77 -27.83 30.11 -17.10
N ARG I 78 -28.67 30.35 -16.09
CA ARG I 78 -30.11 30.40 -16.26
C ARG I 78 -30.53 31.70 -16.93
N ASP I 79 -31.55 31.56 -17.79
CA ASP I 79 -32.23 32.68 -18.41
C ASP I 79 -31.22 33.57 -19.13
N SER I 80 -30.54 32.99 -20.14
CA SER I 80 -29.45 33.64 -20.84
C SER I 80 -29.91 34.98 -21.40
N GLN I 81 -29.12 36.03 -21.18
CA GLN I 81 -29.43 37.34 -21.74
C GLN I 81 -28.33 37.76 -22.70
N PRO I 82 -28.56 38.81 -23.51
CA PRO I 82 -27.61 39.15 -24.56
C PRO I 82 -26.27 39.58 -23.95
N SER I 83 -26.32 40.15 -22.74
CA SER I 83 -25.11 40.51 -22.02
C SER I 83 -24.26 39.31 -21.62
N ASP I 84 -24.79 38.08 -21.63
CA ASP I 84 -24.00 36.89 -21.35
C ASP I 84 -23.14 36.47 -22.54
N SER I 85 -23.31 37.13 -23.69
CA SER I 85 -22.48 36.84 -24.85
C SER I 85 -21.06 37.31 -24.53
N ALA I 86 -20.11 36.38 -24.47
CA ALA I 86 -18.76 36.66 -24.01
C ALA I 86 -17.87 35.45 -24.22
N THR I 87 -16.59 35.61 -23.85
CA THR I 87 -15.73 34.47 -23.68
C THR I 87 -15.65 34.14 -22.19
N TYR I 88 -15.78 32.84 -21.88
CA TYR I 88 -15.77 32.36 -20.50
C TYR I 88 -14.46 31.62 -20.30
N LEU I 89 -13.72 32.04 -19.27
CA LEU I 89 -12.39 31.52 -19.02
C LEU I 89 -12.45 30.68 -17.76
N CYS I 90 -11.91 29.48 -17.87
CA CYS I 90 -11.74 28.58 -16.75
C CYS I 90 -10.33 28.75 -16.20
N ALA I 91 -10.20 28.80 -14.87
CA ALA I 91 -8.88 28.91 -14.24
C ALA I 91 -8.83 28.03 -13.00
N VAL I 92 -7.67 27.38 -12.81
CA VAL I 92 -7.40 26.57 -11.64
C VAL I 92 -6.17 27.12 -10.92
N GLY I 93 -6.17 27.03 -9.58
CA GLY I 93 -4.99 27.20 -8.75
C GLY I 93 -4.40 25.85 -8.43
N ASN I 94 -3.27 25.55 -9.08
CA ASN I 94 -2.58 24.28 -8.95
C ASN I 94 -1.56 24.34 -7.82
N HIS I 95 -1.87 23.69 -6.69
CA HIS I 95 -1.04 23.81 -5.51
C HIS I 95 0.26 23.04 -5.65
N ASN I 96 0.32 22.07 -6.57
CA ASN I 96 1.54 21.35 -6.84
C ASN I 96 2.58 22.20 -7.59
N THR I 97 2.15 23.15 -8.44
CA THR I 97 3.10 23.96 -9.22
C THR I 97 3.23 25.40 -8.74
N GLY I 98 2.13 25.97 -8.25
CA GLY I 98 2.16 27.19 -7.49
C GLY I 98 2.16 28.44 -8.35
N ASN I 99 2.01 28.27 -9.66
CA ASN I 99 2.25 29.40 -10.55
C ASN I 99 0.98 30.21 -10.70
N MET I 100 0.55 30.84 -9.62
CA MET I 100 -0.64 31.67 -9.60
C MET I 100 -1.80 30.88 -10.25
N LEU I 101 -2.63 31.51 -11.10
CA LEU I 101 -3.77 30.84 -11.72
C LEU I 101 -3.39 30.38 -13.11
N THR I 102 -3.79 29.15 -13.46
CA THR I 102 -3.58 28.58 -14.77
C THR I 102 -4.90 28.64 -15.53
N PHE I 103 -4.89 29.14 -16.77
CA PHE I 103 -6.11 29.42 -17.52
C PHE I 103 -6.27 28.43 -18.64
N GLY I 104 -7.53 28.03 -18.90
CA GLY I 104 -7.90 27.35 -20.13
C GLY I 104 -8.00 28.37 -21.27
N GLY I 105 -8.24 27.87 -22.49
CA GLY I 105 -8.25 28.67 -23.72
C GLY I 105 -9.54 29.46 -23.93
N GLY I 106 -10.53 29.24 -23.06
CA GLY I 106 -11.80 29.93 -23.13
C GLY I 106 -12.79 29.23 -24.07
N THR I 107 -14.07 29.49 -23.78
CA THR I 107 -15.20 29.14 -24.63
C THR I 107 -16.03 30.40 -24.87
N ARG I 108 -16.28 30.69 -26.16
CA ARG I 108 -17.15 31.79 -26.53
C ARG I 108 -18.62 31.36 -26.62
N LEU I 109 -19.48 32.19 -26.05
CA LEU I 109 -20.89 31.90 -25.93
C LEU I 109 -21.63 33.00 -26.65
N MET I 110 -22.48 32.61 -27.63
CA MET I 110 -23.32 33.54 -28.37
C MET I 110 -24.78 33.32 -27.98
N VAL I 111 -25.38 34.30 -27.30
CA VAL I 111 -26.77 34.23 -26.89
C VAL I 111 -27.64 34.79 -28.00
N LYS I 112 -28.41 33.96 -28.69
CA LYS I 112 -29.10 34.34 -29.92
C LYS I 112 -30.54 34.74 -29.59
N PRO I 113 -30.99 35.96 -29.98
CA PRO I 113 -32.37 36.40 -29.69
C PRO I 113 -33.37 35.89 -30.75
N HIS I 114 -34.66 35.84 -30.39
CA HIS I 114 -35.66 35.35 -31.30
C HIS I 114 -36.06 36.50 -32.19
N ILE I 115 -35.68 36.40 -33.45
CA ILE I 115 -36.09 37.36 -34.45
C ILE I 115 -37.56 37.11 -34.74
N GLN I 116 -38.42 38.04 -34.30
CA GLN I 116 -39.87 37.94 -34.39
C GLN I 116 -40.34 37.73 -35.84
N ASN I 117 -39.87 38.60 -36.77
CA ASN I 117 -40.43 38.65 -38.11
C ASN I 117 -39.33 38.62 -39.16
N PRO I 118 -38.70 37.44 -39.38
CA PRO I 118 -37.66 37.30 -40.40
C PRO I 118 -38.09 37.80 -41.80
N ASP I 119 -37.35 38.81 -42.31
CA ASP I 119 -37.60 39.48 -43.58
C ASP I 119 -36.26 39.69 -44.30
N PRO I 120 -35.58 38.58 -44.69
CA PRO I 120 -34.24 38.67 -45.29
C PRO I 120 -34.25 39.59 -46.52
N ALA I 121 -33.50 40.69 -46.43
CA ALA I 121 -33.47 41.74 -47.44
C ALA I 121 -32.04 42.24 -47.61
N VAL I 122 -31.51 42.14 -48.85
CA VAL I 122 -30.27 42.80 -49.23
C VAL I 122 -30.59 44.21 -49.70
N TYR I 123 -30.02 45.19 -49.00
CA TYR I 123 -30.06 46.57 -49.44
C TYR I 123 -28.69 46.97 -49.96
N GLN I 124 -28.57 48.23 -50.37
CA GLN I 124 -27.37 48.76 -50.97
C GLN I 124 -27.30 50.23 -50.55
N LEU I 125 -26.05 50.69 -50.35
CA LEU I 125 -25.76 52.01 -49.81
C LEU I 125 -24.51 52.56 -50.51
N ARG I 126 -24.67 53.74 -51.10
CA ARG I 126 -23.58 54.37 -51.83
C ARG I 126 -22.89 55.31 -50.84
N ASP I 127 -21.58 55.49 -51.06
CA ASP I 127 -20.73 56.39 -50.29
C ASP I 127 -21.40 57.77 -50.13
N SER I 128 -21.42 58.32 -48.91
CA SER I 128 -21.94 59.65 -48.64
C SER I 128 -21.04 60.78 -49.19
N LYS I 129 -19.88 60.44 -49.79
CA LYS I 129 -19.03 61.39 -50.52
C LYS I 129 -18.58 60.79 -51.85
N SER I 130 -19.46 60.82 -52.88
CA SER I 130 -19.25 60.14 -54.17
C SER I 130 -19.10 58.63 -53.96
N CYS I 136 -23.13 47.29 -49.57
CA CYS I 136 -24.02 46.10 -49.45
C CYS I 136 -24.33 45.75 -47.99
N LEU I 137 -25.62 45.56 -47.65
CA LEU I 137 -26.09 45.21 -46.31
C LEU I 137 -27.12 44.08 -46.37
N PHE I 138 -26.80 42.92 -45.78
CA PHE I 138 -27.77 41.84 -45.50
C PHE I 138 -28.41 42.07 -44.13
N THR I 139 -29.72 42.29 -44.02
CA THR I 139 -30.32 42.66 -42.73
C THR I 139 -31.65 41.94 -42.52
N ASP I 140 -32.09 41.89 -41.26
CA ASP I 140 -33.39 41.36 -40.86
C ASP I 140 -33.54 39.85 -41.06
N PHE I 141 -32.46 39.09 -41.27
CA PHE I 141 -32.57 37.62 -41.29
C PHE I 141 -32.74 37.12 -39.86
N ASP I 142 -33.04 35.81 -39.74
CA ASP I 142 -33.32 35.19 -38.44
C ASP I 142 -32.00 34.73 -37.86
N SER I 143 -32.00 34.45 -36.56
CA SER I 143 -30.78 34.17 -35.81
C SER I 143 -30.16 32.82 -36.20
N GLN I 144 -30.72 32.14 -37.22
CA GLN I 144 -30.17 30.87 -37.67
C GLN I 144 -29.53 31.01 -39.04
N THR I 145 -29.70 32.15 -39.73
CA THR I 145 -29.04 32.35 -41.01
C THR I 145 -27.55 32.48 -40.76
N ASN I 146 -26.73 31.78 -41.56
CA ASN I 146 -25.27 31.84 -41.47
C ASN I 146 -24.70 32.59 -42.68
N VAL I 147 -24.00 33.70 -42.45
CA VAL I 147 -23.37 34.46 -43.53
C VAL I 147 -22.07 33.76 -43.96
N SER I 148 -21.80 33.78 -45.28
CA SER I 148 -20.66 33.07 -45.85
C SER I 148 -19.59 34.05 -46.30
N GLN I 149 -18.41 33.50 -46.64
CA GLN I 149 -17.24 34.27 -47.01
C GLN I 149 -17.06 34.21 -48.52
N ASP I 152 -14.29 35.96 -52.55
CA ASP I 152 -13.27 36.50 -53.50
C ASP I 152 -12.25 37.33 -52.72
N SER I 153 -11.05 37.50 -53.29
CA SER I 153 -9.97 38.28 -52.67
C SER I 153 -10.44 39.70 -52.35
N ASP I 154 -11.16 40.32 -53.31
CA ASP I 154 -11.54 41.73 -53.23
C ASP I 154 -13.03 41.88 -52.93
N VAL I 155 -13.72 40.77 -52.64
CA VAL I 155 -15.04 40.78 -52.03
C VAL I 155 -14.87 40.64 -50.51
N TYR I 156 -15.14 41.73 -49.77
CA TYR I 156 -15.01 41.74 -48.31
C TYR I 156 -16.38 41.65 -47.63
N ILE I 157 -16.60 40.54 -46.90
CA ILE I 157 -17.86 40.27 -46.23
C ILE I 157 -17.62 40.15 -44.72
N THR I 158 -18.19 41.06 -43.91
CA THR I 158 -18.07 40.95 -42.46
C THR I 158 -18.98 39.86 -41.91
N ASP I 159 -18.68 39.47 -40.67
CA ASP I 159 -19.51 38.60 -39.88
C ASP I 159 -20.78 39.35 -39.45
N LYS I 160 -21.76 38.62 -38.89
CA LYS I 160 -23.05 39.19 -38.53
C LYS I 160 -22.98 39.71 -37.12
N CYS I 161 -23.75 40.75 -36.79
CA CYS I 161 -23.90 41.20 -35.43
C CYS I 161 -25.32 41.75 -35.25
N VAL I 162 -25.77 41.88 -34.01
CA VAL I 162 -27.17 42.18 -33.71
C VAL I 162 -27.28 43.49 -32.93
N LEU I 163 -28.22 44.34 -33.35
CA LEU I 163 -28.46 45.63 -32.71
C LEU I 163 -29.80 45.60 -31.99
N ASP I 164 -29.97 46.55 -31.07
CA ASP I 164 -31.18 46.66 -30.27
C ASP I 164 -31.66 48.11 -30.28
N MET I 165 -32.73 48.37 -31.04
CA MET I 165 -33.49 49.60 -30.94
C MET I 165 -34.33 49.56 -29.67
N ARG I 166 -33.80 50.13 -28.57
CA ARG I 166 -34.35 49.97 -27.23
C ARG I 166 -35.80 50.45 -27.16
N SER I 167 -36.07 51.71 -27.54
CA SER I 167 -37.38 52.32 -27.35
C SER I 167 -38.46 51.67 -28.24
N MET I 168 -38.07 51.02 -29.34
CA MET I 168 -39.01 50.29 -30.20
C MET I 168 -39.20 48.86 -29.69
N ASP I 169 -38.30 48.36 -28.83
CA ASP I 169 -38.14 46.95 -28.50
C ASP I 169 -38.00 46.10 -29.76
N PHE I 170 -36.88 46.27 -30.49
CA PHE I 170 -36.68 45.64 -31.78
C PHE I 170 -35.19 45.30 -31.95
N LYS I 171 -34.89 44.06 -32.38
CA LYS I 171 -33.53 43.56 -32.58
C LYS I 171 -33.42 43.07 -34.02
N SER I 172 -32.41 43.50 -34.75
CA SER I 172 -32.13 42.92 -36.07
C SER I 172 -30.72 42.36 -36.10
N ASN I 173 -30.53 41.26 -36.84
CA ASN I 173 -29.23 40.85 -37.33
C ASN I 173 -28.89 41.72 -38.54
N SER I 174 -27.64 41.59 -39.04
CA SER I 174 -27.07 42.50 -40.05
C SER I 174 -25.63 42.07 -40.33
N ALA I 175 -25.23 42.02 -41.60
CA ALA I 175 -23.86 41.69 -42.01
C ALA I 175 -23.52 42.49 -43.27
N VAL I 176 -22.35 43.17 -43.29
CA VAL I 176 -22.04 44.08 -44.38
C VAL I 176 -20.96 43.46 -45.29
N ALA I 177 -20.92 43.99 -46.52
CA ALA I 177 -19.93 43.62 -47.52
C ALA I 177 -19.70 44.80 -48.48
N TRP I 178 -18.50 44.79 -49.10
CA TRP I 178 -18.08 45.86 -50.00
C TRP I 178 -16.99 45.33 -50.94
N SER I 179 -16.78 46.11 -52.00
CA SER I 179 -15.72 45.89 -52.99
C SER I 179 -15.77 47.04 -54.00
N ASN I 180 -14.72 47.88 -54.05
CA ASN I 180 -14.45 48.77 -55.17
C ASN I 180 -13.53 48.00 -56.12
N LYS I 181 -14.15 47.17 -56.96
CA LYS I 181 -13.45 46.25 -57.85
C LYS I 181 -12.81 47.04 -59.00
N ALA I 185 -20.94 44.22 -58.00
CA ALA I 185 -22.42 44.25 -57.94
C ALA I 185 -22.96 43.51 -56.70
N CYS I 186 -24.05 44.04 -56.14
CA CYS I 186 -24.44 43.85 -54.75
C CYS I 186 -25.38 42.65 -54.55
N ALA I 187 -26.44 42.63 -55.36
CA ALA I 187 -27.66 41.84 -55.16
C ALA I 187 -27.38 40.39 -54.77
N ASN I 188 -26.26 39.77 -55.21
CA ASN I 188 -25.97 38.38 -54.87
C ASN I 188 -24.60 38.24 -54.21
N ALA I 189 -24.19 39.25 -53.43
CA ALA I 189 -22.94 39.21 -52.67
C ALA I 189 -22.90 38.02 -51.71
N PHE I 190 -24.06 37.59 -51.20
CA PHE I 190 -24.14 36.68 -50.07
C PHE I 190 -24.58 35.28 -50.53
N ASN I 191 -23.66 34.55 -51.19
CA ASN I 191 -23.94 33.24 -51.76
C ASN I 191 -22.85 32.25 -51.34
N GLY J 4 -9.66 48.48 -8.62
CA GLY J 4 -8.46 49.16 -8.10
C GLY J 4 -7.14 48.54 -8.58
N VAL J 5 -7.10 48.05 -9.82
CA VAL J 5 -5.84 47.78 -10.51
C VAL J 5 -5.72 48.72 -11.71
N THR J 6 -4.71 49.60 -11.66
CA THR J 6 -4.50 50.60 -12.68
C THR J 6 -3.31 50.19 -13.54
N GLN J 7 -3.63 49.79 -14.75
CA GLN J 7 -2.67 49.36 -15.74
C GLN J 7 -2.61 50.41 -16.84
N THR J 8 -1.40 50.73 -17.34
CA THR J 8 -1.26 51.70 -18.42
C THR J 8 -0.07 51.32 -19.30
N PRO J 9 -0.10 51.64 -20.61
CA PRO J 9 -1.25 52.25 -21.27
C PRO J 9 -2.22 51.24 -21.89
N LYS J 10 -3.36 51.74 -22.36
CA LYS J 10 -4.35 50.88 -22.99
C LYS J 10 -3.83 50.38 -24.32
N PHE J 11 -3.16 51.24 -25.11
CA PHE J 11 -2.62 50.84 -26.40
C PHE J 11 -1.15 51.19 -26.55
N GLN J 12 -0.44 50.45 -27.44
CA GLN J 12 0.95 50.74 -27.69
C GLN J 12 1.42 50.09 -28.98
N VAL J 13 2.03 50.89 -29.87
CA VAL J 13 2.76 50.35 -31.01
C VAL J 13 4.24 50.55 -30.73
N LEU J 14 5.09 49.64 -31.25
CA LEU J 14 6.54 49.63 -31.03
C LEU J 14 7.24 49.12 -32.26
N LYS J 15 8.47 49.62 -32.51
CA LYS J 15 9.28 49.12 -33.59
C LYS J 15 10.10 47.96 -33.04
N THR J 16 10.35 46.92 -33.84
CA THR J 16 11.25 45.85 -33.44
C THR J 16 12.48 46.48 -32.80
N GLY J 17 12.93 45.94 -31.67
CA GLY J 17 14.13 46.44 -31.02
C GLY J 17 13.85 47.50 -29.96
N GLN J 18 12.74 48.25 -30.07
CA GLN J 18 12.39 49.21 -29.03
C GLN J 18 12.11 48.52 -27.70
N SER J 19 12.21 49.31 -26.64
CA SER J 19 11.91 48.84 -25.31
C SER J 19 10.74 49.67 -24.80
N MET J 20 10.13 49.15 -23.72
CA MET J 20 8.80 49.53 -23.33
C MET J 20 8.55 48.98 -21.94
N THR J 21 8.04 49.86 -21.07
CA THR J 21 7.60 49.48 -19.75
C THR J 21 6.08 49.69 -19.63
N LEU J 22 5.35 48.60 -19.35
CA LEU J 22 3.94 48.65 -18.97
C LEU J 22 3.91 48.87 -17.47
N GLN J 23 3.02 49.75 -17.03
CA GLN J 23 2.85 50.07 -15.62
C GLN J 23 1.66 49.31 -15.04
N CYS J 24 1.79 48.94 -13.76
CA CYS J 24 0.68 48.40 -13.02
C CYS J 24 0.73 48.73 -11.54
N ALA J 25 -0.37 49.32 -11.07
CA ALA J 25 -0.53 49.69 -9.67
C ALA J 25 -1.82 49.11 -9.10
N GLN J 26 -1.80 48.79 -7.81
CA GLN J 26 -2.94 48.33 -7.06
C GLN J 26 -3.07 49.06 -5.73
N ASP J 27 -4.32 49.34 -5.33
CA ASP J 27 -4.62 50.07 -4.10
C ASP J 27 -4.98 49.15 -2.94
N MET J 28 -4.92 47.82 -3.12
CA MET J 28 -5.58 46.90 -2.18
C MET J 28 -4.58 46.37 -1.17
N ASN J 29 -3.33 46.76 -1.37
CA ASN J 29 -2.24 46.34 -0.53
C ASN J 29 -2.20 44.82 -0.44
N TYR J 30 -2.25 44.13 -1.58
CA TYR J 30 -2.08 42.69 -1.59
C TYR J 30 -0.65 42.37 -1.95
N GLU J 31 -0.19 41.22 -1.48
CA GLU J 31 1.17 40.76 -1.67
C GLU J 31 1.47 40.33 -3.11
N TYR J 32 0.52 39.66 -3.74
CA TYR J 32 0.78 38.98 -5.00
C TYR J 32 0.38 39.84 -6.18
N MET J 33 1.22 39.84 -7.22
CA MET J 33 0.97 40.55 -8.45
C MET J 33 1.57 39.70 -9.56
N SER J 34 1.00 39.81 -10.79
CA SER J 34 1.28 38.91 -11.89
C SER J 34 1.16 39.66 -13.21
N TRP J 35 1.74 39.09 -14.25
CA TRP J 35 1.58 39.57 -15.61
C TRP J 35 1.23 38.37 -16.44
N TYR J 36 0.11 38.49 -17.18
CA TYR J 36 -0.29 37.48 -18.14
C TYR J 36 -0.39 38.12 -19.52
N ARG J 37 -0.21 37.29 -20.55
CA ARG J 37 -0.53 37.69 -21.91
C ARG J 37 -1.58 36.77 -22.54
N GLN J 38 -2.25 37.30 -23.55
CA GLN J 38 -3.35 36.59 -24.17
C GLN J 38 -3.30 36.86 -25.66
N ASP J 39 -3.09 35.79 -26.43
CA ASP J 39 -3.07 35.85 -27.87
C ASP J 39 -4.42 35.43 -28.44
N PRO J 40 -4.74 35.82 -29.70
CA PRO J 40 -5.97 35.38 -30.37
C PRO J 40 -6.27 33.90 -30.14
N GLY J 41 -5.25 33.06 -30.42
CA GLY J 41 -5.43 31.62 -30.44
C GLY J 41 -5.19 30.92 -29.11
N MET J 42 -5.19 31.64 -27.97
CA MET J 42 -4.93 31.00 -26.68
C MET J 42 -5.77 31.68 -25.61
N GLY J 43 -5.65 31.17 -24.37
CA GLY J 43 -6.10 31.87 -23.18
C GLY J 43 -4.95 32.68 -22.60
N LEU J 44 -5.08 33.01 -21.31
CA LEU J 44 -4.04 33.77 -20.63
C LEU J 44 -2.88 32.87 -20.28
N ARG J 45 -1.65 33.30 -20.57
CA ARG J 45 -0.44 32.62 -20.10
C ARG J 45 0.38 33.55 -19.21
N LEU J 46 0.84 33.02 -18.06
CA LEU J 46 1.60 33.76 -17.05
C LEU J 46 3.00 34.08 -17.54
N ILE J 47 3.37 35.36 -17.53
CA ILE J 47 4.72 35.79 -17.91
C ILE J 47 5.65 35.72 -16.69
N HIS J 48 5.34 36.53 -15.67
CA HIS J 48 6.09 36.64 -14.43
C HIS J 48 5.09 36.93 -13.29
N TYR J 49 5.51 36.69 -12.04
CA TYR J 49 4.74 37.16 -10.90
C TYR J 49 5.64 37.53 -9.74
N SER J 50 5.02 38.19 -8.75
CA SER J 50 5.72 38.59 -7.55
C SER J 50 4.88 38.25 -6.31
N VAL J 51 5.50 37.47 -5.43
CA VAL J 51 4.93 37.00 -4.18
C VAL J 51 4.90 38.12 -3.15
N SER J 52 5.86 39.08 -3.19
CA SER J 52 5.79 40.30 -2.39
C SER J 52 6.88 41.30 -2.79
N ALA J 53 6.83 42.51 -2.19
CA ALA J 53 7.85 43.54 -2.42
C ALA J 53 9.24 42.94 -2.28
N GLY J 54 10.07 43.03 -3.33
CA GLY J 54 11.43 42.56 -3.32
C GLY J 54 11.60 41.16 -3.89
N LEU J 55 10.50 40.48 -4.28
CA LEU J 55 10.61 39.12 -4.81
C LEU J 55 9.90 39.00 -6.16
N THR J 56 10.48 38.17 -7.06
CA THR J 56 9.86 37.82 -8.33
C THR J 56 10.15 36.36 -8.68
N ASP J 57 9.36 35.87 -9.66
CA ASP J 57 9.35 34.48 -10.07
C ASP J 57 8.90 34.40 -11.53
N GLN J 58 9.55 33.51 -12.26
CA GLN J 58 9.21 33.30 -13.65
C GLN J 58 7.87 32.60 -13.72
N GLY J 59 7.22 32.73 -14.88
CA GLY J 59 5.97 32.05 -15.16
C GLY J 59 6.18 31.12 -16.34
N GLU J 60 5.11 30.77 -17.03
CA GLU J 60 5.19 29.86 -18.15
C GLU J 60 6.04 30.47 -19.27
N VAL J 61 5.94 31.78 -19.53
CA VAL J 61 6.55 32.38 -20.71
C VAL J 61 7.33 33.65 -20.31
N PRO J 62 8.47 33.47 -19.61
CA PRO J 62 9.23 34.61 -19.09
C PRO J 62 10.09 35.32 -20.14
N ASN J 63 10.42 34.62 -21.24
CA ASN J 63 11.50 35.08 -22.11
C ASN J 63 11.11 36.33 -22.88
N GLY J 64 11.97 37.35 -22.81
CA GLY J 64 11.82 38.63 -23.50
C GLY J 64 11.35 39.74 -22.57
N TYR J 65 11.12 39.40 -21.31
CA TYR J 65 10.37 40.23 -20.38
C TYR J 65 11.11 40.27 -19.05
N ASN J 66 11.16 41.46 -18.44
CA ASN J 66 11.70 41.62 -17.10
C ASN J 66 10.66 42.30 -16.25
N VAL J 67 10.71 42.05 -14.95
CA VAL J 67 9.77 42.66 -14.01
C VAL J 67 10.56 43.10 -12.80
N SER J 68 10.04 44.06 -12.03
CA SER J 68 10.64 44.31 -10.73
C SER J 68 9.53 44.72 -9.78
N ARG J 69 9.76 44.53 -8.49
CA ARG J 69 8.78 44.81 -7.47
C ARG J 69 9.48 45.51 -6.29
N SER J 70 9.71 46.81 -6.42
CA SER J 70 10.30 47.59 -5.34
C SER J 70 9.27 47.83 -4.24
N THR J 71 8.02 48.09 -4.64
CA THR J 71 6.97 48.43 -3.70
C THR J 71 5.87 47.38 -3.72
N THR J 72 5.03 47.37 -2.69
CA THR J 72 3.86 46.53 -2.75
C THR J 72 2.97 46.96 -3.92
N GLU J 73 2.88 48.27 -4.12
CA GLU J 73 1.82 48.87 -4.90
C GLU J 73 1.98 48.58 -6.40
N ASP J 74 3.22 48.37 -6.89
CA ASP J 74 3.52 48.52 -8.31
C ASP J 74 4.32 47.34 -8.79
N PHE J 75 4.17 47.00 -10.07
CA PHE J 75 4.77 45.80 -10.63
C PHE J 75 4.89 46.01 -12.13
N PRO J 76 5.91 46.75 -12.57
CA PRO J 76 6.07 47.07 -13.98
C PRO J 76 6.63 45.90 -14.77
N LEU J 77 6.22 45.84 -16.03
CA LEU J 77 6.70 44.84 -16.96
C LEU J 77 7.48 45.61 -18.01
N ARG J 78 8.58 44.99 -18.43
CA ARG J 78 9.62 45.63 -19.22
C ARG J 78 9.93 44.69 -20.38
N LEU J 79 9.60 45.17 -21.59
CA LEU J 79 10.06 44.54 -22.82
C LEU J 79 11.40 45.17 -23.14
N LEU J 80 12.44 44.32 -23.24
CA LEU J 80 13.80 44.80 -23.46
C LEU J 80 13.99 45.19 -24.92
N SER J 81 13.76 44.22 -25.79
CA SER J 81 14.03 44.34 -27.21
C SER J 81 12.82 43.72 -27.96
N ALA J 82 11.84 44.59 -28.27
CA ALA J 82 10.57 44.15 -28.81
C ALA J 82 10.77 43.24 -30.02
N ALA J 83 9.99 42.14 -30.06
CA ALA J 83 9.90 41.30 -31.26
C ALA J 83 8.43 41.07 -31.60
N PRO J 84 8.11 40.83 -32.89
CA PRO J 84 6.74 40.55 -33.32
C PRO J 84 6.00 39.53 -32.46
N SER J 85 6.69 38.49 -32.01
CA SER J 85 6.09 37.47 -31.17
C SER J 85 5.48 38.09 -29.93
N GLN J 86 5.92 39.29 -29.51
CA GLN J 86 5.43 39.90 -28.29
C GLN J 86 4.19 40.80 -28.55
N THR J 87 3.68 40.78 -29.78
CA THR J 87 2.37 41.34 -30.07
C THR J 87 1.32 40.51 -29.36
N SER J 88 0.43 41.13 -28.56
CA SER J 88 -0.46 40.41 -27.66
C SER J 88 -1.23 41.42 -26.82
N VAL J 89 -2.14 40.94 -25.97
CA VAL J 89 -2.75 41.76 -24.95
C VAL J 89 -2.19 41.31 -23.60
N TYR J 90 -1.75 42.28 -22.82
CA TYR J 90 -1.10 42.00 -21.55
C TYR J 90 -2.05 42.46 -20.44
N PHE J 91 -2.19 41.62 -19.43
CA PHE J 91 -3.02 41.93 -18.29
C PHE J 91 -2.19 41.72 -17.03
N CYS J 92 -2.24 42.74 -16.20
CA CYS J 92 -1.66 42.77 -14.87
C CYS J 92 -2.70 42.21 -13.91
N ALA J 93 -2.31 41.58 -12.80
CA ALA J 93 -3.30 41.37 -11.75
C ALA J 93 -2.68 41.39 -10.36
N SER J 94 -3.56 41.48 -9.36
CA SER J 94 -3.27 41.45 -7.94
C SER J 94 -4.07 40.30 -7.30
N HIS J 95 -3.47 39.61 -6.31
CA HIS J 95 -4.11 38.50 -5.63
C HIS J 95 -3.83 38.58 -4.14
N ARG J 96 -4.81 38.22 -3.29
CA ARG J 96 -4.64 38.11 -1.84
C ARG J 96 -3.80 36.92 -1.44
N ASN J 97 -3.97 35.79 -2.12
CA ASN J 97 -3.20 34.59 -1.88
C ASN J 97 -2.63 34.11 -3.20
N ARG J 98 -1.64 33.23 -3.14
CA ARG J 98 -1.07 32.64 -4.34
C ARG J 98 -2.18 32.07 -5.25
N LEU J 99 -3.17 31.39 -4.66
CA LEU J 99 -4.10 30.56 -5.40
C LEU J 99 -5.57 31.02 -5.25
N THR J 100 -5.79 32.28 -4.86
CA THR J 100 -7.16 32.80 -4.83
C THR J 100 -7.42 33.68 -6.04
N GLU J 101 -8.46 34.52 -5.96
CA GLU J 101 -8.99 35.32 -7.07
C GLU J 101 -7.90 36.26 -7.59
N ALA J 102 -7.71 36.25 -8.91
CA ALA J 102 -6.93 37.28 -9.57
C ALA J 102 -7.83 38.45 -9.95
N PHE J 103 -7.44 39.66 -9.53
CA PHE J 103 -8.09 40.88 -9.95
C PHE J 103 -7.25 41.57 -11.01
N PHE J 104 -7.78 41.60 -12.24
CA PHE J 104 -7.03 42.05 -13.40
C PHE J 104 -7.21 43.54 -13.66
N GLY J 105 -6.18 44.14 -14.28
CA GLY J 105 -6.29 45.47 -14.85
C GLY J 105 -7.00 45.48 -16.20
N GLN J 106 -7.10 46.68 -16.80
CA GLN J 106 -7.94 46.92 -17.95
C GLN J 106 -7.25 46.39 -19.19
N GLY J 107 -5.93 46.22 -19.11
CA GLY J 107 -5.21 45.52 -20.16
C GLY J 107 -4.44 46.50 -21.05
N THR J 108 -3.46 45.95 -21.78
CA THR J 108 -2.62 46.71 -22.67
C THR J 108 -2.52 45.94 -23.98
N ARG J 109 -3.03 46.52 -25.06
CA ARG J 109 -2.96 45.96 -26.39
C ARG J 109 -1.71 46.50 -27.06
N LEU J 110 -0.78 45.60 -27.40
CA LEU J 110 0.55 45.99 -27.87
C LEU J 110 0.85 45.31 -29.20
N THR J 111 1.19 46.11 -30.22
CA THR J 111 1.62 45.60 -31.51
C THR J 111 3.05 46.06 -31.80
N VAL J 112 3.90 45.15 -32.29
CA VAL J 112 5.26 45.49 -32.64
C VAL J 112 5.45 45.22 -34.13
N VAL J 113 6.00 46.23 -34.83
CA VAL J 113 6.06 46.26 -36.28
C VAL J 113 7.54 46.31 -36.67
N GLU J 114 7.84 45.63 -37.80
CA GLU J 114 9.16 45.63 -38.42
C GLU J 114 9.65 47.06 -38.72
N ASP J 115 8.72 47.97 -39.05
CA ASP J 115 9.05 49.30 -39.53
C ASP J 115 7.83 50.18 -39.36
N LEU J 116 7.99 51.38 -38.77
CA LEU J 116 6.84 52.23 -38.51
C LEU J 116 6.25 52.77 -39.81
N LYS J 117 6.83 52.43 -40.97
CA LYS J 117 6.25 52.80 -42.25
C LYS J 117 4.90 52.11 -42.44
N ASN J 118 4.66 51.00 -41.72
CA ASN J 118 3.48 50.19 -41.93
C ASN J 118 2.29 50.67 -41.12
N VAL J 119 2.44 51.78 -40.38
CA VAL J 119 1.40 52.29 -39.52
C VAL J 119 0.60 53.35 -40.28
N PHE J 120 -0.71 53.12 -40.47
CA PHE J 120 -1.58 54.10 -41.11
C PHE J 120 -2.81 54.37 -40.24
N PRO J 121 -3.38 55.60 -40.22
CA PRO J 121 -4.62 55.86 -39.48
C PRO J 121 -5.78 55.29 -40.31
N PRO J 122 -7.03 55.36 -39.81
CA PRO J 122 -8.19 54.89 -40.57
C PRO J 122 -8.80 55.98 -41.44
N GLU J 123 -9.22 55.56 -42.65
CA GLU J 123 -10.12 56.35 -43.47
C GLU J 123 -11.55 55.93 -43.13
N VAL J 124 -12.40 56.93 -42.85
CA VAL J 124 -13.72 56.72 -42.29
C VAL J 124 -14.76 57.31 -43.24
N ALA J 125 -15.68 56.47 -43.74
CA ALA J 125 -16.78 56.93 -44.57
C ALA J 125 -18.12 56.49 -43.97
N VAL J 126 -19.11 57.39 -43.92
CA VAL J 126 -20.49 57.03 -43.56
C VAL J 126 -21.31 56.72 -44.83
N PHE J 127 -22.04 55.61 -44.79
CA PHE J 127 -22.90 55.19 -45.89
C PHE J 127 -24.37 55.38 -45.50
N GLU J 128 -25.16 55.60 -46.55
CA GLU J 128 -26.51 56.15 -46.41
C GLU J 128 -27.52 55.04 -46.56
N PRO J 129 -28.62 55.01 -45.74
CA PRO J 129 -29.70 54.00 -45.85
C PRO J 129 -30.32 53.75 -47.23
N SER J 130 -30.48 52.46 -47.60
CA SER J 130 -31.12 52.11 -48.86
C SER J 130 -32.53 52.66 -48.77
N GLU J 131 -33.01 53.33 -49.81
CA GLU J 131 -34.39 53.81 -49.80
C GLU J 131 -35.33 52.61 -49.67
N ALA J 132 -34.96 51.47 -50.32
CA ALA J 132 -35.72 50.24 -50.26
C ALA J 132 -36.06 49.95 -48.79
N GLU J 133 -35.02 49.67 -47.99
CA GLU J 133 -35.13 49.47 -46.57
C GLU J 133 -36.10 50.48 -45.93
N ILE J 134 -36.07 51.76 -46.34
CA ILE J 134 -36.72 52.82 -45.57
C ILE J 134 -38.23 52.65 -45.51
N SER J 135 -38.86 52.26 -46.63
CA SER J 135 -40.32 52.06 -46.65
C SER J 135 -40.73 50.59 -46.63
N HIS J 136 -39.81 49.62 -46.93
CA HIS J 136 -40.09 48.19 -46.72
C HIS J 136 -40.15 47.87 -45.23
N THR J 137 -39.61 48.77 -44.38
CA THR J 137 -39.37 48.51 -42.97
C THR J 137 -39.67 49.71 -42.05
N GLN J 138 -39.67 50.95 -42.57
CA GLN J 138 -39.78 52.14 -41.72
C GLN J 138 -38.58 52.26 -40.78
N LYS J 139 -37.41 51.74 -41.21
CA LYS J 139 -36.19 51.71 -40.40
C LYS J 139 -35.00 51.97 -41.31
N ALA J 140 -34.06 52.81 -40.84
CA ALA J 140 -32.95 53.30 -41.64
C ALA J 140 -31.62 52.93 -40.99
N THR J 141 -30.85 52.02 -41.64
CA THR J 141 -29.53 51.60 -41.17
C THR J 141 -28.45 52.43 -41.85
N LEU J 142 -27.81 53.30 -41.06
CA LEU J 142 -26.58 53.97 -41.46
C LEU J 142 -25.48 52.94 -41.28
N VAL J 143 -24.47 52.96 -42.15
CA VAL J 143 -23.29 52.10 -42.01
C VAL J 143 -22.08 53.01 -41.88
N CYS J 144 -21.17 52.67 -40.95
CA CYS J 144 -19.85 53.27 -40.94
C CYS J 144 -18.81 52.26 -41.42
N LEU J 145 -17.85 52.72 -42.22
CA LEU J 145 -16.77 51.87 -42.64
C LEU J 145 -15.47 52.62 -42.37
N ALA J 146 -14.52 51.93 -41.73
CA ALA J 146 -13.19 52.45 -41.43
C ALA J 146 -12.18 51.54 -42.11
N THR J 147 -11.27 52.14 -42.88
CA THR J 147 -10.44 51.43 -43.85
C THR J 147 -8.96 51.70 -43.59
N GLY J 148 -8.13 50.76 -44.02
CA GLY J 148 -6.70 50.96 -44.18
C GLY J 148 -5.97 51.41 -42.92
N PHE J 149 -6.35 50.88 -41.75
CA PHE J 149 -5.65 51.23 -40.52
C PHE J 149 -4.72 50.08 -40.12
N TYR J 150 -3.64 50.51 -39.46
CA TYR J 150 -2.71 49.64 -38.79
C TYR J 150 -1.91 50.45 -37.77
N PRO J 151 -1.66 49.94 -36.54
CA PRO J 151 -2.13 48.62 -36.13
C PRO J 151 -3.62 48.66 -35.80
N ASP J 152 -4.17 47.50 -35.40
CA ASP J 152 -5.58 47.33 -35.16
C ASP J 152 -5.97 47.89 -33.80
N HIS J 153 -5.83 49.21 -33.60
CA HIS J 153 -6.02 49.79 -32.26
C HIS J 153 -7.00 50.96 -32.35
N VAL J 154 -8.30 50.65 -32.28
CA VAL J 154 -9.36 51.53 -32.76
C VAL J 154 -10.56 51.47 -31.81
N GLU J 155 -11.25 52.61 -31.58
CA GLU J 155 -12.52 52.64 -30.85
C GLU J 155 -13.53 53.46 -31.64
N LEU J 156 -14.57 52.78 -32.18
CA LEU J 156 -15.58 53.37 -33.06
C LEU J 156 -16.81 53.70 -32.22
N SER J 157 -17.27 54.95 -32.27
CA SER J 157 -18.49 55.35 -31.57
C SER J 157 -19.45 56.02 -32.56
N TRP J 158 -20.73 56.13 -32.16
CA TRP J 158 -21.73 56.88 -32.91
C TRP J 158 -22.18 58.05 -32.04
N TRP J 159 -22.20 59.24 -32.66
CA TRP J 159 -22.69 60.44 -31.99
C TRP J 159 -23.88 61.01 -32.77
N VAL J 160 -24.99 61.20 -32.05
CA VAL J 160 -26.22 61.75 -32.60
C VAL J 160 -26.31 63.21 -32.18
N ASN J 161 -25.93 64.12 -33.09
CA ASN J 161 -25.81 65.52 -32.74
C ASN J 161 -24.98 65.66 -31.45
N GLY J 162 -23.69 65.30 -31.54
CA GLY J 162 -22.70 65.58 -30.51
C GLY J 162 -23.00 64.95 -29.14
N LYS J 163 -23.82 63.89 -29.12
CA LYS J 163 -24.01 63.07 -27.94
C LYS J 163 -23.85 61.61 -28.36
N GLU J 164 -23.12 60.83 -27.55
CA GLU J 164 -22.82 59.46 -27.91
C GLU J 164 -24.05 58.60 -27.64
N VAL J 165 -24.32 57.65 -28.54
CA VAL J 165 -25.49 56.78 -28.45
C VAL J 165 -25.03 55.33 -28.37
N HIS J 166 -25.88 54.47 -27.79
CA HIS J 166 -25.62 53.04 -27.78
C HIS J 166 -26.76 52.30 -28.47
N SER J 167 -28.01 52.61 -28.07
CA SER J 167 -29.18 52.03 -28.69
C SER J 167 -29.06 52.08 -30.21
N GLY J 168 -29.45 50.98 -30.84
CA GLY J 168 -29.45 50.85 -32.28
C GLY J 168 -28.11 50.49 -32.91
N VAL J 169 -27.06 50.23 -32.11
CA VAL J 169 -25.71 50.17 -32.64
C VAL J 169 -25.16 48.74 -32.61
N CYS J 170 -24.25 48.45 -33.55
CA CYS J 170 -23.68 47.12 -33.70
C CYS J 170 -22.37 47.20 -34.47
N THR J 171 -21.24 47.01 -33.78
CA THR J 171 -19.95 47.10 -34.46
C THR J 171 -19.39 45.69 -34.63
N ASP J 172 -18.77 45.40 -35.77
CA ASP J 172 -17.98 44.19 -35.88
C ASP J 172 -17.14 43.98 -34.62
N PRO J 173 -17.08 42.77 -34.04
CA PRO J 173 -16.23 42.52 -32.87
C PRO J 173 -14.73 42.63 -33.18
N GLN J 174 -14.27 41.90 -34.20
CA GLN J 174 -12.95 42.13 -34.75
C GLN J 174 -13.08 42.77 -36.13
N PRO J 175 -11.99 43.35 -36.67
CA PRO J 175 -11.94 43.80 -38.06
C PRO J 175 -11.39 42.81 -39.10
N LEU J 176 -11.47 43.23 -40.38
CA LEU J 176 -11.09 42.40 -41.52
C LEU J 176 -9.71 42.84 -42.04
N LYS J 177 -8.84 41.85 -42.29
CA LYS J 177 -7.57 42.04 -42.98
C LYS J 177 -7.84 42.29 -44.46
N GLU J 178 -7.49 43.49 -44.95
CA GLU J 178 -7.68 43.83 -46.35
C GLU J 178 -6.90 42.84 -47.22
N GLN J 179 -5.68 42.49 -46.81
CA GLN J 179 -4.89 41.44 -47.43
C GLN J 179 -4.58 40.35 -46.40
N PRO J 180 -5.33 39.22 -46.37
CA PRO J 180 -5.04 38.13 -45.44
C PRO J 180 -3.66 37.48 -45.59
N ALA J 181 -3.05 37.59 -46.78
CA ALA J 181 -1.75 37.01 -47.05
C ALA J 181 -0.67 37.69 -46.19
N LEU J 182 -0.48 39.01 -46.37
CA LEU J 182 0.56 39.76 -45.68
C LEU J 182 0.24 39.86 -44.18
N ASN J 183 1.18 39.42 -43.32
CA ASN J 183 1.05 39.54 -41.87
C ASN J 183 0.82 41.00 -41.48
N ASP J 184 1.47 41.90 -42.23
CA ASP J 184 1.48 43.32 -41.95
C ASP J 184 0.19 44.00 -42.34
N SER J 185 -0.77 43.22 -42.83
CA SER J 185 -2.00 43.69 -43.44
C SER J 185 -2.72 44.74 -42.59
N ARG J 186 -3.28 45.72 -43.30
CA ARG J 186 -4.11 46.78 -42.75
C ARG J 186 -5.54 46.26 -42.70
N TYR J 187 -6.40 47.02 -42.02
CA TYR J 187 -7.60 46.46 -41.43
C TYR J 187 -8.81 47.30 -41.80
N ALA J 188 -10.00 46.68 -41.77
CA ALA J 188 -11.25 47.39 -41.97
C ALA J 188 -12.23 47.01 -40.87
N LEU J 189 -13.09 47.94 -40.46
CA LEU J 189 -14.08 47.67 -39.43
C LEU J 189 -15.41 48.31 -39.82
N SER J 190 -16.51 47.56 -39.68
CA SER J 190 -17.83 48.10 -40.00
C SER J 190 -18.65 48.26 -38.72
N SER J 191 -19.63 49.17 -38.78
CA SER J 191 -20.57 49.38 -37.68
C SER J 191 -21.92 49.87 -38.23
N ARG J 192 -23.01 49.59 -37.51
CA ARG J 192 -24.36 49.94 -37.91
C ARG J 192 -25.03 50.79 -36.84
N LEU J 193 -25.71 51.83 -37.30
CA LEU J 193 -26.68 52.59 -36.51
C LEU J 193 -27.99 52.60 -37.27
N ARG J 194 -29.06 52.27 -36.56
CA ARG J 194 -30.36 52.12 -37.17
C ARG J 194 -31.32 52.94 -36.31
N VAL J 195 -32.15 53.74 -36.98
CA VAL J 195 -33.22 54.40 -36.27
C VAL J 195 -34.38 54.52 -37.24
N SER J 196 -35.55 54.90 -36.69
CA SER J 196 -36.78 55.10 -37.43
C SER J 196 -36.52 55.91 -38.70
N ALA J 197 -37.20 55.52 -39.78
CA ALA J 197 -37.10 56.21 -41.05
C ALA J 197 -37.34 57.72 -40.87
N THR J 198 -38.09 58.10 -39.81
CA THR J 198 -38.38 59.50 -39.48
C THR J 198 -37.08 60.31 -39.29
N PHE J 199 -36.19 59.88 -38.38
CA PHE J 199 -34.96 60.63 -38.11
C PHE J 199 -34.25 60.86 -39.45
N TRP J 200 -33.84 59.78 -40.12
CA TRP J 200 -33.26 59.87 -41.45
C TRP J 200 -34.38 60.22 -42.44
N HIS J 206 -28.05 64.94 -38.22
CA HIS J 206 -26.61 64.89 -37.82
C HIS J 206 -26.25 63.63 -37.02
N PHE J 207 -25.74 62.65 -37.77
CA PHE J 207 -25.11 61.49 -37.21
C PHE J 207 -23.60 61.62 -37.46
N ARG J 208 -22.78 61.20 -36.47
CA ARG J 208 -21.32 61.12 -36.66
C ARG J 208 -20.78 59.76 -36.22
N CYS J 209 -19.97 59.18 -37.12
CA CYS J 209 -19.21 57.96 -36.87
C CYS J 209 -17.76 58.30 -36.54
N GLN J 210 -17.45 58.33 -35.23
CA GLN J 210 -16.14 58.62 -34.67
C GLN J 210 -15.29 57.34 -34.54
N VAL J 211 -14.00 57.43 -34.91
CA VAL J 211 -13.06 56.32 -34.81
C VAL J 211 -11.74 56.81 -34.20
N GLN J 212 -11.59 56.60 -32.88
CA GLN J 212 -10.34 56.86 -32.19
C GLN J 212 -9.28 55.88 -32.66
N PHE J 213 -8.09 56.40 -33.03
CA PHE J 213 -6.97 55.56 -33.46
C PHE J 213 -5.76 55.87 -32.59
N TYR J 214 -4.99 54.81 -32.29
CA TYR J 214 -3.80 54.86 -31.48
C TYR J 214 -2.62 54.45 -32.35
N GLY J 215 -1.73 55.42 -32.53
CA GLY J 215 -0.54 55.24 -33.34
C GLY J 215 0.67 55.76 -32.59
N LEU J 216 1.41 56.65 -33.25
CA LEU J 216 2.69 57.16 -32.76
C LEU J 216 2.43 58.37 -31.87
N SER J 217 3.45 58.74 -31.09
CA SER J 217 3.41 59.92 -30.25
C SER J 217 4.13 61.07 -30.95
N GLU J 218 3.94 62.29 -30.43
CA GLU J 218 4.69 63.46 -30.87
C GLU J 218 6.18 63.18 -30.85
N ASN J 219 6.61 62.50 -29.77
CA ASN J 219 8.00 62.15 -29.52
C ASN J 219 8.60 61.22 -30.59
N ASP J 220 7.76 60.44 -31.32
CA ASP J 220 8.26 59.52 -32.33
C ASP J 220 8.82 60.29 -33.52
N GLU J 221 9.82 59.71 -34.21
CA GLU J 221 10.52 60.42 -35.26
C GLU J 221 10.20 59.78 -36.61
N TRP J 222 9.77 60.62 -37.56
CA TRP J 222 9.10 60.19 -38.78
C TRP J 222 9.59 61.00 -39.99
N THR J 223 10.00 60.29 -41.05
CA THR J 223 10.51 60.93 -42.26
C THR J 223 9.85 60.31 -43.49
N GLN J 224 8.62 60.77 -43.81
CA GLN J 224 7.85 60.27 -44.93
C GLN J 224 6.95 61.36 -45.54
N ASP J 225 6.51 61.15 -46.77
CA ASP J 225 5.66 62.11 -47.45
C ASP J 225 4.22 62.03 -46.93
N ARG J 226 3.83 60.95 -46.25
CA ARG J 226 2.53 60.94 -45.58
C ARG J 226 2.57 61.91 -44.40
N ALA J 227 1.39 62.19 -43.81
CA ALA J 227 1.25 62.86 -42.51
C ALA J 227 1.43 61.87 -41.33
N LYS J 228 1.85 62.37 -40.15
CA LYS J 228 2.41 61.54 -39.07
C LYS J 228 1.36 60.65 -38.42
N PRO J 229 1.43 59.30 -38.52
CA PRO J 229 0.36 58.41 -38.07
C PRO J 229 0.19 58.48 -36.56
N VAL J 230 -0.28 59.62 -36.10
CA VAL J 230 -0.34 59.92 -34.69
C VAL J 230 -1.70 59.46 -34.17
N THR J 231 -1.85 59.42 -32.86
CA THR J 231 -3.14 59.31 -32.21
C THR J 231 -4.02 60.52 -32.52
N GLN J 232 -5.32 60.26 -32.73
CA GLN J 232 -6.24 61.18 -33.39
C GLN J 232 -7.61 60.50 -33.53
N ILE J 233 -8.66 61.31 -33.60
CA ILE J 233 -9.99 60.83 -33.93
C ILE J 233 -10.25 61.11 -35.42
N VAL J 234 -10.84 60.16 -36.14
CA VAL J 234 -11.28 60.35 -37.52
C VAL J 234 -12.78 60.09 -37.60
N SER J 235 -13.54 61.07 -38.13
CA SER J 235 -15.00 61.01 -38.18
C SER J 235 -15.50 60.95 -39.61
N ALA J 236 -16.82 60.79 -39.75
CA ALA J 236 -17.52 60.94 -41.02
C ALA J 236 -19.01 61.13 -40.77
N GLU J 237 -19.66 61.70 -41.81
CA GLU J 237 -21.11 61.85 -41.96
C GLU J 237 -21.39 62.36 -43.38
#